data_2OSQ
#
_entry.id   2OSQ
#
_cell.length_a   1.000
_cell.length_b   1.000
_cell.length_c   1.000
_cell.angle_alpha   90.00
_cell.angle_beta   90.00
_cell.angle_gamma   90.00
#
_symmetry.space_group_name_H-M   'P 1'
#
_entity_poly.entity_id   1
_entity_poly.type   'polypeptide(L)'
_entity_poly.pdbx_seq_one_letter_code
;ELSNTRLFVRPFPLDVQESELNEIFGPFGPMKEVKILNGFAFVEFEEAESAAKAIEEVHGKSFANQPLEVVYSK
;
_entity_poly.pdbx_strand_id   A
#
# COMPACT_ATOMS: atom_id res chain seq x y z
N GLU A 1 -8.86 -13.58 9.38
CA GLU A 1 -9.54 -12.35 9.01
C GLU A 1 -8.76 -11.60 7.94
N LEU A 2 -7.43 -11.63 8.03
CA LEU A 2 -6.58 -10.96 7.07
C LEU A 2 -6.47 -11.77 5.78
N SER A 3 -5.86 -11.17 4.76
CA SER A 3 -5.69 -11.83 3.48
C SER A 3 -4.25 -12.28 3.27
N ASN A 4 -4.00 -12.98 2.17
CA ASN A 4 -2.66 -13.46 1.86
C ASN A 4 -1.89 -12.43 1.06
N THR A 5 -2.58 -11.72 0.17
CA THR A 5 -1.96 -10.69 -0.65
C THR A 5 -2.91 -9.52 -0.88
N ARG A 6 -2.86 -8.54 0.00
CA ARG A 6 -3.71 -7.36 -0.10
C ARG A 6 -3.47 -6.40 1.06
N LEU A 7 -3.02 -5.19 0.74
CA LEU A 7 -2.75 -4.18 1.75
C LEU A 7 -3.56 -2.92 1.50
N PHE A 8 -4.32 -2.50 2.51
CA PHE A 8 -5.15 -1.31 2.40
C PHE A 8 -4.41 -0.08 2.92
N VAL A 9 -4.29 0.93 2.07
CA VAL A 9 -3.59 2.17 2.45
C VAL A 9 -4.59 3.28 2.74
N ARG A 10 -4.11 4.34 3.37
CA ARG A 10 -4.95 5.49 3.71
C ARG A 10 -5.22 6.35 2.47
N PRO A 11 -6.16 7.29 2.61
CA PRO A 11 -6.53 8.20 1.51
C PRO A 11 -5.43 9.20 1.19
N PHE A 12 -4.99 9.20 -0.06
CA PHE A 12 -3.94 10.12 -0.50
C PHE A 12 -4.54 11.38 -1.10
N PRO A 13 -3.73 12.46 -1.11
CA PRO A 13 -4.16 13.75 -1.64
C PRO A 13 -4.31 13.73 -3.16
N LEU A 14 -4.31 14.91 -3.78
CA LEU A 14 -4.45 15.03 -5.22
C LEU A 14 -3.41 14.17 -5.93
N ASP A 15 -2.34 13.82 -5.22
CA ASP A 15 -1.29 13.00 -5.78
C ASP A 15 -1.58 11.51 -5.59
N VAL A 16 -2.86 11.19 -5.43
CA VAL A 16 -3.27 9.81 -5.24
C VAL A 16 -3.28 9.04 -6.56
N GLN A 17 -2.14 8.43 -6.89
CA GLN A 17 -2.01 7.67 -8.12
C GLN A 17 -1.09 6.47 -7.93
N GLU A 18 -1.08 5.58 -8.91
CA GLU A 18 -0.25 4.37 -8.84
C GLU A 18 1.24 4.74 -8.88
N SER A 19 1.53 5.90 -9.46
CA SER A 19 2.92 6.37 -9.56
C SER A 19 3.61 6.33 -8.20
N GLU A 20 2.98 6.95 -7.20
CA GLU A 20 3.54 6.98 -5.86
C GLU A 20 3.51 5.60 -5.22
N LEU A 21 2.44 4.87 -5.46
CA LEU A 21 2.28 3.52 -4.91
C LEU A 21 3.41 2.61 -5.38
N ASN A 22 3.80 2.75 -6.64
CA ASN A 22 4.87 1.94 -7.21
C ASN A 22 6.23 2.42 -6.71
N GLU A 23 6.41 3.73 -6.64
CA GLU A 23 7.66 4.31 -6.17
C GLU A 23 7.84 4.09 -4.67
N ILE A 24 6.74 3.80 -3.99
CA ILE A 24 6.78 3.56 -2.55
C ILE A 24 6.81 2.07 -2.23
N PHE A 25 5.80 1.36 -2.73
CA PHE A 25 5.70 -0.09 -2.50
C PHE A 25 6.60 -0.85 -3.47
N GLY A 26 7.28 -0.12 -4.34
CA GLY A 26 8.16 -0.75 -5.31
C GLY A 26 9.20 -1.64 -4.65
N PRO A 27 10.05 -1.04 -3.80
CA PRO A 27 11.10 -1.78 -3.10
C PRO A 27 10.55 -2.72 -2.03
N PHE A 28 9.72 -3.67 -2.46
CA PHE A 28 9.12 -4.62 -1.54
C PHE A 28 8.90 -5.97 -2.23
N GLY A 29 8.43 -5.91 -3.48
CA GLY A 29 8.18 -7.13 -4.23
C GLY A 29 7.35 -6.89 -5.47
N PRO A 30 7.12 -7.95 -6.25
CA PRO A 30 6.33 -7.88 -7.49
C PRO A 30 4.85 -7.64 -7.22
N MET A 31 4.45 -6.37 -7.18
CA MET A 31 3.07 -6.02 -6.93
C MET A 31 2.15 -6.61 -7.99
N LYS A 32 1.35 -7.59 -7.61
CA LYS A 32 0.43 -8.25 -8.54
C LYS A 32 -0.55 -7.23 -9.12
N GLU A 33 -0.98 -6.29 -8.30
CA GLU A 33 -1.91 -5.26 -8.73
C GLU A 33 -1.96 -4.10 -7.74
N VAL A 34 -2.56 -3.00 -8.16
CA VAL A 34 -2.67 -1.82 -7.31
C VAL A 34 -3.97 -1.07 -7.58
N LYS A 35 -4.51 -0.44 -6.54
CA LYS A 35 -5.75 0.32 -6.66
C LYS A 35 -5.66 1.63 -5.90
N ILE A 36 -6.07 2.71 -6.55
CA ILE A 36 -6.05 4.04 -5.93
C ILE A 36 -7.36 4.77 -6.15
N LEU A 37 -8.13 4.95 -5.08
CA LEU A 37 -9.41 5.64 -5.14
C LEU A 37 -9.45 6.81 -4.16
N ASN A 38 -10.14 7.87 -4.56
CA ASN A 38 -10.25 9.05 -3.70
C ASN A 38 -10.95 8.71 -2.39
N GLY A 39 -10.17 8.41 -1.37
CA GLY A 39 -10.73 8.07 -0.08
C GLY A 39 -10.07 6.85 0.54
N PHE A 40 -9.46 6.02 -0.30
CA PHE A 40 -8.79 4.81 0.16
C PHE A 40 -7.93 4.20 -0.93
N ALA A 41 -6.88 3.49 -0.53
CA ALA A 41 -5.98 2.86 -1.48
C ALA A 41 -5.78 1.39 -1.16
N PHE A 42 -5.40 0.61 -2.16
CA PHE A 42 -5.17 -0.82 -1.99
C PHE A 42 -4.02 -1.31 -2.85
N VAL A 43 -3.30 -2.32 -2.37
CA VAL A 43 -2.18 -2.88 -3.10
C VAL A 43 -2.06 -4.37 -2.87
N GLU A 44 -2.13 -5.15 -3.95
CA GLU A 44 -2.03 -6.61 -3.85
C GLU A 44 -0.70 -7.09 -4.41
N PHE A 45 0.15 -7.61 -3.53
CA PHE A 45 1.47 -8.11 -3.93
C PHE A 45 1.36 -9.54 -4.46
N GLU A 46 2.27 -9.90 -5.36
CA GLU A 46 2.28 -11.23 -5.95
C GLU A 46 2.89 -12.24 -4.98
N GLU A 47 3.31 -11.77 -3.82
CA GLU A 47 3.91 -12.63 -2.81
C GLU A 47 3.44 -12.24 -1.40
N ALA A 48 2.89 -13.21 -0.68
CA ALA A 48 2.41 -12.96 0.67
C ALA A 48 3.48 -12.30 1.53
N GLU A 49 4.71 -12.76 1.39
CA GLU A 49 5.83 -12.21 2.15
C GLU A 49 5.98 -10.72 1.88
N SER A 50 6.06 -10.36 0.61
CA SER A 50 6.21 -8.96 0.21
C SER A 50 5.11 -8.10 0.82
N ALA A 51 3.89 -8.64 0.84
CA ALA A 51 2.75 -7.93 1.40
C ALA A 51 2.87 -7.79 2.92
N ALA A 52 3.09 -8.93 3.59
CA ALA A 52 3.21 -8.94 5.03
C ALA A 52 4.29 -7.96 5.49
N LYS A 53 5.33 -7.79 4.68
CA LYS A 53 6.42 -6.88 5.01
C LYS A 53 6.00 -5.43 4.79
N ALA A 54 5.51 -5.14 3.58
CA ALA A 54 5.07 -3.80 3.23
C ALA A 54 4.08 -3.27 4.25
N ILE A 55 3.28 -4.16 4.82
CA ILE A 55 2.28 -3.79 5.81
C ILE A 55 2.94 -3.27 7.08
N GLU A 56 4.07 -3.87 7.45
CA GLU A 56 4.79 -3.47 8.65
C GLU A 56 5.86 -2.43 8.31
N GLU A 57 6.09 -2.23 7.02
CA GLU A 57 7.09 -1.26 6.58
C GLU A 57 6.44 0.08 6.26
N VAL A 58 5.53 0.08 5.29
CA VAL A 58 4.83 1.31 4.90
C VAL A 58 4.08 1.91 6.07
N HIS A 59 3.44 1.06 6.87
CA HIS A 59 2.69 1.50 8.03
C HIS A 59 3.57 2.32 8.97
N GLY A 60 3.19 3.58 9.20
CA GLY A 60 3.96 4.43 10.08
C GLY A 60 4.91 5.33 9.32
N LYS A 61 4.81 5.32 7.99
CA LYS A 61 5.68 6.13 7.15
C LYS A 61 5.11 7.55 7.01
N SER A 62 5.77 8.35 6.18
CA SER A 62 5.34 9.73 5.96
C SER A 62 5.12 10.00 4.47
N PHE A 63 4.15 10.86 4.18
CA PHE A 63 3.83 11.19 2.80
C PHE A 63 2.83 12.34 2.74
N ALA A 64 3.11 13.33 1.90
CA ALA A 64 2.23 14.48 1.74
C ALA A 64 2.09 15.24 3.06
N ASN A 65 3.17 15.32 3.81
CA ASN A 65 3.17 16.02 5.09
C ASN A 65 2.15 15.40 6.05
N GLN A 66 1.96 14.08 5.93
CA GLN A 66 1.03 13.37 6.78
C GLN A 66 1.47 11.93 6.99
N PRO A 67 1.15 11.38 8.18
CA PRO A 67 1.50 10.01 8.54
C PRO A 67 0.72 8.98 7.74
N LEU A 68 1.44 8.09 7.05
CA LEU A 68 0.81 7.05 6.25
C LEU A 68 0.35 5.88 7.13
N GLU A 69 -0.54 5.06 6.58
CA GLU A 69 -1.05 3.91 7.32
C GLU A 69 -1.46 2.79 6.36
N VAL A 70 -0.94 1.58 6.62
CA VAL A 70 -1.25 0.43 5.77
C VAL A 70 -1.53 -0.80 6.62
N VAL A 71 -2.51 -1.58 6.21
CA VAL A 71 -2.88 -2.80 6.93
C VAL A 71 -3.30 -3.90 5.96
N TYR A 72 -3.49 -5.11 6.50
CA TYR A 72 -3.90 -6.25 5.68
C TYR A 72 -5.34 -6.09 5.21
N SER A 73 -5.50 -5.67 3.96
CA SER A 73 -6.83 -5.49 3.38
C SER A 73 -7.63 -6.78 3.43
N LYS A 74 -8.82 -6.70 4.04
CA LYS A 74 -9.68 -7.87 4.15
C LYS A 74 -10.02 -8.44 2.77
N GLU A 1 -8.77 -13.85 9.48
CA GLU A 1 -9.45 -12.62 9.08
C GLU A 1 -8.70 -11.93 7.95
N LEU A 2 -7.43 -11.62 8.20
CA LEU A 2 -6.59 -10.96 7.20
C LEU A 2 -6.51 -11.78 5.92
N SER A 3 -5.82 -11.23 4.92
CA SER A 3 -5.68 -11.90 3.64
C SER A 3 -4.22 -12.29 3.40
N ASN A 4 -3.97 -12.96 2.28
CA ASN A 4 -2.62 -13.40 1.92
C ASN A 4 -1.90 -12.30 1.14
N THR A 5 -2.55 -11.79 0.10
CA THR A 5 -1.96 -10.76 -0.74
C THR A 5 -2.92 -9.59 -0.92
N ARG A 6 -2.83 -8.60 -0.03
CA ARG A 6 -3.69 -7.43 -0.09
C ARG A 6 -3.36 -6.45 1.03
N LEU A 7 -3.02 -5.22 0.67
CA LEU A 7 -2.68 -4.20 1.64
C LEU A 7 -3.54 -2.95 1.44
N PHE A 8 -4.25 -2.56 2.49
CA PHE A 8 -5.12 -1.39 2.43
C PHE A 8 -4.38 -0.14 2.93
N VAL A 9 -4.24 0.85 2.06
CA VAL A 9 -3.56 2.09 2.42
C VAL A 9 -4.56 3.19 2.71
N ARG A 10 -4.08 4.26 3.35
CA ARG A 10 -4.93 5.39 3.69
C ARG A 10 -5.21 6.26 2.46
N PRO A 11 -6.15 7.20 2.59
CA PRO A 11 -6.52 8.11 1.51
C PRO A 11 -5.43 9.12 1.18
N PHE A 12 -4.99 9.13 -0.07
CA PHE A 12 -3.95 10.04 -0.50
C PHE A 12 -4.54 11.32 -1.08
N PRO A 13 -3.74 12.40 -1.09
CA PRO A 13 -4.17 13.70 -1.62
C PRO A 13 -4.34 13.69 -3.13
N LEU A 14 -4.36 14.87 -3.73
CA LEU A 14 -4.52 15.00 -5.18
C LEU A 14 -3.48 14.17 -5.92
N ASP A 15 -2.41 13.82 -5.20
CA ASP A 15 -1.33 13.03 -5.80
C ASP A 15 -1.60 11.54 -5.63
N VAL A 16 -2.87 11.18 -5.44
CA VAL A 16 -3.27 9.79 -5.26
C VAL A 16 -3.24 9.04 -6.59
N GLN A 17 -2.12 8.39 -6.88
CA GLN A 17 -1.97 7.64 -8.11
C GLN A 17 -1.07 6.43 -7.90
N GLU A 18 -1.06 5.53 -8.88
CA GLU A 18 -0.24 4.32 -8.81
C GLU A 18 1.24 4.67 -8.87
N SER A 19 1.55 5.82 -9.46
CA SER A 19 2.94 6.27 -9.58
C SER A 19 3.64 6.25 -8.22
N GLU A 20 3.02 6.90 -7.24
CA GLU A 20 3.59 6.98 -5.90
C GLU A 20 3.56 5.60 -5.23
N LEU A 21 2.48 4.86 -5.44
CA LEU A 21 2.33 3.53 -4.85
C LEU A 21 3.44 2.60 -5.34
N ASN A 22 3.81 2.74 -6.61
CA ASN A 22 4.86 1.91 -7.19
C ASN A 22 6.24 2.35 -6.71
N GLU A 23 6.44 3.67 -6.64
CA GLU A 23 7.72 4.22 -6.19
C GLU A 23 7.90 4.01 -4.69
N ILE A 24 6.80 3.75 -3.99
CA ILE A 24 6.84 3.53 -2.56
C ILE A 24 6.86 2.03 -2.22
N PHE A 25 5.86 1.31 -2.73
CA PHE A 25 5.76 -0.12 -2.49
C PHE A 25 6.66 -0.90 -3.46
N GLY A 26 7.35 -0.16 -4.32
CA GLY A 26 8.23 -0.79 -5.29
C GLY A 26 9.27 -1.70 -4.64
N PRO A 27 10.11 -1.11 -3.77
CA PRO A 27 11.16 -1.85 -3.06
C PRO A 27 10.58 -2.79 -2.01
N PHE A 28 9.75 -3.73 -2.44
CA PHE A 28 9.14 -4.69 -1.54
C PHE A 28 8.91 -6.03 -2.24
N GLY A 29 8.45 -5.96 -3.48
CA GLY A 29 8.20 -7.18 -4.24
C GLY A 29 7.37 -6.91 -5.49
N PRO A 30 7.15 -7.97 -6.28
CA PRO A 30 6.37 -7.88 -7.53
C PRO A 30 4.89 -7.62 -7.26
N MET A 31 4.52 -6.35 -7.16
CA MET A 31 3.14 -5.98 -6.91
C MET A 31 2.24 -6.46 -8.04
N LYS A 32 1.41 -7.46 -7.74
CA LYS A 32 0.49 -8.02 -8.73
C LYS A 32 -0.42 -6.93 -9.31
N GLU A 33 -0.87 -6.03 -8.44
CA GLU A 33 -1.75 -4.94 -8.86
C GLU A 33 -1.84 -3.86 -7.79
N VAL A 34 -2.35 -2.70 -8.15
CA VAL A 34 -2.49 -1.60 -7.22
C VAL A 34 -3.76 -0.77 -7.52
N LYS A 35 -4.49 -0.43 -6.46
CA LYS A 35 -5.71 0.35 -6.61
C LYS A 35 -5.60 1.68 -5.87
N ILE A 36 -6.03 2.75 -6.52
CA ILE A 36 -5.98 4.08 -5.93
C ILE A 36 -7.29 4.83 -6.15
N LEU A 37 -8.05 5.00 -5.08
CA LEU A 37 -9.33 5.70 -5.16
C LEU A 37 -9.38 6.86 -4.16
N ASN A 38 -10.08 7.92 -4.53
CA ASN A 38 -10.20 9.09 -3.67
C ASN A 38 -10.92 8.73 -2.37
N GLY A 39 -10.15 8.38 -1.36
CA GLY A 39 -10.72 8.03 -0.07
C GLY A 39 -10.07 6.79 0.53
N PHE A 40 -9.46 5.97 -0.32
CA PHE A 40 -8.81 4.74 0.13
C PHE A 40 -7.94 4.16 -0.98
N ALA A 41 -6.89 3.44 -0.57
CA ALA A 41 -5.97 2.83 -1.52
C ALA A 41 -5.75 1.35 -1.20
N PHE A 42 -5.41 0.57 -2.21
CA PHE A 42 -5.16 -0.85 -2.04
C PHE A 42 -3.95 -1.31 -2.84
N VAL A 43 -3.28 -2.35 -2.35
CA VAL A 43 -2.10 -2.88 -3.03
C VAL A 43 -2.02 -4.40 -2.88
N GLU A 44 -2.10 -5.10 -4.00
CA GLU A 44 -2.04 -6.55 -4.00
C GLU A 44 -0.69 -7.04 -4.52
N PHE A 45 0.12 -7.61 -3.61
CA PHE A 45 1.44 -8.10 -3.96
C PHE A 45 1.34 -9.53 -4.49
N GLU A 46 2.22 -9.86 -5.44
CA GLU A 46 2.24 -11.19 -6.04
C GLU A 46 2.83 -12.22 -5.06
N GLU A 47 3.29 -11.73 -3.92
CA GLU A 47 3.87 -12.61 -2.90
C GLU A 47 3.39 -12.21 -1.51
N ALA A 48 2.81 -13.17 -0.80
CA ALA A 48 2.30 -12.93 0.55
C ALA A 48 3.37 -12.27 1.42
N GLU A 49 4.61 -12.75 1.29
CA GLU A 49 5.71 -12.21 2.08
C GLU A 49 5.88 -10.72 1.83
N SER A 50 5.98 -10.34 0.55
CA SER A 50 6.14 -8.94 0.18
C SER A 50 5.03 -8.09 0.77
N ALA A 51 3.82 -8.63 0.79
CA ALA A 51 2.67 -7.91 1.33
C ALA A 51 2.76 -7.79 2.85
N ALA A 52 2.96 -8.93 3.52
CA ALA A 52 3.07 -8.96 4.98
C ALA A 52 4.15 -8.00 5.46
N LYS A 53 5.20 -7.83 4.65
CA LYS A 53 6.30 -6.94 5.00
C LYS A 53 5.91 -5.48 4.78
N ALA A 54 5.45 -5.17 3.57
CA ALA A 54 5.05 -3.81 3.24
C ALA A 54 4.06 -3.27 4.27
N ILE A 55 3.23 -4.15 4.81
CA ILE A 55 2.24 -3.75 5.80
C ILE A 55 2.92 -3.25 7.08
N GLU A 56 4.01 -3.90 7.45
CA GLU A 56 4.75 -3.52 8.65
C GLU A 56 5.82 -2.48 8.32
N GLU A 57 6.07 -2.28 7.03
CA GLU A 57 7.08 -1.32 6.59
C GLU A 57 6.44 0.04 6.30
N VAL A 58 5.56 0.07 5.30
CA VAL A 58 4.88 1.30 4.94
C VAL A 58 4.15 1.91 6.13
N HIS A 59 3.40 1.08 6.84
CA HIS A 59 2.65 1.53 8.01
C HIS A 59 3.55 2.33 8.95
N GLY A 60 3.18 3.59 9.18
CA GLY A 60 3.96 4.43 10.06
C GLY A 60 4.91 5.35 9.29
N LYS A 61 4.78 5.36 7.98
CA LYS A 61 5.64 6.19 7.13
C LYS A 61 5.06 7.60 7.02
N SER A 62 5.72 8.44 6.22
CA SER A 62 5.27 9.81 6.02
C SER A 62 5.12 10.12 4.53
N PHE A 63 4.16 10.99 4.21
CA PHE A 63 3.90 11.38 2.83
C PHE A 63 2.92 12.53 2.76
N ALA A 64 3.18 13.48 1.87
CA ALA A 64 2.31 14.64 1.71
C ALA A 64 2.10 15.36 3.03
N ASN A 65 3.16 15.44 3.83
CA ASN A 65 3.09 16.12 5.13
C ASN A 65 2.05 15.44 6.03
N GLN A 66 1.81 14.16 5.78
CA GLN A 66 0.83 13.41 6.57
C GLN A 66 1.32 11.98 6.80
N PRO A 67 1.01 11.44 7.99
CA PRO A 67 1.39 10.08 8.36
C PRO A 67 0.64 9.02 7.57
N LEU A 68 1.38 8.11 6.95
CA LEU A 68 0.78 7.04 6.16
C LEU A 68 0.35 5.88 7.05
N GLU A 69 -0.53 5.04 6.53
CA GLU A 69 -1.03 3.89 7.28
C GLU A 69 -1.44 2.76 6.33
N VAL A 70 -0.93 1.56 6.60
CA VAL A 70 -1.23 0.39 5.78
C VAL A 70 -1.53 -0.82 6.64
N VAL A 71 -2.54 -1.59 6.24
CA VAL A 71 -2.92 -2.79 6.98
C VAL A 71 -3.33 -3.91 6.03
N TYR A 72 -3.54 -5.10 6.58
CA TYR A 72 -3.94 -6.25 5.78
C TYR A 72 -5.39 -6.14 5.32
N SER A 73 -5.58 -5.77 4.07
CA SER A 73 -6.92 -5.61 3.51
C SER A 73 -7.77 -6.85 3.77
N LYS A 74 -8.83 -6.69 4.54
CA LYS A 74 -9.72 -7.80 4.87
C LYS A 74 -10.50 -8.24 3.63
N GLU A 1 -9.11 -13.47 9.35
CA GLU A 1 -9.71 -12.20 8.99
C GLU A 1 -8.89 -11.49 7.92
N LEU A 2 -7.57 -11.56 8.05
CA LEU A 2 -6.67 -10.93 7.09
C LEU A 2 -6.57 -11.76 5.82
N SER A 3 -5.86 -11.23 4.82
CA SER A 3 -5.69 -11.92 3.55
C SER A 3 -4.23 -12.30 3.34
N ASN A 4 -3.95 -12.98 2.23
CA ASN A 4 -2.60 -13.40 1.90
C ASN A 4 -1.86 -12.32 1.13
N THR A 5 -2.50 -11.80 0.08
CA THR A 5 -1.90 -10.76 -0.74
C THR A 5 -2.87 -9.60 -0.94
N ARG A 6 -2.79 -8.61 -0.05
CA ARG A 6 -3.66 -7.44 -0.12
C ARG A 6 -3.34 -6.46 1.00
N LEU A 7 -2.98 -5.24 0.63
CA LEU A 7 -2.66 -4.20 1.61
C LEU A 7 -3.50 -2.96 1.39
N PHE A 8 -4.24 -2.55 2.42
CA PHE A 8 -5.09 -1.37 2.33
C PHE A 8 -4.36 -0.14 2.86
N VAL A 9 -4.24 0.88 2.01
CA VAL A 9 -3.58 2.12 2.39
C VAL A 9 -4.58 3.23 2.67
N ARG A 10 -4.11 4.28 3.32
CA ARG A 10 -4.97 5.42 3.66
C ARG A 10 -5.25 6.28 2.43
N PRO A 11 -6.20 7.21 2.56
CA PRO A 11 -6.59 8.11 1.47
C PRO A 11 -5.50 9.13 1.15
N PHE A 12 -5.06 9.15 -0.10
CA PHE A 12 -4.03 10.08 -0.53
C PHE A 12 -4.64 11.35 -1.11
N PRO A 13 -3.84 12.43 -1.12
CA PRO A 13 -4.28 13.73 -1.64
C PRO A 13 -4.45 13.72 -3.15
N LEU A 14 -4.48 14.90 -3.75
CA LEU A 14 -4.63 15.03 -5.20
C LEU A 14 -3.58 14.19 -5.94
N ASP A 15 -2.50 13.85 -5.23
CA ASP A 15 -1.43 13.05 -5.82
C ASP A 15 -1.71 11.56 -5.61
N VAL A 16 -2.97 11.21 -5.45
CA VAL A 16 -3.37 9.82 -5.25
C VAL A 16 -3.33 9.05 -6.56
N GLN A 17 -2.19 8.42 -6.84
CA GLN A 17 -2.03 7.64 -8.05
C GLN A 17 -1.09 6.46 -7.83
N GLU A 18 -1.09 5.53 -8.77
CA GLU A 18 -0.24 4.33 -8.67
C GLU A 18 1.23 4.71 -8.69
N SER A 19 1.53 5.88 -9.23
CA SER A 19 2.91 6.36 -9.32
C SER A 19 3.59 6.30 -7.96
N GLU A 20 2.94 6.89 -6.96
CA GLU A 20 3.50 6.90 -5.60
C GLU A 20 3.47 5.50 -5.00
N LEU A 21 2.41 4.76 -5.28
CA LEU A 21 2.27 3.39 -4.76
C LEU A 21 3.43 2.51 -5.22
N ASN A 22 3.82 2.68 -6.49
CA ASN A 22 4.91 1.89 -7.05
C ASN A 22 6.26 2.39 -6.55
N GLU A 23 6.38 3.72 -6.42
CA GLU A 23 7.61 4.32 -5.96
C GLU A 23 7.81 4.08 -4.46
N ILE A 24 6.73 3.75 -3.78
CA ILE A 24 6.78 3.50 -2.34
C ILE A 24 6.82 2.00 -2.05
N PHE A 25 5.87 1.26 -2.60
CA PHE A 25 5.79 -0.18 -2.40
C PHE A 25 6.72 -0.90 -3.37
N GLY A 26 7.38 -0.14 -4.23
CA GLY A 26 8.29 -0.72 -5.20
C GLY A 26 9.33 -1.60 -4.56
N PRO A 27 10.14 -1.02 -3.67
CA PRO A 27 11.20 -1.75 -2.97
C PRO A 27 10.65 -2.74 -1.95
N PHE A 28 9.86 -3.70 -2.44
CA PHE A 28 9.28 -4.71 -1.58
C PHE A 28 9.05 -6.02 -2.35
N GLY A 29 8.58 -5.89 -3.58
CA GLY A 29 8.32 -7.06 -4.40
C GLY A 29 7.45 -6.75 -5.60
N PRO A 30 7.22 -7.76 -6.44
CA PRO A 30 6.40 -7.62 -7.65
C PRO A 30 4.92 -7.43 -7.32
N MET A 31 4.50 -6.17 -7.25
CA MET A 31 3.10 -5.86 -6.94
C MET A 31 2.17 -6.42 -8.01
N LYS A 32 1.41 -7.45 -7.65
CA LYS A 32 0.47 -8.07 -8.59
C LYS A 32 -0.51 -7.05 -9.14
N GLU A 33 -0.89 -6.09 -8.30
CA GLU A 33 -1.82 -5.04 -8.72
C GLU A 33 -1.89 -3.93 -7.68
N VAL A 34 -2.45 -2.79 -8.07
CA VAL A 34 -2.56 -1.64 -7.18
C VAL A 34 -3.79 -0.80 -7.52
N LYS A 35 -4.59 -0.48 -6.50
CA LYS A 35 -5.79 0.31 -6.70
C LYS A 35 -5.68 1.65 -5.96
N ILE A 36 -6.11 2.72 -6.62
CA ILE A 36 -6.06 4.05 -6.02
C ILE A 36 -7.37 4.79 -6.23
N LEU A 37 -8.13 4.96 -5.16
CA LEU A 37 -9.41 5.66 -5.22
C LEU A 37 -9.45 6.82 -4.23
N ASN A 38 -10.16 7.87 -4.59
CA ASN A 38 -10.29 9.05 -3.74
C ASN A 38 -10.99 8.70 -2.43
N GLY A 39 -10.20 8.31 -1.42
CA GLY A 39 -10.77 7.96 -0.13
C GLY A 39 -10.10 6.74 0.47
N PHE A 40 -9.47 5.93 -0.38
CA PHE A 40 -8.80 4.72 0.08
C PHE A 40 -7.91 4.14 -1.02
N ALA A 41 -6.87 3.44 -0.60
CA ALA A 41 -5.93 2.83 -1.56
C ALA A 41 -5.74 1.35 -1.27
N PHE A 42 -5.36 0.59 -2.30
CA PHE A 42 -5.14 -0.84 -2.15
C PHE A 42 -3.91 -1.28 -2.93
N VAL A 43 -3.25 -2.33 -2.44
CA VAL A 43 -2.06 -2.87 -3.09
C VAL A 43 -1.93 -4.37 -2.87
N GLU A 44 -2.03 -5.13 -3.95
CA GLU A 44 -1.93 -6.58 -3.88
C GLU A 44 -0.58 -7.05 -4.42
N PHE A 45 0.23 -7.63 -3.52
CA PHE A 45 1.55 -8.12 -3.90
C PHE A 45 1.46 -9.53 -4.47
N GLU A 46 2.34 -9.85 -5.40
CA GLU A 46 2.36 -11.18 -6.02
C GLU A 46 2.85 -12.23 -5.04
N GLU A 47 3.33 -11.78 -3.88
CA GLU A 47 3.83 -12.69 -2.86
C GLU A 47 3.35 -12.25 -1.48
N ALA A 48 2.75 -13.19 -0.74
CA ALA A 48 2.24 -12.91 0.59
C ALA A 48 3.33 -12.28 1.47
N GLU A 49 4.54 -12.83 1.38
CA GLU A 49 5.65 -12.32 2.18
C GLU A 49 5.87 -10.83 1.92
N SER A 50 5.97 -10.47 0.64
CA SER A 50 6.18 -9.07 0.26
C SER A 50 5.09 -8.18 0.83
N ALA A 51 3.85 -8.68 0.82
CA ALA A 51 2.72 -7.93 1.33
C ALA A 51 2.81 -7.78 2.85
N ALA A 52 2.98 -8.90 3.55
CA ALA A 52 3.07 -8.89 5.00
C ALA A 52 4.14 -7.92 5.47
N LYS A 53 5.24 -7.84 4.72
CA LYS A 53 6.34 -6.95 5.06
C LYS A 53 5.96 -5.50 4.82
N ALA A 54 5.50 -5.21 3.60
CA ALA A 54 5.09 -3.85 3.24
C ALA A 54 4.10 -3.29 4.25
N ILE A 55 3.28 -4.17 4.82
CA ILE A 55 2.29 -3.76 5.80
C ILE A 55 2.95 -3.23 7.07
N GLU A 56 4.01 -3.91 7.50
CA GLU A 56 4.74 -3.51 8.70
C GLU A 56 5.79 -2.45 8.37
N GLU A 57 6.09 -2.29 7.09
CA GLU A 57 7.08 -1.32 6.64
C GLU A 57 6.41 0.01 6.31
N VAL A 58 5.60 0.02 5.25
CA VAL A 58 4.91 1.23 4.83
C VAL A 58 4.16 1.87 6.00
N HIS A 59 3.64 1.04 6.89
CA HIS A 59 2.90 1.52 8.05
C HIS A 59 3.76 2.49 8.87
N GLY A 60 3.26 3.72 9.03
CA GLY A 60 3.98 4.71 9.78
C GLY A 60 4.89 5.55 8.91
N LYS A 61 4.80 5.36 7.60
CA LYS A 61 5.62 6.10 6.66
C LYS A 61 5.20 7.56 6.61
N SER A 62 5.86 8.33 5.74
CA SER A 62 5.55 9.75 5.59
C SER A 62 5.23 10.09 4.14
N PHE A 63 4.21 10.93 3.96
CA PHE A 63 3.80 11.34 2.61
C PHE A 63 2.75 12.45 2.68
N ALA A 64 2.91 13.45 1.83
CA ALA A 64 1.97 14.57 1.79
C ALA A 64 1.93 15.30 3.13
N ASN A 65 3.07 15.34 3.81
CA ASN A 65 3.15 16.01 5.11
C ASN A 65 2.20 15.36 6.12
N GLN A 66 2.08 14.04 6.05
CA GLN A 66 1.22 13.30 6.95
C GLN A 66 1.66 11.85 7.07
N PRO A 67 1.43 11.25 8.25
CA PRO A 67 1.80 9.87 8.52
C PRO A 67 0.94 8.88 7.75
N LEU A 68 1.58 8.00 6.97
CA LEU A 68 0.87 7.00 6.19
C LEU A 68 0.40 5.85 7.06
N GLU A 69 -0.50 5.03 6.53
CA GLU A 69 -1.02 3.89 7.27
C GLU A 69 -1.43 2.77 6.31
N VAL A 70 -0.95 1.57 6.59
CA VAL A 70 -1.26 0.41 5.76
C VAL A 70 -1.55 -0.82 6.62
N VAL A 71 -2.53 -1.61 6.19
CA VAL A 71 -2.92 -2.82 6.92
C VAL A 71 -3.35 -3.93 5.97
N TYR A 72 -3.54 -5.12 6.51
CA TYR A 72 -3.95 -6.26 5.69
C TYR A 72 -5.40 -6.13 5.26
N SER A 73 -5.61 -5.78 4.00
CA SER A 73 -6.95 -5.61 3.45
C SER A 73 -7.82 -6.83 3.78
N LYS A 74 -8.94 -6.58 4.46
CA LYS A 74 -9.86 -7.65 4.83
C LYS A 74 -10.62 -8.16 3.61
N GLU A 1 -8.38 -13.91 9.55
CA GLU A 1 -9.13 -12.70 9.23
C GLU A 1 -8.46 -11.92 8.09
N LEU A 2 -7.18 -11.63 8.27
CA LEU A 2 -6.42 -10.89 7.26
C LEU A 2 -6.33 -11.68 5.97
N SER A 3 -5.83 -11.04 4.92
CA SER A 3 -5.70 -11.69 3.61
C SER A 3 -4.25 -12.09 3.37
N ASN A 4 -4.02 -12.80 2.27
CA ASN A 4 -2.68 -13.26 1.92
C ASN A 4 -1.93 -12.18 1.13
N THR A 5 -2.60 -11.63 0.13
CA THR A 5 -2.00 -10.59 -0.71
C THR A 5 -2.96 -9.42 -0.91
N ARG A 6 -2.86 -8.42 -0.04
CA ARG A 6 -3.71 -7.24 -0.12
C ARG A 6 -3.38 -6.25 0.99
N LEU A 7 -3.00 -5.04 0.59
CA LEU A 7 -2.65 -4.00 1.55
C LEU A 7 -3.54 -2.77 1.36
N PHE A 8 -4.29 -2.42 2.39
CA PHE A 8 -5.18 -1.27 2.34
C PHE A 8 -4.50 -0.03 2.90
N VAL A 9 -4.30 0.98 2.05
CA VAL A 9 -3.66 2.22 2.47
C VAL A 9 -4.69 3.32 2.73
N ARG A 10 -4.25 4.39 3.36
CA ARG A 10 -5.13 5.52 3.66
C ARG A 10 -5.37 6.37 2.42
N PRO A 11 -6.32 7.32 2.52
CA PRO A 11 -6.67 8.21 1.41
C PRO A 11 -5.57 9.22 1.12
N PHE A 12 -5.09 9.22 -0.11
CA PHE A 12 -4.03 10.13 -0.52
C PHE A 12 -4.62 11.41 -1.12
N PRO A 13 -3.82 12.49 -1.12
CA PRO A 13 -4.24 13.79 -1.66
C PRO A 13 -4.37 13.77 -3.18
N LEU A 14 -4.37 14.95 -3.78
CA LEU A 14 -4.49 15.07 -5.23
C LEU A 14 -3.44 14.21 -5.93
N ASP A 15 -2.39 13.85 -5.22
CA ASP A 15 -1.33 13.02 -5.76
C ASP A 15 -1.63 11.54 -5.57
N VAL A 16 -2.91 11.22 -5.42
CA VAL A 16 -3.34 9.84 -5.22
C VAL A 16 -3.31 9.06 -6.54
N GLN A 17 -2.19 8.41 -6.81
CA GLN A 17 -2.03 7.64 -8.04
C GLN A 17 -1.13 6.43 -7.80
N GLU A 18 -1.09 5.53 -8.78
CA GLU A 18 -0.26 4.34 -8.68
C GLU A 18 1.21 4.69 -8.71
N SER A 19 1.52 5.86 -9.27
CA SER A 19 2.91 6.32 -9.36
C SER A 19 3.59 6.27 -8.00
N GLU A 20 2.94 6.84 -7.00
CA GLU A 20 3.48 6.87 -5.64
C GLU A 20 3.45 5.48 -5.02
N LEU A 21 2.39 4.73 -5.31
CA LEU A 21 2.23 3.38 -4.78
C LEU A 21 3.38 2.49 -5.22
N ASN A 22 3.78 2.62 -6.48
CA ASN A 22 4.87 1.83 -7.03
C ASN A 22 6.22 2.33 -6.54
N GLU A 23 6.35 3.65 -6.45
CA GLU A 23 7.59 4.27 -5.98
C GLU A 23 7.78 4.05 -4.48
N ILE A 24 6.68 3.73 -3.80
CA ILE A 24 6.74 3.50 -2.35
C ILE A 24 6.78 2.01 -2.04
N PHE A 25 5.82 1.27 -2.58
CA PHE A 25 5.75 -0.17 -2.35
C PHE A 25 6.66 -0.91 -3.32
N GLY A 26 7.33 -0.17 -4.18
CA GLY A 26 8.23 -0.77 -5.16
C GLY A 26 9.27 -1.65 -4.51
N PRO A 27 10.09 -1.07 -3.63
CA PRO A 27 11.15 -1.80 -2.92
C PRO A 27 10.60 -2.78 -1.90
N PHE A 28 9.80 -3.74 -2.37
CA PHE A 28 9.20 -4.75 -1.50
C PHE A 28 8.98 -6.05 -2.25
N GLY A 29 8.49 -5.94 -3.48
CA GLY A 29 8.25 -7.12 -4.29
C GLY A 29 7.39 -6.83 -5.51
N PRO A 30 7.18 -7.85 -6.35
CA PRO A 30 6.38 -7.71 -7.57
C PRO A 30 4.90 -7.52 -7.28
N MET A 31 4.47 -6.26 -7.24
CA MET A 31 3.08 -5.94 -6.97
C MET A 31 2.16 -6.52 -8.05
N LYS A 32 1.40 -7.53 -7.68
CA LYS A 32 0.47 -8.17 -8.61
C LYS A 32 -0.53 -7.18 -9.18
N GLU A 33 -0.92 -6.21 -8.35
CA GLU A 33 -1.88 -5.20 -8.76
C GLU A 33 -1.92 -4.04 -7.75
N VAL A 34 -2.46 -2.90 -8.18
CA VAL A 34 -2.56 -1.74 -7.32
C VAL A 34 -3.79 -0.92 -7.65
N LYS A 35 -4.59 -0.62 -6.63
CA LYS A 35 -5.82 0.16 -6.81
C LYS A 35 -5.74 1.47 -6.03
N ILE A 36 -6.16 2.55 -6.68
CA ILE A 36 -6.14 3.87 -6.05
C ILE A 36 -7.47 4.59 -6.26
N LEU A 37 -8.22 4.75 -5.18
CA LEU A 37 -9.51 5.44 -5.25
C LEU A 37 -9.56 6.60 -4.26
N ASN A 38 -10.22 7.68 -4.67
CA ASN A 38 -10.34 8.87 -3.83
C ASN A 38 -11.03 8.52 -2.51
N GLY A 39 -10.23 8.24 -1.49
CA GLY A 39 -10.77 7.90 -0.18
C GLY A 39 -10.08 6.70 0.44
N PHE A 40 -9.46 5.88 -0.40
CA PHE A 40 -8.76 4.69 0.09
C PHE A 40 -7.87 4.11 -1.01
N ALA A 41 -6.80 3.43 -0.60
CA ALA A 41 -5.88 2.82 -1.54
C ALA A 41 -5.71 1.32 -1.26
N PHE A 42 -5.35 0.57 -2.29
CA PHE A 42 -5.16 -0.87 -2.16
C PHE A 42 -3.95 -1.33 -2.97
N VAL A 43 -3.22 -2.30 -2.42
CA VAL A 43 -2.04 -2.84 -3.09
C VAL A 43 -1.94 -4.35 -2.91
N GLU A 44 -2.10 -5.08 -4.01
CA GLU A 44 -2.03 -6.54 -3.97
C GLU A 44 -0.69 -7.03 -4.48
N PHE A 45 0.12 -7.56 -3.56
CA PHE A 45 1.44 -8.07 -3.91
C PHE A 45 1.34 -9.48 -4.47
N GLU A 46 2.27 -9.83 -5.37
CA GLU A 46 2.29 -11.15 -5.98
C GLU A 46 2.83 -12.19 -5.02
N GLU A 47 3.25 -11.74 -3.84
CA GLU A 47 3.80 -12.62 -2.82
C GLU A 47 3.32 -12.22 -1.43
N ALA A 48 2.72 -13.17 -0.72
CA ALA A 48 2.22 -12.91 0.62
C ALA A 48 3.29 -12.27 1.49
N GLU A 49 4.52 -12.78 1.38
CA GLU A 49 5.63 -12.25 2.15
C GLU A 49 5.81 -10.75 1.91
N SER A 50 5.90 -10.37 0.64
CA SER A 50 6.07 -8.97 0.28
C SER A 50 4.96 -8.11 0.88
N ALA A 51 3.74 -8.63 0.89
CA ALA A 51 2.60 -7.92 1.44
C ALA A 51 2.71 -7.79 2.96
N ALA A 52 2.91 -8.93 3.62
CA ALA A 52 3.03 -8.95 5.07
C ALA A 52 4.12 -8.01 5.54
N LYS A 53 5.16 -7.85 4.72
CA LYS A 53 6.27 -6.97 5.06
C LYS A 53 5.91 -5.50 4.81
N ALA A 54 5.41 -5.21 3.62
CA ALA A 54 5.01 -3.86 3.26
C ALA A 54 4.05 -3.28 4.30
N ILE A 55 3.22 -4.14 4.87
CA ILE A 55 2.24 -3.72 5.87
C ILE A 55 2.93 -3.24 7.14
N GLU A 56 4.00 -3.94 7.52
CA GLU A 56 4.75 -3.57 8.72
C GLU A 56 5.84 -2.55 8.40
N GLU A 57 6.10 -2.36 7.11
CA GLU A 57 7.11 -1.41 6.68
C GLU A 57 6.49 -0.05 6.34
N VAL A 58 5.67 -0.03 5.30
CA VAL A 58 5.01 1.20 4.88
C VAL A 58 4.32 1.88 6.05
N HIS A 59 3.83 1.08 6.99
CA HIS A 59 3.15 1.61 8.18
C HIS A 59 4.06 2.54 8.95
N GLY A 60 3.67 3.80 9.08
CA GLY A 60 4.46 4.77 9.80
C GLY A 60 5.32 5.62 8.89
N LYS A 61 5.14 5.46 7.58
CA LYS A 61 5.89 6.21 6.60
C LYS A 61 5.41 7.66 6.54
N SER A 62 5.99 8.43 5.62
CA SER A 62 5.62 9.83 5.47
C SER A 62 5.11 10.11 4.06
N PHE A 63 4.09 10.96 3.97
CA PHE A 63 3.49 11.31 2.69
C PHE A 63 2.48 12.44 2.84
N ALA A 64 2.61 13.47 2.01
CA ALA A 64 1.71 14.61 2.05
C ALA A 64 1.77 15.31 3.40
N ASN A 65 2.97 15.37 3.98
CA ASN A 65 3.17 16.02 5.27
C ASN A 65 2.34 15.33 6.36
N GLN A 66 2.14 14.02 6.21
CA GLN A 66 1.35 13.25 7.17
C GLN A 66 1.82 11.80 7.21
N PRO A 67 1.68 11.17 8.38
CA PRO A 67 2.07 9.77 8.57
C PRO A 67 1.17 8.80 7.83
N LEU A 68 1.77 7.97 6.99
CA LEU A 68 1.01 6.99 6.21
C LEU A 68 0.54 5.84 7.09
N GLU A 69 -0.44 5.08 6.61
CA GLU A 69 -0.98 3.95 7.35
C GLU A 69 -1.42 2.84 6.40
N VAL A 70 -0.95 1.62 6.69
CA VAL A 70 -1.29 0.47 5.87
C VAL A 70 -1.82 -0.68 6.72
N VAL A 71 -2.77 -1.43 6.18
CA VAL A 71 -3.35 -2.56 6.89
C VAL A 71 -3.63 -3.73 5.94
N TYR A 72 -3.89 -4.90 6.51
CA TYR A 72 -4.16 -6.09 5.72
C TYR A 72 -5.55 -6.02 5.09
N SER A 73 -5.60 -5.57 3.84
CA SER A 73 -6.87 -5.45 3.12
C SER A 73 -7.62 -6.78 3.14
N LYS A 74 -8.86 -6.74 3.60
CA LYS A 74 -9.70 -7.93 3.66
C LYS A 74 -9.90 -8.53 2.28
N GLU A 1 -9.41 -13.16 9.20
CA GLU A 1 -9.86 -11.81 8.87
C GLU A 1 -8.95 -11.17 7.84
N LEU A 2 -7.64 -11.39 8.00
CA LEU A 2 -6.66 -10.83 7.08
C LEU A 2 -6.59 -11.64 5.80
N SER A 3 -5.86 -11.12 4.81
CA SER A 3 -5.71 -11.79 3.53
C SER A 3 -4.26 -12.20 3.29
N ASN A 4 -4.03 -12.90 2.18
CA ASN A 4 -2.68 -13.36 1.84
C ASN A 4 -1.91 -12.27 1.11
N THR A 5 -2.52 -11.71 0.07
CA THR A 5 -1.90 -10.65 -0.71
C THR A 5 -2.84 -9.49 -0.93
N ARG A 6 -2.81 -8.51 -0.04
CA ARG A 6 -3.67 -7.35 -0.14
C ARG A 6 -3.44 -6.39 1.03
N LEU A 7 -2.98 -5.18 0.71
CA LEU A 7 -2.71 -4.17 1.73
C LEU A 7 -3.54 -2.91 1.49
N PHE A 8 -4.30 -2.51 2.50
CA PHE A 8 -5.14 -1.32 2.40
C PHE A 8 -4.41 -0.10 2.94
N VAL A 9 -4.26 0.92 2.09
CA VAL A 9 -3.59 2.14 2.47
C VAL A 9 -4.59 3.26 2.76
N ARG A 10 -4.12 4.33 3.40
CA ARG A 10 -4.98 5.46 3.73
C ARG A 10 -5.25 6.31 2.50
N PRO A 11 -6.20 7.25 2.62
CA PRO A 11 -6.57 8.15 1.52
C PRO A 11 -5.48 9.16 1.20
N PHE A 12 -5.03 9.17 -0.05
CA PHE A 12 -3.99 10.09 -0.48
C PHE A 12 -4.58 11.35 -1.07
N PRO A 13 -3.79 12.43 -1.08
CA PRO A 13 -4.23 13.73 -1.62
C PRO A 13 -4.39 13.71 -3.13
N LEU A 14 -4.40 14.89 -3.74
CA LEU A 14 -4.55 15.01 -5.18
C LEU A 14 -3.51 14.15 -5.91
N ASP A 15 -2.44 13.80 -5.20
CA ASP A 15 -1.38 12.99 -5.77
C ASP A 15 -1.67 11.50 -5.57
N VAL A 16 -2.95 11.18 -5.40
CA VAL A 16 -3.37 9.79 -5.21
C VAL A 16 -3.36 9.02 -6.52
N GLN A 17 -2.24 8.37 -6.82
CA GLN A 17 -2.11 7.60 -8.05
C GLN A 17 -1.20 6.39 -7.83
N GLU A 18 -1.15 5.51 -8.83
CA GLU A 18 -0.32 4.31 -8.75
C GLU A 18 1.16 4.67 -8.78
N SER A 19 1.46 5.86 -9.28
CA SER A 19 2.84 6.33 -9.37
C SER A 19 3.52 6.28 -8.01
N GLU A 20 2.85 6.83 -7.00
CA GLU A 20 3.39 6.86 -5.65
C GLU A 20 3.37 5.46 -5.03
N LEU A 21 2.33 4.70 -5.35
CA LEU A 21 2.20 3.34 -4.82
C LEU A 21 3.36 2.47 -5.28
N ASN A 22 3.75 2.62 -6.53
CA ASN A 22 4.86 1.84 -7.09
C ASN A 22 6.20 2.38 -6.60
N GLU A 23 6.31 3.70 -6.50
CA GLU A 23 7.53 4.33 -6.05
C GLU A 23 7.74 4.11 -4.55
N ILE A 24 6.66 3.78 -3.87
CA ILE A 24 6.71 3.54 -2.43
C ILE A 24 6.78 2.05 -2.11
N PHE A 25 5.81 1.30 -2.63
CA PHE A 25 5.76 -0.14 -2.41
C PHE A 25 6.66 -0.88 -3.39
N GLY A 26 7.35 -0.11 -4.24
CA GLY A 26 8.24 -0.71 -5.22
C GLY A 26 9.30 -1.58 -4.58
N PRO A 27 10.12 -0.98 -3.70
CA PRO A 27 11.19 -1.70 -3.00
C PRO A 27 10.65 -2.69 -1.97
N PHE A 28 9.85 -3.65 -2.43
CA PHE A 28 9.26 -4.65 -1.56
C PHE A 28 9.06 -5.97 -2.29
N GLY A 29 8.57 -5.87 -3.53
CA GLY A 29 8.33 -7.06 -4.32
C GLY A 29 7.48 -6.78 -5.55
N PRO A 30 7.27 -7.81 -6.38
CA PRO A 30 6.48 -7.69 -7.61
C PRO A 30 4.99 -7.49 -7.31
N MET A 31 4.55 -6.24 -7.27
CA MET A 31 3.16 -5.92 -7.00
C MET A 31 2.26 -6.51 -8.09
N LYS A 32 1.44 -7.49 -7.70
CA LYS A 32 0.53 -8.13 -8.63
C LYS A 32 -0.50 -7.13 -9.18
N GLU A 33 -0.86 -6.17 -8.34
CA GLU A 33 -1.84 -5.15 -8.73
C GLU A 33 -1.85 -4.01 -7.73
N VAL A 34 -2.48 -2.90 -8.11
CA VAL A 34 -2.58 -1.73 -7.25
C VAL A 34 -3.84 -0.93 -7.53
N LYS A 35 -4.59 -0.63 -6.48
CA LYS A 35 -5.84 0.13 -6.62
C LYS A 35 -5.73 1.47 -5.89
N ILE A 36 -6.16 2.53 -6.55
CA ILE A 36 -6.12 3.87 -5.97
C ILE A 36 -7.44 4.59 -6.19
N LEU A 37 -8.20 4.78 -5.10
CA LEU A 37 -9.47 5.47 -5.17
C LEU A 37 -9.52 6.64 -4.20
N ASN A 38 -10.20 7.71 -4.60
CA ASN A 38 -10.31 8.90 -3.76
C ASN A 38 -11.00 8.58 -2.43
N GLY A 39 -10.20 8.29 -1.41
CA GLY A 39 -10.74 7.97 -0.11
C GLY A 39 -10.08 6.75 0.51
N PHE A 40 -9.47 5.93 -0.32
CA PHE A 40 -8.79 4.72 0.16
C PHE A 40 -7.92 4.12 -0.94
N ALA A 41 -6.84 3.47 -0.53
CA ALA A 41 -5.92 2.85 -1.47
C ALA A 41 -5.72 1.37 -1.16
N PHE A 42 -5.29 0.61 -2.16
CA PHE A 42 -5.07 -0.83 -2.00
C PHE A 42 -3.91 -1.30 -2.87
N VAL A 43 -3.22 -2.33 -2.41
CA VAL A 43 -2.08 -2.89 -3.13
C VAL A 43 -1.98 -4.39 -2.93
N GLU A 44 -2.04 -5.14 -4.04
CA GLU A 44 -1.96 -6.60 -3.97
C GLU A 44 -0.61 -7.07 -4.49
N PHE A 45 0.22 -7.59 -3.58
CA PHE A 45 1.55 -8.08 -3.94
C PHE A 45 1.45 -9.49 -4.51
N GLU A 46 2.37 -9.82 -5.41
CA GLU A 46 2.40 -11.15 -6.03
C GLU A 46 2.97 -12.19 -5.06
N GLU A 47 3.35 -11.73 -3.88
CA GLU A 47 3.91 -12.63 -2.86
C GLU A 47 3.43 -12.23 -1.47
N ALA A 48 2.84 -13.19 -0.76
CA ALA A 48 2.33 -12.93 0.58
C ALA A 48 3.41 -12.28 1.45
N GLU A 49 4.64 -12.78 1.33
CA GLU A 49 5.75 -12.25 2.12
C GLU A 49 5.92 -10.75 1.87
N SER A 50 6.02 -10.38 0.60
CA SER A 50 6.21 -8.98 0.23
C SER A 50 5.09 -8.12 0.83
N ALA A 51 3.87 -8.64 0.81
CA ALA A 51 2.72 -7.92 1.34
C ALA A 51 2.83 -7.79 2.87
N ALA A 52 3.01 -8.92 3.54
CA ALA A 52 3.13 -8.93 4.98
C ALA A 52 4.20 -7.96 5.46
N LYS A 53 5.26 -7.82 4.67
CA LYS A 53 6.35 -6.92 5.00
C LYS A 53 5.96 -5.46 4.77
N ALA A 54 5.49 -5.16 3.57
CA ALA A 54 5.07 -3.81 3.23
C ALA A 54 4.07 -3.26 4.24
N ILE A 55 3.26 -4.15 4.80
CA ILE A 55 2.26 -3.76 5.78
C ILE A 55 2.92 -3.26 7.06
N GLU A 56 4.02 -3.91 7.46
CA GLU A 56 4.75 -3.52 8.65
C GLU A 56 5.81 -2.47 8.34
N GLU A 57 6.08 -2.28 7.05
CA GLU A 57 7.07 -1.30 6.62
C GLU A 57 6.41 0.04 6.31
N VAL A 58 5.58 0.06 5.27
CA VAL A 58 4.89 1.28 4.87
C VAL A 58 4.14 1.89 6.04
N HIS A 59 3.61 1.04 6.91
CA HIS A 59 2.86 1.50 8.09
C HIS A 59 3.75 2.38 8.98
N GLY A 60 3.30 3.61 9.21
CA GLY A 60 4.05 4.52 10.05
C GLY A 60 4.99 5.40 9.25
N LYS A 61 4.89 5.31 7.92
CA LYS A 61 5.73 6.11 7.03
C LYS A 61 5.19 7.52 6.89
N SER A 62 5.82 8.31 6.04
CA SER A 62 5.41 9.69 5.81
C SER A 62 5.13 9.95 4.33
N PHE A 63 4.16 10.82 4.06
CA PHE A 63 3.78 11.15 2.69
C PHE A 63 2.81 12.31 2.65
N ALA A 64 3.10 13.30 1.81
CA ALA A 64 2.23 14.47 1.69
C ALA A 64 2.14 15.23 3.01
N ASN A 65 3.25 15.28 3.73
CA ASN A 65 3.29 15.99 5.01
C ASN A 65 2.28 15.38 5.99
N GLN A 66 2.06 14.06 5.87
CA GLN A 66 1.12 13.36 6.74
C GLN A 66 1.56 11.93 6.95
N PRO A 67 1.24 11.38 8.14
CA PRO A 67 1.59 10.00 8.50
C PRO A 67 0.80 8.97 7.69
N LEU A 68 1.51 8.06 7.05
CA LEU A 68 0.88 7.02 6.25
C LEU A 68 0.43 5.86 7.12
N GLU A 69 -0.48 5.04 6.60
CA GLU A 69 -0.98 3.89 7.33
C GLU A 69 -1.41 2.78 6.37
N VAL A 70 -0.92 1.56 6.61
CA VAL A 70 -1.25 0.43 5.78
C VAL A 70 -1.51 -0.82 6.62
N VAL A 71 -2.53 -1.59 6.23
CA VAL A 71 -2.90 -2.79 6.94
C VAL A 71 -3.31 -3.90 5.99
N TYR A 72 -3.50 -5.10 6.52
CA TYR A 72 -3.89 -6.25 5.70
C TYR A 72 -5.32 -6.10 5.20
N SER A 73 -5.46 -5.68 3.95
CA SER A 73 -6.77 -5.49 3.35
C SER A 73 -7.64 -6.73 3.53
N LYS A 74 -8.82 -6.55 4.14
CA LYS A 74 -9.73 -7.64 4.37
C LYS A 74 -10.54 -7.96 3.12
N GLU A 1 -8.87 -13.38 9.57
CA GLU A 1 -9.47 -12.07 9.28
C GLU A 1 -8.68 -11.35 8.19
N LEU A 2 -7.35 -11.44 8.26
CA LEU A 2 -6.49 -10.79 7.28
C LEU A 2 -6.42 -11.62 5.99
N SER A 3 -5.82 -11.03 4.96
CA SER A 3 -5.69 -11.70 3.67
C SER A 3 -4.24 -12.11 3.43
N ASN A 4 -4.01 -12.80 2.31
CA ASN A 4 -2.68 -13.26 1.95
C ASN A 4 -1.92 -12.20 1.16
N THR A 5 -2.58 -11.66 0.14
CA THR A 5 -1.98 -10.63 -0.70
C THR A 5 -2.94 -9.46 -0.90
N ARG A 6 -2.83 -8.46 -0.03
CA ARG A 6 -3.68 -7.28 -0.11
C ARG A 6 -3.34 -6.29 1.00
N LEU A 7 -2.96 -5.08 0.61
CA LEU A 7 -2.61 -4.03 1.58
C LEU A 7 -3.49 -2.80 1.39
N PHE A 8 -4.25 -2.45 2.42
CA PHE A 8 -5.12 -1.29 2.36
C PHE A 8 -4.43 -0.06 2.93
N VAL A 9 -4.24 0.95 2.08
CA VAL A 9 -3.58 2.19 2.49
C VAL A 9 -4.60 3.29 2.75
N ARG A 10 -4.16 4.37 3.38
CA ARG A 10 -5.02 5.49 3.69
C ARG A 10 -5.29 6.34 2.46
N PRO A 11 -6.25 7.27 2.56
CA PRO A 11 -6.62 8.16 1.47
C PRO A 11 -5.53 9.18 1.16
N PHE A 12 -5.06 9.20 -0.09
CA PHE A 12 -4.02 10.12 -0.50
C PHE A 12 -4.62 11.39 -1.10
N PRO A 13 -3.84 12.47 -1.11
CA PRO A 13 -4.27 13.77 -1.64
C PRO A 13 -4.43 13.75 -3.16
N LEU A 14 -4.47 14.94 -3.76
CA LEU A 14 -4.60 15.05 -5.21
C LEU A 14 -3.55 14.22 -5.93
N ASP A 15 -2.47 13.90 -5.22
CA ASP A 15 -1.38 13.10 -5.79
C ASP A 15 -1.64 11.62 -5.60
N VAL A 16 -2.91 11.26 -5.44
CA VAL A 16 -3.30 9.86 -5.26
C VAL A 16 -3.27 9.10 -6.58
N GLN A 17 -2.15 8.44 -6.85
CA GLN A 17 -1.99 7.68 -8.08
C GLN A 17 -1.10 6.46 -7.85
N GLU A 18 -1.07 5.56 -8.83
CA GLU A 18 -0.27 4.35 -8.73
C GLU A 18 1.23 4.68 -8.78
N SER A 19 1.54 5.85 -9.33
CA SER A 19 2.93 6.29 -9.43
C SER A 19 3.62 6.25 -8.08
N GLU A 20 2.99 6.87 -7.08
CA GLU A 20 3.54 6.90 -5.73
C GLU A 20 3.50 5.52 -5.09
N LEU A 21 2.43 4.78 -5.36
CA LEU A 21 2.27 3.44 -4.80
C LEU A 21 3.37 2.51 -5.30
N ASN A 22 3.76 2.67 -6.57
CA ASN A 22 4.80 1.84 -7.16
C ASN A 22 6.17 2.27 -6.67
N GLU A 23 6.38 3.58 -6.55
CA GLU A 23 7.65 4.12 -6.09
C GLU A 23 7.82 3.90 -4.59
N ILE A 24 6.70 3.67 -3.90
CA ILE A 24 6.72 3.45 -2.47
C ILE A 24 6.75 1.96 -2.14
N PHE A 25 5.79 1.22 -2.68
CA PHE A 25 5.70 -0.22 -2.46
C PHE A 25 6.61 -0.98 -3.41
N GLY A 26 7.29 -0.25 -4.29
CA GLY A 26 8.18 -0.87 -5.24
C GLY A 26 9.23 -1.74 -4.58
N PRO A 27 10.06 -1.12 -3.73
CA PRO A 27 11.12 -1.84 -3.00
C PRO A 27 10.57 -2.78 -1.94
N PHE A 28 9.77 -3.76 -2.38
CA PHE A 28 9.17 -4.72 -1.47
C PHE A 28 8.95 -6.07 -2.17
N GLY A 29 8.47 -6.01 -3.40
CA GLY A 29 8.23 -7.23 -4.16
C GLY A 29 7.43 -6.97 -5.42
N PRO A 30 7.20 -8.03 -6.21
CA PRO A 30 6.45 -7.95 -7.47
C PRO A 30 4.96 -7.69 -7.22
N MET A 31 4.60 -6.41 -7.08
CA MET A 31 3.21 -6.03 -6.85
C MET A 31 2.32 -6.48 -8.01
N LYS A 32 1.49 -7.50 -7.76
CA LYS A 32 0.59 -8.02 -8.77
C LYS A 32 -0.27 -6.91 -9.35
N GLU A 33 -0.76 -6.03 -8.49
CA GLU A 33 -1.61 -4.92 -8.92
C GLU A 33 -1.76 -3.89 -7.80
N VAL A 34 -2.24 -2.70 -8.17
CA VAL A 34 -2.42 -1.62 -7.20
C VAL A 34 -3.66 -0.80 -7.54
N LYS A 35 -4.51 -0.58 -6.54
CA LYS A 35 -5.73 0.21 -6.73
C LYS A 35 -5.66 1.51 -5.95
N ILE A 36 -6.08 2.60 -6.59
CA ILE A 36 -6.07 3.91 -5.96
C ILE A 36 -7.39 4.64 -6.18
N LEU A 37 -8.16 4.78 -5.11
CA LEU A 37 -9.45 5.47 -5.18
C LEU A 37 -9.51 6.62 -4.19
N ASN A 38 -10.18 7.70 -4.60
CA ASN A 38 -10.31 8.88 -3.75
C ASN A 38 -11.00 8.54 -2.43
N GLY A 39 -10.21 8.24 -1.40
CA GLY A 39 -10.76 7.89 -0.11
C GLY A 39 -10.06 6.70 0.51
N PHE A 40 -9.43 5.87 -0.32
CA PHE A 40 -8.73 4.69 0.15
C PHE A 40 -7.84 4.11 -0.95
N ALA A 41 -6.79 3.42 -0.54
CA ALA A 41 -5.86 2.81 -1.48
C ALA A 41 -5.69 1.32 -1.21
N PHE A 42 -5.29 0.57 -2.23
CA PHE A 42 -5.09 -0.87 -2.10
C PHE A 42 -3.88 -1.33 -2.90
N VAL A 43 -3.18 -2.33 -2.38
CA VAL A 43 -2.00 -2.86 -3.06
C VAL A 43 -1.93 -4.38 -2.91
N GLU A 44 -2.05 -5.08 -4.04
CA GLU A 44 -2.00 -6.53 -4.05
C GLU A 44 -0.64 -7.03 -4.53
N PHE A 45 0.12 -7.63 -3.62
CA PHE A 45 1.45 -8.15 -3.95
C PHE A 45 1.35 -9.57 -4.47
N GLU A 46 2.23 -9.91 -5.41
CA GLU A 46 2.25 -11.25 -6.00
C GLU A 46 2.83 -12.26 -5.02
N GLU A 47 3.27 -11.78 -3.86
CA GLU A 47 3.85 -12.65 -2.85
C GLU A 47 3.36 -12.25 -1.46
N ALA A 48 2.75 -13.20 -0.76
CA ALA A 48 2.24 -12.94 0.59
C ALA A 48 3.31 -12.30 1.46
N GLU A 49 4.53 -12.80 1.36
CA GLU A 49 5.64 -12.27 2.15
C GLU A 49 5.82 -10.77 1.90
N SER A 50 5.87 -10.40 0.62
CA SER A 50 6.05 -9.00 0.25
C SER A 50 4.93 -8.14 0.83
N ALA A 51 3.73 -8.70 0.88
CA ALA A 51 2.58 -7.99 1.42
C ALA A 51 2.66 -7.86 2.93
N ALA A 52 2.86 -8.99 3.61
CA ALA A 52 2.96 -8.99 5.07
C ALA A 52 4.04 -8.02 5.55
N LYS A 53 5.11 -7.90 4.76
CA LYS A 53 6.21 -7.02 5.10
C LYS A 53 5.85 -5.56 4.83
N ALA A 54 5.41 -5.29 3.61
CA ALA A 54 5.02 -3.94 3.22
C ALA A 54 4.04 -3.34 4.22
N ILE A 55 3.20 -4.19 4.81
CA ILE A 55 2.22 -3.74 5.78
C ILE A 55 2.90 -3.22 7.05
N GLU A 56 3.95 -3.91 7.48
CA GLU A 56 4.69 -3.51 8.67
C GLU A 56 5.78 -2.52 8.32
N GLU A 57 6.05 -2.36 7.03
CA GLU A 57 7.08 -1.44 6.57
C GLU A 57 6.48 -0.08 6.22
N VAL A 58 5.64 -0.05 5.20
CA VAL A 58 4.99 1.19 4.77
C VAL A 58 4.34 1.91 5.95
N HIS A 59 3.89 1.13 6.93
CA HIS A 59 3.24 1.70 8.11
C HIS A 59 4.22 2.58 8.89
N GLY A 60 3.90 3.87 8.99
CA GLY A 60 4.76 4.79 9.72
C GLY A 60 5.55 5.68 8.78
N LYS A 61 5.32 5.53 7.49
CA LYS A 61 6.03 6.33 6.49
C LYS A 61 5.51 7.77 6.48
N SER A 62 6.00 8.57 5.55
CA SER A 62 5.58 9.96 5.43
C SER A 62 5.03 10.25 4.04
N PHE A 63 3.95 11.02 3.98
CA PHE A 63 3.33 11.38 2.71
C PHE A 63 2.24 12.43 2.92
N ALA A 64 2.26 13.46 2.09
CA ALA A 64 1.27 14.54 2.18
C ALA A 64 1.35 15.24 3.53
N ASN A 65 2.56 15.37 4.05
CA ASN A 65 2.78 16.03 5.33
C ASN A 65 2.01 15.32 6.45
N GLN A 66 1.92 13.99 6.34
CA GLN A 66 1.22 13.19 7.34
C GLN A 66 1.72 11.75 7.33
N PRO A 67 1.63 11.08 8.48
CA PRO A 67 2.07 9.69 8.63
C PRO A 67 1.17 8.72 7.89
N LEU A 68 1.75 7.94 6.99
CA LEU A 68 1.00 6.95 6.22
C LEU A 68 0.53 5.81 7.10
N GLU A 69 -0.46 5.06 6.62
CA GLU A 69 -1.00 3.93 7.36
C GLU A 69 -1.43 2.81 6.42
N VAL A 70 -0.98 1.60 6.71
CA VAL A 70 -1.31 0.43 5.90
C VAL A 70 -1.81 -0.71 6.76
N VAL A 71 -2.77 -1.48 6.22
CA VAL A 71 -3.34 -2.60 6.94
C VAL A 71 -3.63 -3.77 5.99
N TYR A 72 -3.88 -4.94 6.56
CA TYR A 72 -4.17 -6.13 5.76
C TYR A 72 -5.55 -6.05 5.12
N SER A 73 -5.58 -5.59 3.88
CA SER A 73 -6.83 -5.46 3.15
C SER A 73 -7.60 -6.78 3.14
N LYS A 74 -8.83 -6.74 3.63
CA LYS A 74 -9.67 -7.93 3.68
C LYS A 74 -9.91 -8.49 2.29
N GLU A 1 -8.83 -13.51 9.56
CA GLU A 1 -9.49 -12.28 9.13
C GLU A 1 -8.68 -11.58 8.05
N LEU A 2 -7.36 -11.62 8.18
CA LEU A 2 -6.47 -11.00 7.20
C LEU A 2 -6.40 -11.82 5.92
N SER A 3 -5.81 -11.23 4.88
CA SER A 3 -5.68 -11.90 3.60
C SER A 3 -4.24 -12.30 3.33
N ASN A 4 -4.01 -12.98 2.21
CA ASN A 4 -2.67 -13.43 1.83
C ASN A 4 -1.95 -12.33 1.07
N THR A 5 -2.60 -11.79 0.04
CA THR A 5 -2.00 -10.74 -0.77
C THR A 5 -2.97 -9.57 -0.95
N ARG A 6 -2.87 -8.59 -0.07
CA ARG A 6 -3.73 -7.41 -0.13
C ARG A 6 -3.41 -6.44 1.00
N LEU A 7 -3.04 -5.22 0.62
CA LEU A 7 -2.70 -4.19 1.60
C LEU A 7 -3.56 -2.95 1.41
N PHE A 8 -4.28 -2.56 2.46
CA PHE A 8 -5.15 -1.40 2.41
C PHE A 8 -4.42 -0.16 2.92
N VAL A 9 -4.28 0.85 2.06
CA VAL A 9 -3.61 2.09 2.42
C VAL A 9 -4.61 3.20 2.72
N ARG A 10 -4.14 4.26 3.36
CA ARG A 10 -5.00 5.39 3.71
C ARG A 10 -5.27 6.25 2.48
N PRO A 11 -6.22 7.19 2.61
CA PRO A 11 -6.60 8.10 1.53
C PRO A 11 -5.50 9.12 1.22
N PHE A 12 -5.06 9.14 -0.03
CA PHE A 12 -4.01 10.07 -0.45
C PHE A 12 -4.62 11.33 -1.03
N PRO A 13 -3.83 12.42 -1.04
CA PRO A 13 -4.26 13.72 -1.56
C PRO A 13 -4.41 13.71 -3.08
N LEU A 14 -4.45 14.89 -3.67
CA LEU A 14 -4.60 15.03 -5.12
C LEU A 14 -3.54 14.20 -5.85
N ASP A 15 -2.47 13.86 -5.13
CA ASP A 15 -1.38 13.07 -5.71
C ASP A 15 -1.65 11.58 -5.53
N VAL A 16 -2.92 11.22 -5.37
CA VAL A 16 -3.30 9.83 -5.18
C VAL A 16 -3.25 9.07 -6.51
N GLN A 17 -2.11 8.45 -6.79
CA GLN A 17 -1.94 7.69 -8.02
C GLN A 17 -1.02 6.49 -7.79
N GLU A 18 -1.03 5.56 -8.74
CA GLU A 18 -0.19 4.37 -8.65
C GLU A 18 1.28 4.73 -8.70
N SER A 19 1.57 5.92 -9.22
CA SER A 19 2.95 6.39 -9.34
C SER A 19 3.65 6.36 -7.97
N GLU A 20 3.02 6.99 -6.99
CA GLU A 20 3.59 7.04 -5.64
C GLU A 20 3.59 5.65 -5.00
N LEU A 21 2.54 4.88 -5.28
CA LEU A 21 2.42 3.53 -4.74
C LEU A 21 3.51 2.62 -5.28
N ASN A 22 3.89 2.85 -6.53
CA ASN A 22 4.93 2.05 -7.17
C ASN A 22 6.31 2.42 -6.63
N GLU A 23 6.56 3.72 -6.51
CA GLU A 23 7.84 4.20 -6.00
C GLU A 23 7.97 3.96 -4.51
N ILE A 24 6.83 3.76 -3.84
CA ILE A 24 6.81 3.52 -2.41
C ILE A 24 6.84 2.02 -2.11
N PHE A 25 5.87 1.30 -2.64
CA PHE A 25 5.79 -0.14 -2.43
C PHE A 25 6.70 -0.89 -3.40
N GLY A 26 7.37 -0.14 -4.26
CA GLY A 26 8.27 -0.74 -5.23
C GLY A 26 9.32 -1.63 -4.58
N PRO A 27 10.13 -1.04 -3.69
CA PRO A 27 11.19 -1.76 -2.98
C PRO A 27 10.63 -2.75 -1.95
N PHE A 28 9.83 -3.70 -2.43
CA PHE A 28 9.24 -4.70 -1.56
C PHE A 28 9.01 -6.02 -2.31
N GLY A 29 8.53 -5.90 -3.55
CA GLY A 29 8.27 -7.09 -4.35
C GLY A 29 7.41 -6.80 -5.56
N PRO A 30 7.19 -7.82 -6.40
CA PRO A 30 6.38 -7.69 -7.60
C PRO A 30 4.89 -7.51 -7.29
N MET A 31 4.44 -6.27 -7.31
CA MET A 31 3.04 -5.96 -7.02
C MET A 31 2.12 -6.59 -8.07
N LYS A 32 1.32 -7.55 -7.65
CA LYS A 32 0.39 -8.23 -8.55
C LYS A 32 -0.65 -7.25 -9.09
N GLU A 33 -1.02 -6.27 -8.27
CA GLU A 33 -2.01 -5.27 -8.67
C GLU A 33 -2.03 -4.11 -7.69
N VAL A 34 -2.62 -3.00 -8.12
CA VAL A 34 -2.70 -1.81 -7.28
C VAL A 34 -3.96 -1.01 -7.59
N LYS A 35 -4.54 -0.39 -6.56
CA LYS A 35 -5.74 0.41 -6.71
C LYS A 35 -5.65 1.70 -5.92
N ILE A 36 -6.04 2.80 -6.54
CA ILE A 36 -6.00 4.11 -5.89
C ILE A 36 -7.29 4.88 -6.12
N LEU A 37 -8.08 5.03 -5.07
CA LEU A 37 -9.35 5.74 -5.16
C LEU A 37 -9.40 6.89 -4.14
N ASN A 38 -10.08 7.97 -4.51
CA ASN A 38 -10.21 9.13 -3.63
C ASN A 38 -10.94 8.75 -2.35
N GLY A 39 -10.17 8.37 -1.33
CA GLY A 39 -10.76 7.99 -0.05
C GLY A 39 -10.12 6.75 0.54
N PHE A 40 -9.50 5.95 -0.31
CA PHE A 40 -8.85 4.72 0.13
C PHE A 40 -7.97 4.15 -0.97
N ALA A 41 -6.92 3.43 -0.56
CA ALA A 41 -6.00 2.81 -1.51
C ALA A 41 -5.79 1.34 -1.21
N PHE A 42 -5.43 0.58 -2.23
CA PHE A 42 -5.19 -0.86 -2.06
C PHE A 42 -3.99 -1.31 -2.89
N VAL A 43 -3.29 -2.33 -2.39
CA VAL A 43 -2.13 -2.86 -3.08
C VAL A 43 -1.99 -4.36 -2.87
N GLU A 44 -2.13 -5.11 -3.95
CA GLU A 44 -2.04 -6.57 -3.88
C GLU A 44 -0.69 -7.05 -4.41
N PHE A 45 0.15 -7.58 -3.51
CA PHE A 45 1.47 -8.07 -3.89
C PHE A 45 1.38 -9.49 -4.45
N GLU A 46 2.28 -9.81 -5.37
CA GLU A 46 2.31 -11.13 -5.99
C GLU A 46 2.86 -12.17 -5.02
N GLU A 47 3.30 -11.71 -3.85
CA GLU A 47 3.86 -12.61 -2.84
C GLU A 47 3.37 -12.23 -1.44
N ALA A 48 2.76 -13.18 -0.76
CA ALA A 48 2.25 -12.95 0.59
C ALA A 48 3.31 -12.30 1.47
N GLU A 49 4.53 -12.82 1.39
CA GLU A 49 5.63 -12.29 2.19
C GLU A 49 5.83 -10.80 1.93
N SER A 50 5.92 -10.43 0.66
CA SER A 50 6.11 -9.03 0.28
C SER A 50 5.01 -8.16 0.87
N ALA A 51 3.78 -8.66 0.84
CA ALA A 51 2.64 -7.94 1.37
C ALA A 51 2.73 -7.80 2.88
N ALA A 52 2.89 -8.93 3.57
CA ALA A 52 2.98 -8.94 5.02
C ALA A 52 4.09 -8.00 5.50
N LYS A 53 5.14 -7.86 4.71
CA LYS A 53 6.25 -6.99 5.06
C LYS A 53 5.89 -5.53 4.82
N ALA A 54 5.46 -5.21 3.60
CA ALA A 54 5.07 -3.85 3.26
C ALA A 54 4.08 -3.29 4.26
N ILE A 55 3.23 -4.16 4.80
CA ILE A 55 2.22 -3.76 5.78
C ILE A 55 2.88 -3.21 7.05
N GLU A 56 3.96 -3.85 7.47
CA GLU A 56 4.67 -3.43 8.67
C GLU A 56 5.72 -2.36 8.33
N GLU A 57 6.13 -2.33 7.06
CA GLU A 57 7.13 -1.36 6.62
C GLU A 57 6.48 -0.01 6.32
N VAL A 58 5.63 0.01 5.29
CA VAL A 58 4.95 1.23 4.89
C VAL A 58 4.24 1.87 6.09
N HIS A 59 3.54 1.05 6.86
CA HIS A 59 2.81 1.53 8.03
C HIS A 59 3.72 2.38 8.92
N GLY A 60 3.32 3.63 9.15
CA GLY A 60 4.11 4.51 9.98
C GLY A 60 5.02 5.42 9.17
N LYS A 61 4.87 5.38 7.85
CA LYS A 61 5.68 6.20 6.96
C LYS A 61 5.10 7.60 6.83
N SER A 62 5.74 8.43 6.00
CA SER A 62 5.28 9.80 5.80
C SER A 62 5.08 10.08 4.32
N PHE A 63 4.14 10.98 4.01
CA PHE A 63 3.85 11.36 2.63
C PHE A 63 2.90 12.54 2.57
N ALA A 64 3.21 13.49 1.69
CA ALA A 64 2.38 14.68 1.54
C ALA A 64 2.18 15.40 2.88
N ASN A 65 3.25 15.43 3.68
CA ASN A 65 3.19 16.08 4.99
C ASN A 65 2.12 15.44 5.87
N GLN A 66 1.92 14.14 5.69
CA GLN A 66 0.93 13.40 6.46
C GLN A 66 1.39 11.97 6.73
N PRO A 67 1.05 11.45 7.92
CA PRO A 67 1.43 10.08 8.31
C PRO A 67 0.68 9.02 7.51
N LEU A 68 1.42 8.10 6.91
CA LEU A 68 0.82 7.03 6.12
C LEU A 68 0.39 5.87 7.01
N GLU A 69 -0.50 5.04 6.50
CA GLU A 69 -1.00 3.88 7.25
C GLU A 69 -1.42 2.76 6.31
N VAL A 70 -0.92 1.56 6.57
CA VAL A 70 -1.26 0.40 5.74
C VAL A 70 -1.55 -0.81 6.61
N VAL A 71 -2.53 -1.60 6.18
CA VAL A 71 -2.92 -2.80 6.92
C VAL A 71 -3.31 -3.92 5.96
N TYR A 72 -3.51 -5.11 6.52
CA TYR A 72 -3.89 -6.28 5.72
C TYR A 72 -5.32 -6.15 5.20
N SER A 73 -5.46 -5.78 3.94
CA SER A 73 -6.78 -5.62 3.33
C SER A 73 -7.53 -6.94 3.31
N LYS A 74 -8.61 -7.00 4.08
CA LYS A 74 -9.43 -8.21 4.15
C LYS A 74 -10.20 -8.42 2.86
N GLU A 1 -8.71 -13.75 9.57
CA GLU A 1 -9.41 -12.53 9.22
C GLU A 1 -8.70 -11.80 8.08
N LEU A 2 -7.40 -11.60 8.23
CA LEU A 2 -6.61 -10.91 7.22
C LEU A 2 -6.54 -11.74 5.94
N SER A 3 -5.84 -11.21 4.93
CA SER A 3 -5.70 -11.90 3.65
C SER A 3 -4.24 -12.28 3.41
N ASN A 4 -4.00 -12.96 2.29
CA ASN A 4 -2.66 -13.39 1.94
C ASN A 4 -1.92 -12.31 1.15
N THR A 5 -2.57 -11.79 0.11
CA THR A 5 -1.98 -10.75 -0.72
C THR A 5 -2.94 -9.59 -0.90
N ARG A 6 -2.85 -8.60 -0.02
CA ARG A 6 -3.71 -7.42 -0.09
C ARG A 6 -3.39 -6.44 1.03
N LEU A 7 -3.05 -5.21 0.65
CA LEU A 7 -2.71 -4.18 1.63
C LEU A 7 -3.58 -2.94 1.42
N PHE A 8 -4.30 -2.54 2.46
CA PHE A 8 -5.17 -1.37 2.40
C PHE A 8 -4.44 -0.13 2.91
N VAL A 9 -4.28 0.85 2.03
CA VAL A 9 -3.62 2.10 2.39
C VAL A 9 -4.62 3.21 2.66
N ARG A 10 -4.14 4.28 3.30
CA ARG A 10 -5.00 5.41 3.62
C ARG A 10 -5.27 6.26 2.39
N PRO A 11 -6.22 7.20 2.51
CA PRO A 11 -6.58 8.10 1.41
C PRO A 11 -5.48 9.11 1.10
N PHE A 12 -5.04 9.13 -0.15
CA PHE A 12 -3.99 10.05 -0.58
C PHE A 12 -4.60 11.33 -1.15
N PRO A 13 -3.79 12.41 -1.15
CA PRO A 13 -4.23 13.71 -1.66
C PRO A 13 -4.38 13.72 -3.18
N LEU A 14 -4.41 14.90 -3.77
CA LEU A 14 -4.55 15.04 -5.21
C LEU A 14 -3.49 14.22 -5.95
N ASP A 15 -2.42 13.88 -5.24
CA ASP A 15 -1.34 13.10 -5.81
C ASP A 15 -1.60 11.60 -5.66
N VAL A 16 -2.87 11.24 -5.48
CA VAL A 16 -3.25 9.84 -5.32
C VAL A 16 -3.19 9.11 -6.65
N GLN A 17 -2.06 8.47 -6.92
CA GLN A 17 -1.87 7.72 -8.16
C GLN A 17 -0.97 6.52 -7.94
N GLU A 18 -0.95 5.60 -8.91
CA GLU A 18 -0.13 4.40 -8.82
C GLU A 18 1.35 4.76 -8.85
N SER A 19 1.67 5.93 -9.39
CA SER A 19 3.05 6.38 -9.47
C SER A 19 3.73 6.32 -8.11
N GLU A 20 3.09 6.92 -7.11
CA GLU A 20 3.63 6.92 -5.75
C GLU A 20 3.57 5.53 -5.13
N LEU A 21 2.50 4.79 -5.43
CA LEU A 21 2.33 3.44 -4.91
C LEU A 21 3.48 2.54 -5.35
N ASN A 22 3.89 2.68 -6.60
CA ASN A 22 4.97 1.87 -7.15
C ASN A 22 6.32 2.37 -6.64
N GLU A 23 6.47 3.69 -6.55
CA GLU A 23 7.72 4.28 -6.08
C GLU A 23 7.90 4.06 -4.57
N ILE A 24 6.80 3.74 -3.90
CA ILE A 24 6.83 3.49 -2.46
C ILE A 24 6.85 1.99 -2.16
N PHE A 25 5.87 1.27 -2.68
CA PHE A 25 5.78 -0.16 -2.47
C PHE A 25 6.68 -0.92 -3.44
N GLY A 26 7.38 -0.17 -4.29
CA GLY A 26 8.28 -0.78 -5.25
C GLY A 26 9.30 -1.68 -4.60
N PRO A 27 10.14 -1.09 -3.72
CA PRO A 27 11.19 -1.83 -3.02
C PRO A 27 10.62 -2.80 -1.99
N PHE A 28 9.81 -3.74 -2.45
CA PHE A 28 9.20 -4.72 -1.57
C PHE A 28 8.96 -6.04 -2.31
N GLY A 29 8.49 -5.95 -3.55
CA GLY A 29 8.23 -7.14 -4.34
C GLY A 29 7.38 -6.84 -5.55
N PRO A 30 7.16 -7.87 -6.38
CA PRO A 30 6.35 -7.75 -7.60
C PRO A 30 4.87 -7.54 -7.29
N MET A 31 4.46 -6.27 -7.24
CA MET A 31 3.06 -5.94 -6.96
C MET A 31 2.14 -6.53 -8.02
N LYS A 32 1.37 -7.53 -7.64
CA LYS A 32 0.44 -8.18 -8.57
C LYS A 32 -0.55 -7.17 -9.14
N GLU A 33 -0.95 -6.20 -8.32
CA GLU A 33 -1.88 -5.17 -8.76
C GLU A 33 -1.94 -4.02 -7.74
N VAL A 34 -2.49 -2.89 -8.17
CA VAL A 34 -2.60 -1.73 -7.31
C VAL A 34 -3.85 -0.92 -7.64
N LYS A 35 -4.50 -0.39 -6.60
CA LYS A 35 -5.71 0.40 -6.78
C LYS A 35 -5.62 1.71 -6.01
N ILE A 36 -6.01 2.80 -6.66
CA ILE A 36 -5.98 4.12 -6.02
C ILE A 36 -7.29 4.87 -6.25
N LEU A 37 -8.06 5.03 -5.18
CA LEU A 37 -9.34 5.73 -5.26
C LEU A 37 -9.39 6.89 -4.28
N ASN A 38 -10.09 7.95 -4.64
CA ASN A 38 -10.21 9.12 -3.79
C ASN A 38 -10.95 8.77 -2.49
N GLY A 39 -10.18 8.35 -1.48
CA GLY A 39 -10.77 7.99 -0.21
C GLY A 39 -10.12 6.77 0.40
N PHE A 40 -9.49 5.95 -0.43
CA PHE A 40 -8.83 4.74 0.04
C PHE A 40 -7.94 4.15 -1.06
N ALA A 41 -6.92 3.41 -0.64
CA ALA A 41 -5.98 2.79 -1.58
C ALA A 41 -5.78 1.32 -1.27
N PHE A 42 -5.45 0.54 -2.29
CA PHE A 42 -5.22 -0.90 -2.11
C PHE A 42 -4.01 -1.35 -2.91
N VAL A 43 -3.29 -2.34 -2.39
CA VAL A 43 -2.11 -2.88 -3.06
C VAL A 43 -2.01 -4.39 -2.87
N GLU A 44 -2.13 -5.12 -3.97
CA GLU A 44 -2.04 -6.57 -3.93
C GLU A 44 -0.69 -7.06 -4.44
N PHE A 45 0.12 -7.59 -3.54
CA PHE A 45 1.44 -8.09 -3.89
C PHE A 45 1.36 -9.50 -4.44
N GLU A 46 2.24 -9.83 -5.38
CA GLU A 46 2.27 -11.16 -5.99
C GLU A 46 2.82 -12.20 -5.01
N GLU A 47 3.28 -11.72 -3.86
CA GLU A 47 3.84 -12.60 -2.84
C GLU A 47 3.36 -12.20 -1.44
N ALA A 48 2.76 -13.15 -0.74
CA ALA A 48 2.25 -12.90 0.61
C ALA A 48 3.32 -12.24 1.48
N GLU A 49 4.55 -12.75 1.38
CA GLU A 49 5.66 -12.21 2.16
C GLU A 49 5.84 -10.72 1.89
N SER A 50 5.94 -10.35 0.61
CA SER A 50 6.13 -8.97 0.21
C SER A 50 5.03 -8.08 0.80
N ALA A 51 3.80 -8.61 0.82
CA ALA A 51 2.67 -7.87 1.35
C ALA A 51 2.76 -7.73 2.87
N ALA A 52 2.92 -8.87 3.55
CA ALA A 52 3.03 -8.87 5.01
C ALA A 52 4.13 -7.93 5.48
N LYS A 53 5.17 -7.79 4.66
CA LYS A 53 6.28 -6.91 5.00
C LYS A 53 5.92 -5.44 4.76
N ALA A 54 5.43 -5.15 3.56
CA ALA A 54 5.04 -3.80 3.20
C ALA A 54 4.07 -3.22 4.22
N ILE A 55 3.23 -4.08 4.80
CA ILE A 55 2.26 -3.66 5.80
C ILE A 55 2.95 -3.14 7.05
N GLU A 56 4.00 -3.84 7.48
CA GLU A 56 4.74 -3.44 8.68
C GLU A 56 5.81 -2.41 8.33
N GLU A 57 6.10 -2.27 7.04
CA GLU A 57 7.10 -1.31 6.58
C GLU A 57 6.45 0.04 6.29
N VAL A 58 5.63 0.07 5.25
CA VAL A 58 4.94 1.30 4.85
C VAL A 58 4.23 1.95 6.05
N HIS A 59 3.71 1.11 6.94
CA HIS A 59 3.01 1.60 8.13
C HIS A 59 3.92 2.51 8.96
N GLY A 60 3.52 3.77 9.10
CA GLY A 60 4.30 4.70 9.87
C GLY A 60 5.18 5.59 9.00
N LYS A 61 5.03 5.45 7.68
CA LYS A 61 5.81 6.23 6.74
C LYS A 61 5.32 7.67 6.67
N SER A 62 5.91 8.46 5.79
CA SER A 62 5.53 9.86 5.63
C SER A 62 5.05 10.13 4.21
N PHE A 63 4.01 10.96 4.09
CA PHE A 63 3.46 11.30 2.78
C PHE A 63 2.41 12.40 2.92
N ALA A 64 2.55 13.44 2.10
CA ALA A 64 1.62 14.56 2.12
C ALA A 64 1.62 15.26 3.48
N ASN A 65 2.80 15.35 4.09
CA ASN A 65 2.95 15.99 5.38
C ASN A 65 2.09 15.28 6.43
N GLN A 66 1.92 13.97 6.27
CA GLN A 66 1.13 13.18 7.21
C GLN A 66 1.62 11.73 7.24
N PRO A 67 1.46 11.09 8.40
CA PRO A 67 1.87 9.69 8.59
C PRO A 67 0.99 8.72 7.82
N LEU A 68 1.62 7.94 6.94
CA LEU A 68 0.90 6.96 6.13
C LEU A 68 0.38 5.82 7.00
N GLU A 69 -0.55 5.04 6.45
CA GLU A 69 -1.13 3.91 7.17
C GLU A 69 -1.46 2.77 6.22
N VAL A 70 -1.01 1.57 6.56
CA VAL A 70 -1.27 0.39 5.73
C VAL A 70 -1.56 -0.83 6.59
N VAL A 71 -2.60 -1.57 6.22
CA VAL A 71 -2.99 -2.76 6.95
C VAL A 71 -3.38 -3.89 6.00
N TYR A 72 -3.59 -5.09 6.55
CA TYR A 72 -3.97 -6.24 5.75
C TYR A 72 -5.42 -6.14 5.30
N SER A 73 -5.61 -5.76 4.05
CA SER A 73 -6.96 -5.62 3.49
C SER A 73 -7.78 -6.88 3.72
N LYS A 74 -8.84 -6.75 4.51
CA LYS A 74 -9.71 -7.88 4.81
C LYS A 74 -10.47 -8.33 3.57
N GLU A 1 -8.97 -13.79 9.20
CA GLU A 1 -9.60 -12.53 8.82
C GLU A 1 -8.78 -11.82 7.74
N LEU A 2 -7.50 -11.60 8.03
CA LEU A 2 -6.61 -10.92 7.09
C LEU A 2 -6.51 -11.71 5.79
N SER A 3 -5.88 -11.11 4.79
CA SER A 3 -5.72 -11.73 3.48
C SER A 3 -4.27 -12.16 3.26
N ASN A 4 -4.04 -12.88 2.16
CA ASN A 4 -2.69 -13.35 1.84
C ASN A 4 -1.91 -12.28 1.08
N THR A 5 -2.55 -11.70 0.06
CA THR A 5 -1.91 -10.66 -0.74
C THR A 5 -2.84 -9.49 -0.95
N ARG A 6 -2.74 -8.49 -0.08
CA ARG A 6 -3.59 -7.31 -0.16
C ARG A 6 -3.27 -6.33 0.96
N LEU A 7 -2.91 -5.11 0.60
CA LEU A 7 -2.58 -4.08 1.57
C LEU A 7 -3.45 -2.84 1.39
N PHE A 8 -4.18 -2.47 2.42
CA PHE A 8 -5.05 -1.30 2.37
C PHE A 8 -4.35 -0.06 2.91
N VAL A 9 -4.17 0.93 2.06
CA VAL A 9 -3.51 2.18 2.45
C VAL A 9 -4.52 3.28 2.72
N ARG A 10 -4.07 4.34 3.38
CA ARG A 10 -4.94 5.47 3.70
C ARG A 10 -5.20 6.33 2.47
N PRO A 11 -6.14 7.27 2.59
CA PRO A 11 -6.50 8.18 1.49
C PRO A 11 -5.40 9.19 1.21
N PHE A 12 -4.93 9.21 -0.04
CA PHE A 12 -3.89 10.13 -0.45
C PHE A 12 -4.48 11.41 -1.03
N PRO A 13 -3.68 12.49 -1.04
CA PRO A 13 -4.11 13.78 -1.56
C PRO A 13 -4.27 13.78 -3.08
N LEU A 14 -4.27 14.96 -3.68
CA LEU A 14 -4.41 15.09 -5.13
C LEU A 14 -3.41 14.21 -5.85
N ASP A 15 -2.34 13.84 -5.16
CA ASP A 15 -1.30 12.99 -5.74
C ASP A 15 -1.63 11.52 -5.52
N VAL A 16 -2.91 11.22 -5.35
CA VAL A 16 -3.35 9.84 -5.13
C VAL A 16 -3.38 9.06 -6.43
N GLN A 17 -2.25 8.44 -6.77
CA GLN A 17 -2.15 7.65 -7.99
C GLN A 17 -1.20 6.48 -7.81
N GLU A 18 -1.31 5.48 -8.68
CA GLU A 18 -0.46 4.29 -8.61
C GLU A 18 1.01 4.69 -8.71
N SER A 19 1.27 5.86 -9.27
CA SER A 19 2.64 6.34 -9.42
C SER A 19 3.37 6.33 -8.09
N GLU A 20 2.78 6.98 -7.09
CA GLU A 20 3.39 7.05 -5.76
C GLU A 20 3.36 5.68 -5.09
N LEU A 21 2.24 4.97 -5.25
CA LEU A 21 2.08 3.65 -4.65
C LEU A 21 3.13 2.67 -5.19
N ASN A 22 3.55 2.89 -6.43
CA ASN A 22 4.55 2.04 -7.07
C ASN A 22 5.95 2.42 -6.61
N GLU A 23 6.22 3.71 -6.54
CA GLU A 23 7.53 4.20 -6.12
C GLU A 23 7.74 3.97 -4.63
N ILE A 24 6.64 3.78 -3.91
CA ILE A 24 6.70 3.55 -2.47
C ILE A 24 6.76 2.06 -2.16
N PHE A 25 5.79 1.31 -2.67
CA PHE A 25 5.72 -0.13 -2.44
C PHE A 25 6.63 -0.87 -3.41
N GLY A 26 7.29 -0.12 -4.30
CA GLY A 26 8.19 -0.72 -5.27
C GLY A 26 9.24 -1.59 -4.62
N PRO A 27 10.06 -0.97 -3.75
CA PRO A 27 11.14 -1.68 -3.05
C PRO A 27 10.61 -2.65 -2.00
N PHE A 28 9.81 -3.62 -2.45
CA PHE A 28 9.23 -4.61 -1.55
C PHE A 28 9.01 -5.94 -2.27
N GLY A 29 8.53 -5.85 -3.51
CA GLY A 29 8.28 -7.05 -4.29
C GLY A 29 7.43 -6.77 -5.52
N PRO A 30 7.27 -7.80 -6.37
CA PRO A 30 6.49 -7.69 -7.60
C PRO A 30 4.99 -7.56 -7.32
N MET A 31 4.48 -6.33 -7.41
CA MET A 31 3.07 -6.07 -7.17
C MET A 31 2.21 -6.72 -8.25
N LYS A 32 1.31 -7.60 -7.83
CA LYS A 32 0.42 -8.28 -8.75
C LYS A 32 -0.72 -7.37 -9.20
N GLU A 33 -1.08 -6.43 -8.34
CA GLU A 33 -2.16 -5.49 -8.64
C GLU A 33 -2.08 -4.26 -7.75
N VAL A 34 -2.73 -3.18 -8.17
CA VAL A 34 -2.74 -1.94 -7.42
C VAL A 34 -3.99 -1.12 -7.70
N LYS A 35 -4.73 -0.79 -6.65
CA LYS A 35 -5.96 -0.01 -6.79
C LYS A 35 -5.83 1.34 -6.08
N ILE A 36 -6.16 2.40 -6.79
CA ILE A 36 -6.07 3.75 -6.23
C ILE A 36 -7.40 4.49 -6.39
N LEU A 37 -8.09 4.69 -5.26
CA LEU A 37 -9.38 5.38 -5.28
C LEU A 37 -9.35 6.59 -4.34
N ASN A 38 -10.07 7.64 -4.70
CA ASN A 38 -10.13 8.84 -3.89
C ASN A 38 -10.79 8.57 -2.55
N GLY A 39 -9.98 8.24 -1.55
CA GLY A 39 -10.50 7.95 -0.22
C GLY A 39 -9.88 6.72 0.39
N PHE A 40 -9.28 5.89 -0.45
CA PHE A 40 -8.65 4.66 0.01
C PHE A 40 -7.76 4.05 -1.07
N ALA A 41 -6.68 3.39 -0.65
CA ALA A 41 -5.76 2.77 -1.60
C ALA A 41 -5.59 1.29 -1.29
N PHE A 42 -5.25 0.51 -2.31
CA PHE A 42 -5.06 -0.92 -2.16
C PHE A 42 -3.89 -1.42 -3.01
N VAL A 43 -3.13 -2.36 -2.46
CA VAL A 43 -1.98 -2.92 -3.17
C VAL A 43 -1.87 -4.42 -2.94
N GLU A 44 -1.98 -5.18 -4.03
CA GLU A 44 -1.89 -6.64 -3.95
C GLU A 44 -0.54 -7.13 -4.46
N PHE A 45 0.28 -7.63 -3.54
CA PHE A 45 1.60 -8.13 -3.89
C PHE A 45 1.52 -9.55 -4.43
N GLU A 46 2.38 -9.87 -5.39
CA GLU A 46 2.40 -11.19 -6.00
C GLU A 46 2.84 -12.25 -4.99
N GLU A 47 3.35 -11.79 -3.84
CA GLU A 47 3.80 -12.69 -2.80
C GLU A 47 3.30 -12.24 -1.42
N ALA A 48 2.67 -13.15 -0.70
CA ALA A 48 2.15 -12.85 0.63
C ALA A 48 3.23 -12.24 1.51
N GLU A 49 4.42 -12.82 1.48
CA GLU A 49 5.52 -12.33 2.28
C GLU A 49 5.78 -10.85 2.02
N SER A 50 5.92 -10.50 0.74
CA SER A 50 6.18 -9.12 0.35
C SER A 50 5.08 -8.19 0.88
N ALA A 51 3.85 -8.68 0.87
CA ALA A 51 2.71 -7.90 1.36
C ALA A 51 2.78 -7.73 2.87
N ALA A 52 2.90 -8.85 3.58
CA ALA A 52 2.96 -8.83 5.04
C ALA A 52 4.05 -7.87 5.52
N LYS A 53 5.14 -7.80 4.77
CA LYS A 53 6.25 -6.92 5.12
C LYS A 53 5.91 -5.47 4.85
N ALA A 54 5.50 -5.18 3.62
CA ALA A 54 5.13 -3.81 3.24
C ALA A 54 4.12 -3.23 4.21
N ILE A 55 3.26 -4.09 4.76
CA ILE A 55 2.23 -3.64 5.70
C ILE A 55 2.87 -3.08 6.96
N GLU A 56 3.93 -3.72 7.43
CA GLU A 56 4.64 -3.28 8.63
C GLU A 56 5.67 -2.21 8.30
N GLU A 57 6.10 -2.18 7.04
CA GLU A 57 7.09 -1.21 6.59
C GLU A 57 6.44 0.13 6.29
N VAL A 58 5.58 0.14 5.27
CA VAL A 58 4.89 1.36 4.88
C VAL A 58 4.14 1.98 6.06
N HIS A 59 3.63 1.13 6.93
CA HIS A 59 2.90 1.59 8.11
C HIS A 59 3.78 2.47 8.99
N GLY A 60 3.32 3.68 9.27
CA GLY A 60 4.08 4.59 10.10
C GLY A 60 5.01 5.47 9.29
N LYS A 61 4.92 5.38 7.97
CA LYS A 61 5.75 6.17 7.07
C LYS A 61 5.24 7.61 6.97
N SER A 62 5.88 8.40 6.13
CA SER A 62 5.49 9.79 5.94
C SER A 62 5.23 10.09 4.47
N PHE A 63 4.25 10.96 4.20
CA PHE A 63 3.91 11.33 2.84
C PHE A 63 2.90 12.47 2.83
N ALA A 64 3.15 13.47 1.98
CA ALA A 64 2.27 14.62 1.87
C ALA A 64 2.14 15.35 3.21
N ASN A 65 3.25 15.42 3.94
CA ASN A 65 3.27 16.09 5.23
C ASN A 65 2.27 15.44 6.19
N GLN A 66 2.05 14.15 6.03
CA GLN A 66 1.12 13.40 6.88
C GLN A 66 1.58 11.96 7.06
N PRO A 67 1.27 11.40 8.24
CA PRO A 67 1.64 10.02 8.56
C PRO A 67 0.85 8.99 7.75
N LEU A 68 1.55 8.07 7.11
CA LEU A 68 0.91 7.05 6.30
C LEU A 68 0.45 5.87 7.16
N GLU A 69 -0.45 5.07 6.62
CA GLU A 69 -0.97 3.91 7.35
C GLU A 69 -1.39 2.80 6.38
N VAL A 70 -0.91 1.59 6.64
CA VAL A 70 -1.23 0.44 5.80
C VAL A 70 -1.54 -0.79 6.64
N VAL A 71 -2.55 -1.54 6.22
CA VAL A 71 -2.95 -2.75 6.94
C VAL A 71 -3.34 -3.87 5.97
N TYR A 72 -3.55 -5.07 6.50
CA TYR A 72 -3.92 -6.20 5.68
C TYR A 72 -5.37 -6.09 5.21
N SER A 73 -5.54 -5.65 3.95
CA SER A 73 -6.86 -5.49 3.38
C SER A 73 -7.71 -6.75 3.58
N LYS A 74 -8.86 -6.58 4.21
CA LYS A 74 -9.76 -7.71 4.47
C LYS A 74 -10.22 -8.34 3.17
N GLU A 1 -9.28 -13.63 9.16
CA GLU A 1 -9.88 -12.37 8.73
C GLU A 1 -9.02 -11.69 7.67
N LEU A 2 -7.76 -11.44 8.00
CA LEU A 2 -6.84 -10.81 7.07
C LEU A 2 -6.72 -11.60 5.77
N SER A 3 -6.00 -11.04 4.81
CA SER A 3 -5.83 -11.71 3.52
C SER A 3 -4.37 -12.13 3.33
N ASN A 4 -4.11 -12.88 2.26
CA ASN A 4 -2.76 -13.34 1.96
C ASN A 4 -1.95 -12.26 1.25
N THR A 5 -2.54 -11.69 0.20
CA THR A 5 -1.88 -10.65 -0.57
C THR A 5 -2.81 -9.48 -0.83
N ARG A 6 -2.79 -8.50 0.06
CA ARG A 6 -3.65 -7.32 -0.07
C ARG A 6 -3.42 -6.36 1.09
N LEU A 7 -2.94 -5.16 0.77
CA LEU A 7 -2.68 -4.15 1.80
C LEU A 7 -3.48 -2.88 1.51
N PHE A 8 -4.27 -2.45 2.50
CA PHE A 8 -5.08 -1.25 2.36
C PHE A 8 -4.37 -0.03 2.92
N VAL A 9 -4.17 0.98 2.08
CA VAL A 9 -3.50 2.20 2.49
C VAL A 9 -4.50 3.33 2.76
N ARG A 10 -4.03 4.39 3.39
CA ARG A 10 -4.88 5.53 3.70
C ARG A 10 -5.13 6.39 2.46
N PRO A 11 -6.08 7.32 2.55
CA PRO A 11 -6.43 8.22 1.45
C PRO A 11 -5.32 9.22 1.14
N PHE A 12 -4.85 9.23 -0.10
CA PHE A 12 -3.80 10.15 -0.52
C PHE A 12 -4.39 11.43 -1.10
N PRO A 13 -3.58 12.50 -1.12
CA PRO A 13 -4.00 13.80 -1.65
C PRO A 13 -4.18 13.78 -3.15
N LEU A 14 -4.16 14.97 -3.76
CA LEU A 14 -4.31 15.09 -5.20
C LEU A 14 -3.32 14.19 -5.94
N ASP A 15 -2.25 13.82 -5.24
CA ASP A 15 -1.22 12.96 -5.82
C ASP A 15 -1.57 11.49 -5.61
N VAL A 16 -2.85 11.20 -5.43
CA VAL A 16 -3.32 9.85 -5.21
C VAL A 16 -3.40 9.07 -6.53
N GLN A 17 -2.31 8.40 -6.88
CA GLN A 17 -2.25 7.62 -8.11
C GLN A 17 -1.35 6.40 -7.95
N GLU A 18 -1.28 5.58 -8.98
CA GLU A 18 -0.46 4.37 -8.96
C GLU A 18 1.02 4.74 -8.96
N SER A 19 1.34 5.94 -9.44
CA SER A 19 2.73 6.39 -9.50
C SER A 19 3.37 6.36 -8.11
N GLU A 20 2.65 6.88 -7.12
CA GLU A 20 3.15 6.91 -5.75
C GLU A 20 3.08 5.52 -5.11
N LEU A 21 2.00 4.81 -5.39
CA LEU A 21 1.81 3.47 -4.84
C LEU A 21 2.88 2.52 -5.35
N ASN A 22 3.32 2.74 -6.60
CA ASN A 22 4.35 1.90 -7.20
C ASN A 22 5.75 2.34 -6.74
N GLU A 23 5.97 3.65 -6.71
CA GLU A 23 7.25 4.19 -6.29
C GLU A 23 7.47 3.99 -4.79
N ILE A 24 6.38 3.74 -4.07
CA ILE A 24 6.45 3.53 -2.63
C ILE A 24 6.54 2.05 -2.29
N PHE A 25 5.56 1.28 -2.77
CA PHE A 25 5.53 -0.16 -2.52
C PHE A 25 6.42 -0.90 -3.51
N GLY A 26 7.07 -0.14 -4.39
CA GLY A 26 7.94 -0.75 -5.38
C GLY A 26 9.03 -1.60 -4.76
N PRO A 27 9.88 -0.95 -3.95
CA PRO A 27 10.99 -1.62 -3.26
C PRO A 27 10.52 -2.57 -2.17
N PHE A 28 9.73 -3.57 -2.56
CA PHE A 28 9.20 -4.54 -1.60
C PHE A 28 9.02 -5.90 -2.26
N GLY A 29 8.52 -5.90 -3.49
CA GLY A 29 8.30 -7.14 -4.21
C GLY A 29 7.49 -6.94 -5.48
N PRO A 30 7.29 -8.04 -6.24
CA PRO A 30 6.53 -8.00 -7.49
C PRO A 30 5.04 -7.77 -7.25
N MET A 31 4.64 -6.51 -7.19
CA MET A 31 3.25 -6.15 -6.97
C MET A 31 2.37 -6.68 -8.10
N LYS A 32 1.53 -7.66 -7.78
CA LYS A 32 0.63 -8.25 -8.77
C LYS A 32 -0.35 -7.21 -9.30
N GLU A 33 -0.96 -6.45 -8.40
CA GLU A 33 -1.91 -5.42 -8.78
C GLU A 33 -1.89 -4.26 -7.78
N VAL A 34 -2.49 -3.14 -8.18
CA VAL A 34 -2.54 -1.96 -7.33
C VAL A 34 -3.77 -1.12 -7.63
N LYS A 35 -4.53 -0.79 -6.58
CA LYS A 35 -5.73 0.02 -6.73
C LYS A 35 -5.60 1.33 -5.98
N ILE A 36 -5.96 2.43 -6.65
CA ILE A 36 -5.89 3.75 -6.05
C ILE A 36 -7.17 4.54 -6.29
N LEU A 37 -7.94 4.75 -5.23
CA LEU A 37 -9.19 5.49 -5.33
C LEU A 37 -9.20 6.67 -4.36
N ASN A 38 -9.89 7.74 -4.75
CA ASN A 38 -9.98 8.93 -3.91
C ASN A 38 -10.70 8.63 -2.60
N GLY A 39 -9.92 8.31 -1.57
CA GLY A 39 -10.49 8.00 -0.28
C GLY A 39 -9.87 6.77 0.36
N PHE A 40 -9.24 5.94 -0.45
CA PHE A 40 -8.60 4.72 0.03
C PHE A 40 -7.70 4.12 -1.04
N ALA A 41 -6.64 3.45 -0.60
CA ALA A 41 -5.70 2.82 -1.51
C ALA A 41 -5.55 1.33 -1.22
N PHE A 42 -5.16 0.57 -2.23
CA PHE A 42 -4.98 -0.87 -2.08
C PHE A 42 -3.81 -1.37 -2.92
N VAL A 43 -3.07 -2.34 -2.38
CA VAL A 43 -1.92 -2.90 -3.08
C VAL A 43 -1.84 -4.41 -2.89
N GLU A 44 -1.97 -5.14 -3.99
CA GLU A 44 -1.91 -6.60 -3.94
C GLU A 44 -0.58 -7.12 -4.48
N PHE A 45 0.23 -7.66 -3.58
CA PHE A 45 1.54 -8.19 -3.95
C PHE A 45 1.43 -9.61 -4.47
N GLU A 46 2.33 -9.99 -5.38
CA GLU A 46 2.33 -11.34 -5.95
C GLU A 46 2.89 -12.35 -4.96
N GLU A 47 3.30 -11.87 -3.79
CA GLU A 47 3.87 -12.73 -2.76
C GLU A 47 3.43 -12.29 -1.37
N ALA A 48 2.83 -13.22 -0.63
CA ALA A 48 2.36 -12.93 0.71
C ALA A 48 3.45 -12.28 1.56
N GLU A 49 4.68 -12.72 1.36
CA GLU A 49 5.81 -12.18 2.10
C GLU A 49 5.98 -10.68 1.84
N SER A 50 6.04 -10.32 0.56
CA SER A 50 6.20 -8.92 0.17
C SER A 50 5.10 -8.06 0.78
N ALA A 51 3.88 -8.61 0.83
CA ALA A 51 2.74 -7.89 1.38
C ALA A 51 2.86 -7.78 2.90
N ALA A 52 3.06 -8.90 3.57
CA ALA A 52 3.20 -8.92 5.02
C ALA A 52 4.28 -7.95 5.48
N LYS A 53 5.32 -7.79 4.67
CA LYS A 53 6.41 -6.88 5.01
C LYS A 53 6.00 -5.43 4.76
N ALA A 54 5.53 -5.14 3.56
CA ALA A 54 5.11 -3.79 3.20
C ALA A 54 4.12 -3.24 4.23
N ILE A 55 3.31 -4.13 4.79
CA ILE A 55 2.32 -3.73 5.79
C ILE A 55 2.99 -3.18 7.04
N GLU A 56 4.10 -3.81 7.44
CA GLU A 56 4.83 -3.37 8.63
C GLU A 56 5.89 -2.35 8.26
N GLU A 57 6.15 -2.20 6.96
CA GLU A 57 7.15 -1.25 6.48
C GLU A 57 6.51 0.11 6.19
N VAL A 58 5.56 0.11 5.25
CA VAL A 58 4.87 1.35 4.88
C VAL A 58 4.15 1.96 6.07
N HIS A 59 3.65 1.10 6.96
CA HIS A 59 2.94 1.56 8.15
C HIS A 59 3.85 2.41 9.04
N GLY A 60 3.43 3.64 9.28
CA GLY A 60 4.23 4.53 10.12
C GLY A 60 5.13 5.44 9.30
N LYS A 61 4.98 5.39 7.98
CA LYS A 61 5.79 6.20 7.08
C LYS A 61 5.25 7.63 7.01
N SER A 62 5.85 8.45 6.16
CA SER A 62 5.43 9.83 6.00
C SER A 62 5.06 10.12 4.54
N PHE A 63 4.05 10.96 4.34
CA PHE A 63 3.60 11.32 3.00
C PHE A 63 2.58 12.44 3.06
N ALA A 64 2.79 13.46 2.24
CA ALA A 64 1.88 14.61 2.19
C ALA A 64 1.82 15.32 3.53
N ASN A 65 2.96 15.41 4.20
CA ASN A 65 3.04 16.06 5.50
C ASN A 65 2.14 15.36 6.52
N GLN A 66 1.89 14.08 6.30
CA GLN A 66 1.04 13.30 7.19
C GLN A 66 1.53 11.86 7.28
N PRO A 67 1.30 11.24 8.45
CA PRO A 67 1.70 9.85 8.70
C PRO A 67 0.89 8.85 7.88
N LEU A 68 1.58 8.02 7.12
CA LEU A 68 0.92 7.01 6.29
C LEU A 68 0.43 5.84 7.14
N GLU A 69 -0.55 5.10 6.61
CA GLU A 69 -1.10 3.96 7.32
C GLU A 69 -1.46 2.83 6.36
N VAL A 70 -0.98 1.63 6.66
CA VAL A 70 -1.24 0.47 5.81
C VAL A 70 -1.53 -0.77 6.65
N VAL A 71 -2.54 -1.53 6.25
CA VAL A 71 -2.91 -2.74 6.96
C VAL A 71 -3.33 -3.85 5.99
N TYR A 72 -3.53 -5.05 6.52
CA TYR A 72 -3.93 -6.19 5.71
C TYR A 72 -5.37 -6.03 5.22
N SER A 73 -5.51 -5.58 3.97
CA SER A 73 -6.84 -5.38 3.38
C SER A 73 -7.70 -6.63 3.54
N LYS A 74 -8.87 -6.46 4.15
CA LYS A 74 -9.79 -7.56 4.37
C LYS A 74 -10.42 -8.02 3.05
N GLU A 1 -8.53 -13.83 9.50
CA GLU A 1 -9.25 -12.61 9.17
C GLU A 1 -8.56 -11.85 8.04
N LEU A 2 -7.26 -11.60 8.22
CA LEU A 2 -6.48 -10.89 7.22
C LEU A 2 -6.38 -11.70 5.92
N SER A 3 -5.84 -11.06 4.88
CA SER A 3 -5.69 -11.71 3.59
C SER A 3 -4.23 -12.11 3.35
N ASN A 4 -3.99 -12.80 2.25
CA ASN A 4 -2.64 -13.24 1.91
C ASN A 4 -1.88 -12.15 1.15
N THR A 5 -2.51 -11.62 0.09
CA THR A 5 -1.90 -10.58 -0.71
C THR A 5 -2.86 -9.42 -0.93
N ARG A 6 -2.81 -8.44 -0.04
CA ARG A 6 -3.68 -7.27 -0.13
C ARG A 6 -3.44 -6.31 1.02
N LEU A 7 -2.96 -5.11 0.69
CA LEU A 7 -2.68 -4.10 1.70
C LEU A 7 -3.49 -2.84 1.44
N PHE A 8 -4.29 -2.43 2.43
CA PHE A 8 -5.11 -1.24 2.32
C PHE A 8 -4.39 -0.02 2.89
N VAL A 9 -4.19 0.99 2.05
CA VAL A 9 -3.52 2.22 2.47
C VAL A 9 -4.52 3.33 2.77
N ARG A 10 -4.04 4.40 3.39
CA ARG A 10 -4.90 5.53 3.73
C ARG A 10 -5.19 6.38 2.50
N PRO A 11 -6.13 7.33 2.64
CA PRO A 11 -6.51 8.23 1.55
C PRO A 11 -5.43 9.24 1.21
N PHE A 12 -4.99 9.22 -0.04
CA PHE A 12 -3.94 10.14 -0.49
C PHE A 12 -4.55 11.40 -1.09
N PRO A 13 -3.76 12.48 -1.12
CA PRO A 13 -4.20 13.77 -1.67
C PRO A 13 -4.36 13.73 -3.19
N LEU A 14 -4.37 14.91 -3.81
CA LEU A 14 -4.52 15.00 -5.26
C LEU A 14 -3.48 14.14 -5.97
N ASP A 15 -2.41 13.80 -5.26
CA ASP A 15 -1.35 12.97 -5.83
C ASP A 15 -1.64 11.49 -5.61
N VAL A 16 -2.92 11.17 -5.44
CA VAL A 16 -3.34 9.78 -5.23
C VAL A 16 -3.35 9.00 -6.54
N GLN A 17 -2.23 8.35 -6.84
CA GLN A 17 -2.11 7.58 -8.07
C GLN A 17 -1.21 6.36 -7.85
N GLU A 18 -1.18 5.47 -8.84
CA GLU A 18 -0.36 4.27 -8.77
C GLU A 18 1.14 4.62 -8.80
N SER A 19 1.44 5.82 -9.29
CA SER A 19 2.82 6.28 -9.39
C SER A 19 3.50 6.24 -8.02
N GLU A 20 2.83 6.81 -7.02
CA GLU A 20 3.37 6.84 -5.66
C GLU A 20 3.35 5.45 -5.04
N LEU A 21 2.31 4.69 -5.34
CA LEU A 21 2.18 3.34 -4.81
C LEU A 21 3.34 2.46 -5.25
N ASN A 22 3.72 2.58 -6.51
CA ASN A 22 4.83 1.81 -7.06
C ASN A 22 6.17 2.35 -6.59
N GLU A 23 6.27 3.66 -6.50
CA GLU A 23 7.51 4.31 -6.05
C GLU A 23 7.72 4.10 -4.56
N ILE A 24 6.64 3.76 -3.86
CA ILE A 24 6.71 3.54 -2.42
C ILE A 24 6.78 2.05 -2.10
N PHE A 25 5.81 1.29 -2.61
CA PHE A 25 5.75 -0.15 -2.37
C PHE A 25 6.66 -0.88 -3.36
N GLY A 26 7.33 -0.13 -4.22
CA GLY A 26 8.22 -0.72 -5.20
C GLY A 26 9.27 -1.60 -4.56
N PRO A 27 10.11 -1.00 -3.68
CA PRO A 27 11.17 -1.71 -2.99
C PRO A 27 10.64 -2.69 -1.94
N PHE A 28 9.84 -3.65 -2.40
CA PHE A 28 9.27 -4.65 -1.52
C PHE A 28 9.04 -5.97 -2.25
N GLY A 29 8.55 -5.88 -3.48
CA GLY A 29 8.30 -7.07 -4.26
C GLY A 29 7.47 -6.79 -5.50
N PRO A 30 7.27 -7.81 -6.33
CA PRO A 30 6.48 -7.70 -7.57
C PRO A 30 5.00 -7.49 -7.29
N MET A 31 4.57 -6.24 -7.25
CA MET A 31 3.17 -5.92 -7.00
C MET A 31 2.28 -6.49 -8.10
N LYS A 32 1.46 -7.47 -7.72
CA LYS A 32 0.55 -8.10 -8.67
C LYS A 32 -0.46 -7.09 -9.22
N GLU A 33 -0.84 -6.13 -8.37
CA GLU A 33 -1.81 -5.11 -8.77
C GLU A 33 -1.84 -3.97 -7.74
N VAL A 34 -2.47 -2.87 -8.12
CA VAL A 34 -2.57 -1.71 -7.25
C VAL A 34 -3.85 -0.92 -7.51
N LYS A 35 -4.58 -0.61 -6.44
CA LYS A 35 -5.83 0.14 -6.57
C LYS A 35 -5.73 1.48 -5.84
N ILE A 36 -6.18 2.54 -6.50
CA ILE A 36 -6.15 3.87 -5.93
C ILE A 36 -7.48 4.58 -6.10
N LEU A 37 -8.21 4.77 -5.01
CA LEU A 37 -9.50 5.44 -5.06
C LEU A 37 -9.53 6.63 -4.10
N ASN A 38 -10.23 7.69 -4.50
CA ASN A 38 -10.34 8.89 -3.67
C ASN A 38 -10.99 8.57 -2.33
N GLY A 39 -10.17 8.32 -1.32
CA GLY A 39 -10.69 8.01 0.00
C GLY A 39 -10.01 6.80 0.62
N PHE A 40 -9.41 5.97 -0.22
CA PHE A 40 -8.73 4.77 0.25
C PHE A 40 -7.86 4.17 -0.86
N ALA A 41 -6.76 3.53 -0.46
CA ALA A 41 -5.85 2.90 -1.41
C ALA A 41 -5.67 1.42 -1.11
N PHE A 42 -5.22 0.68 -2.11
CA PHE A 42 -5.00 -0.76 -1.96
C PHE A 42 -3.86 -1.24 -2.84
N VAL A 43 -3.17 -2.29 -2.41
CA VAL A 43 -2.05 -2.84 -3.17
C VAL A 43 -1.96 -4.36 -2.97
N GLU A 44 -2.04 -5.09 -4.07
CA GLU A 44 -1.97 -6.55 -4.02
C GLU A 44 -0.61 -7.04 -4.52
N PHE A 45 0.20 -7.56 -3.60
CA PHE A 45 1.52 -8.07 -3.94
C PHE A 45 1.44 -9.47 -4.51
N GLU A 46 2.36 -9.81 -5.40
CA GLU A 46 2.39 -11.13 -6.02
C GLU A 46 2.95 -12.16 -5.06
N GLU A 47 3.34 -11.71 -3.88
CA GLU A 47 3.90 -12.60 -2.87
C GLU A 47 3.42 -12.22 -1.47
N ALA A 48 2.81 -13.17 -0.78
CA ALA A 48 2.30 -12.93 0.57
C ALA A 48 3.37 -12.29 1.45
N GLU A 49 4.60 -12.76 1.33
CA GLU A 49 5.71 -12.23 2.11
C GLU A 49 5.87 -10.72 1.89
N SER A 50 5.96 -10.33 0.62
CA SER A 50 6.11 -8.92 0.27
C SER A 50 4.98 -8.08 0.86
N ALA A 51 3.78 -8.65 0.86
CA ALA A 51 2.61 -7.96 1.39
C ALA A 51 2.69 -7.83 2.91
N ALA A 52 2.91 -8.96 3.57
CA ALA A 52 3.02 -8.97 5.03
C ALA A 52 4.11 -8.02 5.52
N LYS A 53 5.14 -7.85 4.70
CA LYS A 53 6.25 -6.97 5.05
C LYS A 53 5.87 -5.51 4.82
N ALA A 54 5.42 -5.20 3.61
CA ALA A 54 5.02 -3.84 3.27
C ALA A 54 4.02 -3.28 4.28
N ILE A 55 3.16 -4.16 4.79
CA ILE A 55 2.15 -3.76 5.77
C ILE A 55 2.81 -3.27 7.05
N GLU A 56 3.95 -3.86 7.40
CA GLU A 56 4.67 -3.49 8.61
C GLU A 56 5.70 -2.40 8.31
N GLU A 57 6.10 -2.30 7.04
CA GLU A 57 7.07 -1.30 6.63
C GLU A 57 6.40 0.03 6.33
N VAL A 58 5.59 0.05 5.28
CA VAL A 58 4.88 1.26 4.89
C VAL A 58 4.12 1.87 6.06
N HIS A 59 3.61 1.01 6.94
CA HIS A 59 2.87 1.45 8.10
C HIS A 59 3.72 2.37 8.97
N GLY A 60 3.24 3.59 9.19
CA GLY A 60 3.97 4.54 10.00
C GLY A 60 4.91 5.40 9.19
N LYS A 61 4.83 5.27 7.87
CA LYS A 61 5.68 6.03 6.97
C LYS A 61 5.18 7.46 6.82
N SER A 62 5.84 8.23 5.96
CA SER A 62 5.46 9.62 5.73
C SER A 62 5.15 9.87 4.26
N PHE A 63 4.19 10.75 4.00
CA PHE A 63 3.79 11.06 2.64
C PHE A 63 2.81 12.25 2.62
N ALA A 64 3.08 13.21 1.74
CA ALA A 64 2.23 14.39 1.63
C ALA A 64 2.18 15.17 2.94
N ASN A 65 3.32 15.22 3.63
CA ASN A 65 3.41 15.94 4.89
C ASN A 65 2.42 15.37 5.91
N GLN A 66 2.18 14.06 5.82
CA GLN A 66 1.26 13.39 6.73
C GLN A 66 1.66 11.94 6.95
N PRO A 67 1.35 11.41 8.14
CA PRO A 67 1.67 10.03 8.50
C PRO A 67 0.83 9.01 7.72
N LEU A 68 1.51 8.08 7.05
CA LEU A 68 0.83 7.06 6.27
C LEU A 68 0.36 5.92 7.15
N GLU A 69 -0.53 5.09 6.62
CA GLU A 69 -1.07 3.95 7.37
C GLU A 69 -1.48 2.83 6.42
N VAL A 70 -1.01 1.62 6.72
CA VAL A 70 -1.33 0.46 5.90
C VAL A 70 -1.83 -0.69 6.75
N VAL A 71 -2.77 -1.46 6.21
CA VAL A 71 -3.33 -2.60 6.93
C VAL A 71 -3.63 -3.76 5.98
N TYR A 72 -3.86 -4.93 6.55
CA TYR A 72 -4.15 -6.13 5.75
C TYR A 72 -5.55 -6.05 5.13
N SER A 73 -5.60 -5.61 3.88
CA SER A 73 -6.87 -5.47 3.17
C SER A 73 -7.63 -6.80 3.18
N LYS A 74 -8.88 -6.75 3.64
CA LYS A 74 -9.72 -7.94 3.70
C LYS A 74 -10.34 -8.25 2.34
N GLU A 1 -8.95 -13.46 9.48
CA GLU A 1 -9.61 -12.21 9.13
C GLU A 1 -8.83 -11.47 8.04
N LEU A 2 -7.51 -11.49 8.15
CA LEU A 2 -6.64 -10.81 7.19
C LEU A 2 -6.53 -11.63 5.90
N SER A 3 -5.95 -11.03 4.88
CA SER A 3 -5.78 -11.69 3.59
C SER A 3 -4.33 -12.12 3.40
N ASN A 4 -4.07 -12.86 2.32
CA ASN A 4 -2.73 -13.34 2.02
C ASN A 4 -1.93 -12.28 1.26
N THR A 5 -2.53 -11.73 0.22
CA THR A 5 -1.89 -10.70 -0.59
C THR A 5 -2.82 -9.53 -0.84
N ARG A 6 -2.76 -8.53 0.03
CA ARG A 6 -3.61 -7.35 -0.09
C ARG A 6 -3.36 -6.38 1.06
N LEU A 7 -2.90 -5.17 0.72
CA LEU A 7 -2.63 -4.16 1.73
C LEU A 7 -3.44 -2.89 1.46
N PHE A 8 -4.23 -2.48 2.44
CA PHE A 8 -5.06 -1.29 2.31
C PHE A 8 -4.34 -0.07 2.88
N VAL A 9 -4.16 0.94 2.04
CA VAL A 9 -3.49 2.18 2.46
C VAL A 9 -4.50 3.29 2.72
N ARG A 10 -4.04 4.35 3.37
CA ARG A 10 -4.89 5.48 3.69
C ARG A 10 -5.14 6.35 2.45
N PRO A 11 -6.08 7.28 2.56
CA PRO A 11 -6.43 8.19 1.45
C PRO A 11 -5.33 9.19 1.16
N PHE A 12 -4.87 9.22 -0.08
CA PHE A 12 -3.82 10.14 -0.49
C PHE A 12 -4.41 11.43 -1.06
N PRO A 13 -3.59 12.50 -1.07
CA PRO A 13 -4.02 13.80 -1.59
C PRO A 13 -4.19 13.80 -3.11
N LEU A 14 -4.18 14.98 -3.71
CA LEU A 14 -4.33 15.12 -5.15
C LEU A 14 -3.33 14.22 -5.89
N ASP A 15 -2.27 13.85 -5.20
CA ASP A 15 -1.24 13.00 -5.79
C ASP A 15 -1.57 11.52 -5.58
N VAL A 16 -2.86 11.23 -5.41
CA VAL A 16 -3.31 9.86 -5.19
C VAL A 16 -3.37 9.10 -6.51
N GLN A 17 -2.28 8.43 -6.85
CA GLN A 17 -2.22 7.65 -8.09
C GLN A 17 -1.32 6.43 -7.92
N GLU A 18 -1.24 5.62 -8.97
CA GLU A 18 -0.42 4.41 -8.94
C GLU A 18 1.07 4.76 -8.91
N SER A 19 1.39 5.96 -9.38
CA SER A 19 2.78 6.41 -9.40
C SER A 19 3.38 6.40 -8.00
N GLU A 20 2.66 6.98 -7.04
CA GLU A 20 3.13 7.04 -5.67
C GLU A 20 3.08 5.66 -5.02
N LEU A 21 2.02 4.91 -5.31
CA LEU A 21 1.85 3.57 -4.76
C LEU A 21 2.99 2.65 -5.21
N ASN A 22 3.34 2.73 -6.49
CA ASN A 22 4.41 1.92 -7.04
C ASN A 22 5.78 2.44 -6.60
N GLU A 23 5.89 3.76 -6.46
CA GLU A 23 7.14 4.38 -6.05
C GLU A 23 7.39 4.17 -4.56
N ILE A 24 6.33 3.87 -3.82
CA ILE A 24 6.43 3.63 -2.39
C ILE A 24 6.49 2.15 -2.08
N PHE A 25 5.61 1.38 -2.70
CA PHE A 25 5.56 -0.06 -2.49
C PHE A 25 6.47 -0.79 -3.47
N GLY A 26 7.12 -0.03 -4.36
CA GLY A 26 8.01 -0.62 -5.33
C GLY A 26 9.11 -1.44 -4.69
N PRO A 27 9.92 -0.79 -3.83
CA PRO A 27 11.02 -1.45 -3.13
C PRO A 27 10.54 -2.44 -2.08
N PHE A 28 9.77 -3.42 -2.50
CA PHE A 28 9.24 -4.42 -1.59
C PHE A 28 9.09 -5.78 -2.30
N GLY A 29 8.61 -5.74 -3.53
CA GLY A 29 8.43 -6.96 -4.29
C GLY A 29 7.55 -6.76 -5.51
N PRO A 30 7.40 -7.83 -6.32
CA PRO A 30 6.59 -7.79 -7.53
C PRO A 30 5.10 -7.67 -7.23
N MET A 31 4.56 -6.47 -7.38
CA MET A 31 3.15 -6.22 -7.12
C MET A 31 2.28 -6.88 -8.19
N LYS A 32 1.33 -7.70 -7.77
CA LYS A 32 0.43 -8.38 -8.69
C LYS A 32 -0.70 -7.46 -9.13
N GLU A 33 -1.07 -6.53 -8.26
CA GLU A 33 -2.15 -5.59 -8.56
C GLU A 33 -2.05 -4.35 -7.68
N VAL A 34 -2.61 -3.25 -8.16
CA VAL A 34 -2.57 -1.98 -7.42
C VAL A 34 -3.82 -1.16 -7.70
N LYS A 35 -4.55 -0.82 -6.64
CA LYS A 35 -5.76 -0.02 -6.78
C LYS A 35 -5.63 1.30 -6.03
N ILE A 36 -5.98 2.39 -6.70
CA ILE A 36 -5.90 3.71 -6.10
C ILE A 36 -7.18 4.50 -6.34
N LEU A 37 -7.94 4.72 -5.28
CA LEU A 37 -9.20 5.46 -5.38
C LEU A 37 -9.20 6.65 -4.42
N ASN A 38 -9.89 7.72 -4.81
CA ASN A 38 -9.97 8.92 -3.98
C ASN A 38 -10.68 8.62 -2.67
N GLY A 39 -9.91 8.29 -1.64
CA GLY A 39 -10.49 7.98 -0.34
C GLY A 39 -9.86 6.76 0.30
N PHE A 40 -9.24 5.92 -0.51
CA PHE A 40 -8.59 4.71 -0.01
C PHE A 40 -7.70 4.09 -1.08
N ALA A 41 -6.63 3.43 -0.65
CA ALA A 41 -5.70 2.79 -1.56
C ALA A 41 -5.56 1.31 -1.26
N PHE A 42 -5.16 0.54 -2.28
CA PHE A 42 -5.01 -0.90 -2.12
C PHE A 42 -3.84 -1.41 -2.97
N VAL A 43 -3.12 -2.39 -2.44
CA VAL A 43 -1.99 -2.97 -3.15
C VAL A 43 -1.88 -4.47 -2.89
N GLU A 44 -1.98 -5.26 -3.95
CA GLU A 44 -1.90 -6.72 -3.84
C GLU A 44 -0.58 -7.22 -4.40
N PHE A 45 0.28 -7.74 -3.53
CA PHE A 45 1.58 -8.26 -3.94
C PHE A 45 1.44 -9.70 -4.43
N GLU A 46 2.30 -10.07 -5.38
CA GLU A 46 2.28 -11.41 -5.94
C GLU A 46 2.84 -12.43 -4.94
N GLU A 47 3.31 -11.92 -3.80
CA GLU A 47 3.88 -12.78 -2.76
C GLU A 47 3.42 -12.33 -1.38
N ALA A 48 2.81 -13.24 -0.63
CA ALA A 48 2.32 -12.93 0.70
C ALA A 48 3.42 -12.29 1.55
N GLU A 49 4.65 -12.72 1.34
CA GLU A 49 5.78 -12.19 2.09
C GLU A 49 5.95 -10.69 1.82
N SER A 50 6.01 -10.32 0.55
CA SER A 50 6.17 -8.92 0.16
C SER A 50 5.05 -8.07 0.75
N ALA A 51 3.83 -8.60 0.73
CA ALA A 51 2.68 -7.89 1.26
C ALA A 51 2.78 -7.75 2.78
N ALA A 52 2.95 -8.87 3.46
CA ALA A 52 3.06 -8.87 4.92
C ALA A 52 4.15 -7.92 5.39
N LYS A 53 5.18 -7.77 4.57
CA LYS A 53 6.29 -6.88 4.90
C LYS A 53 5.92 -5.42 4.69
N ALA A 54 5.41 -5.11 3.51
CA ALA A 54 5.00 -3.76 3.18
C ALA A 54 4.00 -3.23 4.20
N ILE A 55 3.18 -4.12 4.75
CA ILE A 55 2.18 -3.73 5.74
C ILE A 55 2.85 -3.20 7.00
N GLU A 56 3.99 -3.77 7.35
CA GLU A 56 4.73 -3.35 8.54
C GLU A 56 5.75 -2.26 8.19
N GLU A 57 6.14 -2.22 6.92
CA GLU A 57 7.11 -1.23 6.47
C GLU A 57 6.44 0.11 6.18
N VAL A 58 5.51 0.10 5.22
CA VAL A 58 4.80 1.33 4.85
C VAL A 58 4.08 1.93 6.05
N HIS A 59 3.52 1.06 6.90
CA HIS A 59 2.82 1.51 8.09
C HIS A 59 3.71 2.36 8.97
N GLY A 60 3.27 3.58 9.26
CA GLY A 60 4.05 4.48 10.10
C GLY A 60 4.98 5.36 9.28
N LYS A 61 4.88 5.27 7.96
CA LYS A 61 5.72 6.07 7.07
C LYS A 61 5.21 7.50 6.97
N SER A 62 5.85 8.29 6.12
CA SER A 62 5.46 9.69 5.94
C SER A 62 5.13 9.97 4.47
N PHE A 63 4.16 10.85 4.26
CA PHE A 63 3.74 11.20 2.91
C PHE A 63 2.74 12.37 2.94
N ALA A 64 3.00 13.37 2.11
CA ALA A 64 2.13 14.54 2.03
C ALA A 64 2.09 15.27 3.36
N ASN A 65 3.23 15.32 4.05
CA ASN A 65 3.31 16.00 5.34
C ASN A 65 2.34 15.37 6.34
N GLN A 66 2.12 14.07 6.20
CA GLN A 66 1.22 13.35 7.10
C GLN A 66 1.65 11.89 7.25
N PRO A 67 1.36 11.31 8.42
CA PRO A 67 1.71 9.92 8.71
C PRO A 67 0.87 8.92 7.91
N LEU A 68 1.55 8.03 7.19
CA LEU A 68 0.87 7.04 6.38
C LEU A 68 0.39 5.87 7.24
N GLU A 69 -0.50 5.06 6.68
CA GLU A 69 -1.03 3.90 7.39
C GLU A 69 -1.45 2.80 6.42
N VAL A 70 -0.98 1.58 6.69
CA VAL A 70 -1.30 0.44 5.84
C VAL A 70 -1.59 -0.80 6.67
N VAL A 71 -2.58 -1.57 6.25
CA VAL A 71 -2.97 -2.79 6.95
C VAL A 71 -3.38 -3.88 5.98
N TYR A 72 -3.57 -5.09 6.50
CA TYR A 72 -3.96 -6.23 5.67
C TYR A 72 -5.37 -6.05 5.13
N SER A 73 -5.47 -5.59 3.89
CA SER A 73 -6.77 -5.36 3.25
C SER A 73 -7.66 -6.60 3.38
N LYS A 74 -8.83 -6.42 3.95
CA LYS A 74 -9.78 -7.51 4.13
C LYS A 74 -10.16 -8.14 2.79
N GLU A 1 -9.14 -13.40 9.28
CA GLU A 1 -9.77 -12.14 8.90
C GLU A 1 -8.94 -11.42 7.85
N LEU A 2 -7.62 -11.54 7.96
CA LEU A 2 -6.71 -10.90 7.02
C LEU A 2 -6.58 -11.71 5.74
N SER A 3 -5.93 -11.12 4.73
CA SER A 3 -5.75 -11.80 3.46
C SER A 3 -4.30 -12.24 3.28
N ASN A 4 -4.03 -12.98 2.21
CA ASN A 4 -2.69 -13.48 1.93
C ASN A 4 -1.88 -12.44 1.15
N THR A 5 -2.57 -11.72 0.25
CA THR A 5 -1.91 -10.70 -0.56
C THR A 5 -2.86 -9.54 -0.82
N ARG A 6 -2.81 -8.54 0.06
CA ARG A 6 -3.66 -7.36 -0.07
C ARG A 6 -3.43 -6.39 1.09
N LEU A 7 -2.99 -5.19 0.78
CA LEU A 7 -2.73 -4.17 1.79
C LEU A 7 -3.53 -2.91 1.52
N PHE A 8 -4.32 -2.49 2.50
CA PHE A 8 -5.14 -1.29 2.37
C PHE A 8 -4.43 -0.07 2.93
N VAL A 9 -4.23 0.94 2.09
CA VAL A 9 -3.55 2.16 2.50
C VAL A 9 -4.56 3.29 2.76
N ARG A 10 -4.09 4.34 3.41
CA ARG A 10 -4.95 5.48 3.72
C ARG A 10 -5.19 6.34 2.47
N PRO A 11 -6.15 7.27 2.58
CA PRO A 11 -6.50 8.17 1.46
C PRO A 11 -5.40 9.18 1.18
N PHE A 12 -4.93 9.21 -0.07
CA PHE A 12 -3.88 10.12 -0.48
C PHE A 12 -4.48 11.41 -1.06
N PRO A 13 -3.67 12.49 -1.05
CA PRO A 13 -4.09 13.79 -1.57
C PRO A 13 -4.26 13.79 -3.08
N LEU A 14 -4.24 14.98 -3.68
CA LEU A 14 -4.38 15.12 -5.12
C LEU A 14 -3.38 14.23 -5.85
N ASP A 15 -2.32 13.85 -5.16
CA ASP A 15 -1.29 13.00 -5.75
C ASP A 15 -1.63 11.52 -5.55
N VAL A 16 -2.92 11.23 -5.37
CA VAL A 16 -3.37 9.87 -5.17
C VAL A 16 -3.43 9.11 -6.49
N GLN A 17 -2.34 8.46 -6.83
CA GLN A 17 -2.26 7.69 -8.08
C GLN A 17 -1.35 6.48 -7.92
N GLU A 18 -1.28 5.64 -8.96
CA GLU A 18 -0.45 4.45 -8.92
C GLU A 18 1.03 4.82 -8.92
N SER A 19 1.34 6.01 -9.43
CA SER A 19 2.72 6.49 -9.50
C SER A 19 3.37 6.44 -8.13
N GLU A 20 2.67 6.97 -7.12
CA GLU A 20 3.18 6.99 -5.75
C GLU A 20 3.12 5.60 -5.13
N LEU A 21 2.03 4.89 -5.39
CA LEU A 21 1.84 3.55 -4.85
C LEU A 21 2.94 2.61 -5.35
N ASN A 22 3.37 2.83 -6.58
CA ASN A 22 4.41 2.00 -7.18
C ASN A 22 5.80 2.43 -6.71
N GLU A 23 6.02 3.74 -6.66
CA GLU A 23 7.29 4.29 -6.23
C GLU A 23 7.50 4.07 -4.73
N ILE A 24 6.42 3.79 -4.02
CA ILE A 24 6.48 3.56 -2.58
C ILE A 24 6.54 2.06 -2.27
N PHE A 25 5.54 1.32 -2.75
CA PHE A 25 5.48 -0.11 -2.53
C PHE A 25 6.37 -0.85 -3.51
N GLY A 26 7.03 -0.11 -4.38
CA GLY A 26 7.92 -0.71 -5.36
C GLY A 26 9.01 -1.55 -4.73
N PRO A 27 9.86 -0.90 -3.92
CA PRO A 27 10.97 -1.57 -3.24
C PRO A 27 10.49 -2.51 -2.13
N PHE A 28 9.70 -3.51 -2.51
CA PHE A 28 9.17 -4.47 -1.55
C PHE A 28 9.00 -5.85 -2.20
N GLY A 29 8.50 -5.86 -3.43
CA GLY A 29 8.31 -7.12 -4.14
C GLY A 29 7.51 -6.95 -5.41
N PRO A 30 7.32 -8.04 -6.15
CA PRO A 30 6.57 -8.04 -7.41
C PRO A 30 5.07 -7.81 -7.19
N MET A 31 4.68 -6.55 -7.11
CA MET A 31 3.28 -6.19 -6.91
C MET A 31 2.41 -6.69 -8.05
N LYS A 32 1.53 -7.64 -7.75
CA LYS A 32 0.64 -8.21 -8.76
C LYS A 32 -0.31 -7.15 -9.31
N GLU A 33 -0.83 -6.32 -8.41
CA GLU A 33 -1.76 -5.26 -8.81
C GLU A 33 -1.80 -4.15 -7.76
N VAL A 34 -2.38 -3.01 -8.14
CA VAL A 34 -2.48 -1.88 -7.23
C VAL A 34 -3.70 -1.02 -7.55
N LYS A 35 -4.51 -0.74 -6.53
CA LYS A 35 -5.71 0.08 -6.70
C LYS A 35 -5.59 1.39 -5.95
N ILE A 36 -5.94 2.49 -6.61
CA ILE A 36 -5.87 3.82 -6.01
C ILE A 36 -7.16 4.60 -6.27
N LEU A 37 -7.95 4.79 -5.22
CA LEU A 37 -9.20 5.53 -5.34
C LEU A 37 -9.23 6.70 -4.35
N ASN A 38 -9.90 7.79 -4.75
CA ASN A 38 -10.00 8.97 -3.90
C ASN A 38 -10.75 8.64 -2.60
N GLY A 39 -9.99 8.32 -1.56
CA GLY A 39 -10.59 7.99 -0.28
C GLY A 39 -9.97 6.77 0.36
N PHE A 40 -9.33 5.93 -0.46
CA PHE A 40 -8.70 4.72 0.03
C PHE A 40 -7.78 4.11 -1.04
N ALA A 41 -6.73 3.45 -0.59
CA ALA A 41 -5.77 2.82 -1.51
C ALA A 41 -5.62 1.34 -1.20
N PHE A 42 -5.21 0.57 -2.21
CA PHE A 42 -5.03 -0.86 -2.06
C PHE A 42 -3.85 -1.36 -2.89
N VAL A 43 -3.14 -2.36 -2.39
CA VAL A 43 -2.00 -2.92 -3.09
C VAL A 43 -1.92 -4.43 -2.88
N GLU A 44 -2.00 -5.17 -3.99
CA GLU A 44 -1.94 -6.62 -3.93
C GLU A 44 -0.60 -7.13 -4.45
N PHE A 45 0.21 -7.66 -3.54
CA PHE A 45 1.53 -8.18 -3.90
C PHE A 45 1.43 -9.63 -4.39
N GLU A 46 2.31 -9.99 -5.32
CA GLU A 46 2.32 -11.33 -5.87
C GLU A 46 2.96 -12.32 -4.90
N GLU A 47 3.38 -11.81 -3.75
CA GLU A 47 4.03 -12.65 -2.73
C GLU A 47 3.59 -12.24 -1.33
N ALA A 48 3.04 -13.20 -0.59
CA ALA A 48 2.58 -12.93 0.77
C ALA A 48 3.66 -12.25 1.60
N GLU A 49 4.91 -12.61 1.33
CA GLU A 49 6.04 -12.02 2.05
C GLU A 49 6.12 -10.52 1.81
N SER A 50 6.13 -10.12 0.54
CA SER A 50 6.21 -8.72 0.18
C SER A 50 5.07 -7.92 0.81
N ALA A 51 3.88 -8.52 0.83
CA ALA A 51 2.70 -7.87 1.40
C ALA A 51 2.83 -7.77 2.92
N ALA A 52 3.08 -8.90 3.57
CA ALA A 52 3.22 -8.93 5.01
C ALA A 52 4.27 -7.94 5.49
N LYS A 53 5.30 -7.73 4.67
CA LYS A 53 6.37 -6.81 5.01
C LYS A 53 5.94 -5.36 4.77
N ALA A 54 5.47 -5.09 3.56
CA ALA A 54 5.01 -3.75 3.21
C ALA A 54 4.02 -3.22 4.23
N ILE A 55 3.22 -4.12 4.80
CA ILE A 55 2.23 -3.74 5.79
C ILE A 55 2.89 -3.20 7.05
N GLU A 56 4.00 -3.81 7.45
CA GLU A 56 4.73 -3.39 8.64
C GLU A 56 5.78 -2.34 8.29
N GLU A 57 6.02 -2.16 6.99
CA GLU A 57 7.00 -1.19 6.53
C GLU A 57 6.34 0.15 6.21
N VAL A 58 5.43 0.15 5.24
CA VAL A 58 4.72 1.36 4.85
C VAL A 58 3.99 1.97 6.02
N HIS A 59 3.38 1.12 6.84
CA HIS A 59 2.63 1.58 8.02
C HIS A 59 3.53 2.41 8.93
N GLY A 60 3.13 3.66 9.15
CA GLY A 60 3.91 4.54 10.00
C GLY A 60 4.90 5.37 9.22
N LYS A 61 4.84 5.29 7.90
CA LYS A 61 5.75 6.03 7.04
C LYS A 61 5.31 7.49 6.90
N SER A 62 6.03 8.24 6.08
CA SER A 62 5.71 9.65 5.87
C SER A 62 5.35 9.91 4.41
N PHE A 63 4.34 10.75 4.19
CA PHE A 63 3.91 11.08 2.83
C PHE A 63 2.86 12.18 2.87
N ALA A 64 3.00 13.16 1.97
CA ALA A 64 2.07 14.27 1.88
C ALA A 64 2.04 15.05 3.18
N ASN A 65 3.19 15.13 3.85
CA ASN A 65 3.28 15.85 5.12
C ASN A 65 2.35 15.26 6.17
N GLN A 66 2.24 13.93 6.16
CA GLN A 66 1.38 13.24 7.11
C GLN A 66 1.79 11.77 7.25
N PRO A 67 1.53 11.19 8.42
CA PRO A 67 1.87 9.79 8.70
C PRO A 67 1.00 8.82 7.93
N LEU A 68 1.63 7.96 7.14
CA LEU A 68 0.90 6.97 6.34
C LEU A 68 0.42 5.81 7.20
N GLU A 69 -0.49 5.02 6.66
CA GLU A 69 -1.05 3.88 7.38
C GLU A 69 -1.47 2.78 6.42
N VAL A 70 -1.00 1.56 6.66
CA VAL A 70 -1.34 0.43 5.82
C VAL A 70 -1.62 -0.82 6.66
N VAL A 71 -2.63 -1.58 6.24
CA VAL A 71 -3.02 -2.80 6.96
C VAL A 71 -3.40 -3.90 5.98
N TYR A 72 -3.60 -5.10 6.52
CA TYR A 72 -3.99 -6.24 5.69
C TYR A 72 -5.41 -6.09 5.18
N SER A 73 -5.54 -5.66 3.93
CA SER A 73 -6.85 -5.47 3.32
C SER A 73 -7.70 -6.72 3.47
N LYS A 74 -8.89 -6.55 4.05
CA LYS A 74 -9.81 -7.67 4.25
C LYS A 74 -10.98 -7.59 3.28
N GLU A 1 -9.07 -13.35 9.45
CA GLU A 1 -9.65 -12.08 9.06
C GLU A 1 -8.78 -11.38 8.01
N LEU A 2 -7.47 -11.55 8.13
CA LEU A 2 -6.52 -10.94 7.20
C LEU A 2 -6.45 -11.75 5.90
N SER A 3 -5.80 -11.18 4.89
CA SER A 3 -5.65 -11.84 3.60
C SER A 3 -4.19 -12.22 3.35
N ASN A 4 -3.96 -12.93 2.25
CA ASN A 4 -2.61 -13.36 1.90
C ASN A 4 -1.86 -12.25 1.16
N THR A 5 -2.49 -11.71 0.13
CA THR A 5 -1.88 -10.64 -0.66
C THR A 5 -2.86 -9.49 -0.88
N ARG A 6 -2.82 -8.51 0.02
CA ARG A 6 -3.70 -7.36 -0.08
C ARG A 6 -3.45 -6.39 1.08
N LEU A 7 -3.00 -5.18 0.76
CA LEU A 7 -2.72 -4.17 1.77
C LEU A 7 -3.56 -2.92 1.53
N PHE A 8 -4.33 -2.53 2.54
CA PHE A 8 -5.18 -1.35 2.44
C PHE A 8 -4.47 -0.12 2.99
N VAL A 9 -4.35 0.91 2.15
CA VAL A 9 -3.69 2.15 2.56
C VAL A 9 -4.71 3.26 2.80
N ARG A 10 -4.27 4.32 3.46
CA ARG A 10 -5.14 5.45 3.76
C ARG A 10 -5.37 6.30 2.52
N PRO A 11 -6.33 7.24 2.61
CA PRO A 11 -6.67 8.13 1.51
C PRO A 11 -5.56 9.14 1.21
N PHE A 12 -5.09 9.16 -0.04
CA PHE A 12 -4.04 10.08 -0.44
C PHE A 12 -4.62 11.35 -1.04
N PRO A 13 -3.83 12.44 -1.02
CA PRO A 13 -4.24 13.73 -1.56
C PRO A 13 -4.38 13.72 -3.09
N LEU A 14 -4.38 14.90 -3.69
CA LEU A 14 -4.49 15.02 -5.13
C LEU A 14 -3.43 14.18 -5.84
N ASP A 15 -2.39 13.83 -5.11
CA ASP A 15 -1.31 13.01 -5.66
C ASP A 15 -1.62 11.52 -5.49
N VAL A 16 -2.90 11.20 -5.34
CA VAL A 16 -3.32 9.82 -5.17
C VAL A 16 -3.30 9.07 -6.50
N GLN A 17 -2.17 8.43 -6.80
CA GLN A 17 -2.03 7.67 -8.04
C GLN A 17 -1.12 6.47 -7.84
N GLU A 18 -1.05 5.60 -8.84
CA GLU A 18 -0.23 4.41 -8.78
C GLU A 18 1.25 4.77 -8.79
N SER A 19 1.56 5.96 -9.29
CA SER A 19 2.94 6.43 -9.36
C SER A 19 3.60 6.38 -7.99
N GLU A 20 2.93 6.97 -7.00
CA GLU A 20 3.45 6.99 -5.63
C GLU A 20 3.43 5.60 -5.02
N LEU A 21 2.38 4.84 -5.31
CA LEU A 21 2.24 3.49 -4.79
C LEU A 21 3.39 2.60 -5.24
N ASN A 22 3.79 2.77 -6.50
CA ASN A 22 4.89 1.99 -7.06
C ASN A 22 6.23 2.48 -6.55
N GLU A 23 6.38 3.79 -6.43
CA GLU A 23 7.62 4.38 -5.94
C GLU A 23 7.79 4.13 -4.45
N ILE A 24 6.69 3.81 -3.77
CA ILE A 24 6.72 3.54 -2.34
C ILE A 24 6.76 2.05 -2.06
N PHE A 25 5.78 1.32 -2.60
CA PHE A 25 5.70 -0.12 -2.41
C PHE A 25 6.62 -0.84 -3.39
N GLY A 26 7.32 -0.08 -4.22
CA GLY A 26 8.22 -0.67 -5.19
C GLY A 26 9.26 -1.56 -4.55
N PRO A 27 10.08 -0.97 -3.67
CA PRO A 27 11.15 -1.70 -2.97
C PRO A 27 10.59 -2.70 -1.95
N PHE A 28 9.80 -3.64 -2.42
CA PHE A 28 9.20 -4.65 -1.55
C PHE A 28 8.97 -5.95 -2.31
N GLY A 29 8.51 -5.84 -3.55
CA GLY A 29 8.25 -7.02 -4.35
C GLY A 29 7.38 -6.72 -5.56
N PRO A 30 7.19 -7.73 -6.42
CA PRO A 30 6.37 -7.60 -7.64
C PRO A 30 4.89 -7.44 -7.32
N MET A 31 4.42 -6.19 -7.32
CA MET A 31 3.02 -5.91 -7.04
C MET A 31 2.11 -6.54 -8.09
N LYS A 32 1.38 -7.58 -7.69
CA LYS A 32 0.46 -8.27 -8.59
C LYS A 32 -0.61 -7.33 -9.13
N GLU A 33 -1.05 -6.41 -8.28
CA GLU A 33 -2.07 -5.45 -8.66
C GLU A 33 -2.05 -4.23 -7.75
N VAL A 34 -2.71 -3.16 -8.17
CA VAL A 34 -2.77 -1.93 -7.39
C VAL A 34 -4.06 -1.16 -7.65
N LYS A 35 -4.53 -0.45 -6.64
CA LYS A 35 -5.77 0.32 -6.77
C LYS A 35 -5.66 1.64 -6.00
N ILE A 36 -6.06 2.73 -6.64
CA ILE A 36 -6.01 4.05 -6.03
C ILE A 36 -7.31 4.81 -6.25
N LEU A 37 -8.08 4.98 -5.18
CA LEU A 37 -9.35 5.70 -5.26
C LEU A 37 -9.38 6.85 -4.27
N ASN A 38 -10.09 7.92 -4.64
CA ASN A 38 -10.20 9.09 -3.78
C ASN A 38 -10.93 8.74 -2.48
N GLY A 39 -10.18 8.32 -1.47
CA GLY A 39 -10.77 7.96 -0.20
C GLY A 39 -10.13 6.74 0.42
N PHE A 40 -9.50 5.93 -0.41
CA PHE A 40 -8.83 4.71 0.05
C PHE A 40 -7.92 4.13 -1.02
N ALA A 41 -6.89 3.40 -0.59
CA ALA A 41 -5.95 2.80 -1.52
C ALA A 41 -5.76 1.31 -1.21
N PHE A 42 -5.43 0.54 -2.24
CA PHE A 42 -5.21 -0.89 -2.08
C PHE A 42 -4.05 -1.37 -2.94
N VAL A 43 -3.29 -2.33 -2.42
CA VAL A 43 -2.14 -2.87 -3.14
C VAL A 43 -2.02 -4.38 -2.92
N GLU A 44 -2.11 -5.14 -4.01
CA GLU A 44 -2.01 -6.60 -3.92
C GLU A 44 -0.66 -7.08 -4.45
N PHE A 45 0.18 -7.56 -3.55
CA PHE A 45 1.50 -8.05 -3.92
C PHE A 45 1.43 -9.46 -4.48
N GLU A 46 2.36 -9.80 -5.36
CA GLU A 46 2.39 -11.11 -5.97
C GLU A 46 2.97 -12.16 -5.01
N GLU A 47 3.36 -11.69 -3.83
CA GLU A 47 3.94 -12.58 -2.82
C GLU A 47 3.46 -12.19 -1.42
N ALA A 48 2.88 -13.16 -0.71
CA ALA A 48 2.38 -12.92 0.63
C ALA A 48 3.44 -12.27 1.50
N GLU A 49 4.69 -12.70 1.34
CA GLU A 49 5.80 -12.15 2.12
C GLU A 49 5.95 -10.66 1.87
N SER A 50 6.04 -10.27 0.60
CA SER A 50 6.18 -8.87 0.23
C SER A 50 5.06 -8.03 0.83
N ALA A 51 3.85 -8.59 0.84
CA ALA A 51 2.69 -7.90 1.38
C ALA A 51 2.78 -7.78 2.90
N ALA A 52 2.98 -8.91 3.56
CA ALA A 52 3.08 -8.94 5.01
C ALA A 52 4.15 -7.96 5.50
N LYS A 53 5.20 -7.79 4.70
CA LYS A 53 6.28 -6.88 5.05
C LYS A 53 5.88 -5.43 4.82
N ALA A 54 5.44 -5.13 3.61
CA ALA A 54 5.01 -3.78 3.25
C ALA A 54 4.02 -3.23 4.28
N ILE A 55 3.18 -4.11 4.81
CA ILE A 55 2.18 -3.72 5.80
C ILE A 55 2.85 -3.22 7.07
N GLU A 56 3.96 -3.86 7.46
CA GLU A 56 4.68 -3.48 8.65
C GLU A 56 5.76 -2.44 8.34
N GLU A 57 6.00 -2.23 7.05
CA GLU A 57 7.00 -1.27 6.61
C GLU A 57 6.36 0.08 6.30
N VAL A 58 5.55 0.12 5.25
CA VAL A 58 4.88 1.35 4.85
C VAL A 58 4.14 1.97 6.04
N HIS A 59 3.47 1.14 6.82
CA HIS A 59 2.72 1.61 7.98
C HIS A 59 3.64 2.38 8.94
N GLY A 60 3.33 3.66 9.13
CA GLY A 60 4.13 4.48 10.03
C GLY A 60 5.11 5.36 9.28
N LYS A 61 5.00 5.38 7.96
CA LYS A 61 5.88 6.18 7.12
C LYS A 61 5.31 7.59 6.93
N SER A 62 5.98 8.39 6.10
CA SER A 62 5.54 9.75 5.84
C SER A 62 5.28 9.97 4.35
N PHE A 63 4.30 10.81 4.05
CA PHE A 63 3.94 11.10 2.67
C PHE A 63 2.94 12.24 2.59
N ALA A 64 3.21 13.21 1.73
CA ALA A 64 2.34 14.36 1.57
C ALA A 64 2.16 15.13 2.87
N ASN A 65 3.25 15.23 3.63
CA ASN A 65 3.22 15.93 4.91
C ASN A 65 2.22 15.30 5.86
N GLN A 66 2.07 13.97 5.75
CA GLN A 66 1.14 13.24 6.60
C GLN A 66 1.60 11.80 6.80
N PRO A 67 1.29 11.24 7.97
CA PRO A 67 1.66 9.85 8.31
C PRO A 67 0.89 8.83 7.50
N LEU A 68 1.61 7.87 6.93
CA LEU A 68 0.98 6.82 6.12
C LEU A 68 0.59 5.64 6.99
N GLU A 69 -0.46 4.93 6.57
CA GLU A 69 -0.95 3.78 7.31
C GLU A 69 -1.39 2.67 6.36
N VAL A 70 -0.87 1.47 6.57
CA VAL A 70 -1.22 0.33 5.73
C VAL A 70 -1.49 -0.91 6.56
N VAL A 71 -2.59 -1.59 6.26
CA VAL A 71 -2.97 -2.80 6.99
C VAL A 71 -3.37 -3.92 6.02
N TYR A 72 -3.58 -5.12 6.58
CA TYR A 72 -3.97 -6.26 5.76
C TYR A 72 -5.41 -6.13 5.28
N SER A 73 -5.56 -5.72 4.02
CA SER A 73 -6.88 -5.55 3.43
C SER A 73 -7.66 -6.86 3.41
N LYS A 74 -8.84 -6.86 4.02
CA LYS A 74 -9.67 -8.06 4.08
C LYS A 74 -10.05 -8.52 2.67
N GLU A 1 -8.87 -13.69 9.35
CA GLU A 1 -9.53 -12.43 8.98
C GLU A 1 -8.76 -11.72 7.87
N LEU A 2 -7.46 -11.53 8.10
CA LEU A 2 -6.61 -10.85 7.12
C LEU A 2 -6.49 -11.67 5.84
N SER A 3 -5.85 -11.10 4.83
CA SER A 3 -5.66 -11.78 3.56
C SER A 3 -4.21 -12.20 3.36
N ASN A 4 -3.94 -12.90 2.27
CA ASN A 4 -2.59 -13.36 1.96
C ASN A 4 -1.83 -12.31 1.16
N THR A 5 -2.53 -11.62 0.27
CA THR A 5 -1.92 -10.59 -0.57
C THR A 5 -2.89 -9.43 -0.80
N ARG A 6 -2.82 -8.43 0.08
CA ARG A 6 -3.68 -7.27 -0.03
C ARG A 6 -3.41 -6.29 1.11
N LEU A 7 -2.96 -5.09 0.76
CA LEU A 7 -2.67 -4.06 1.75
C LEU A 7 -3.48 -2.80 1.50
N PHE A 8 -4.28 -2.41 2.47
CA PHE A 8 -5.12 -1.22 2.36
C PHE A 8 -4.40 0.00 2.92
N VAL A 9 -4.21 1.01 2.08
CA VAL A 9 -3.54 2.25 2.49
C VAL A 9 -4.56 3.36 2.76
N ARG A 10 -4.09 4.43 3.38
CA ARG A 10 -4.95 5.56 3.70
C ARG A 10 -5.22 6.40 2.46
N PRO A 11 -6.16 7.35 2.58
CA PRO A 11 -6.53 8.24 1.47
C PRO A 11 -5.43 9.24 1.14
N PHE A 12 -4.98 9.23 -0.11
CA PHE A 12 -3.93 10.14 -0.55
C PHE A 12 -4.52 11.40 -1.16
N PRO A 13 -3.72 12.48 -1.19
CA PRO A 13 -4.14 13.77 -1.74
C PRO A 13 -4.31 13.73 -3.25
N LEU A 14 -4.32 14.91 -3.87
CA LEU A 14 -4.46 15.01 -5.32
C LEU A 14 -3.43 14.14 -6.03
N ASP A 15 -2.36 13.80 -5.32
CA ASP A 15 -1.30 12.97 -5.88
C ASP A 15 -1.60 11.49 -5.67
N VAL A 16 -2.88 11.17 -5.48
CA VAL A 16 -3.30 9.79 -5.28
C VAL A 16 -3.28 9.01 -6.58
N GLN A 17 -2.15 8.38 -6.88
CA GLN A 17 -2.01 7.59 -8.11
C GLN A 17 -1.08 6.40 -7.88
N GLU A 18 -1.11 5.45 -8.81
CA GLU A 18 -0.27 4.26 -8.72
C GLU A 18 1.21 4.64 -8.79
N SER A 19 1.48 5.83 -9.30
CA SER A 19 2.86 6.31 -9.43
C SER A 19 3.56 6.30 -8.08
N GLU A 20 2.95 6.95 -7.09
CA GLU A 20 3.52 7.02 -5.76
C GLU A 20 3.52 5.64 -5.09
N LEU A 21 2.48 4.86 -5.36
CA LEU A 21 2.36 3.52 -4.79
C LEU A 21 3.45 2.60 -5.34
N ASN A 22 3.81 2.82 -6.59
CA ASN A 22 4.85 2.01 -7.24
C ASN A 22 6.23 2.38 -6.71
N GLU A 23 6.50 3.67 -6.61
CA GLU A 23 7.78 4.15 -6.13
C GLU A 23 7.91 3.93 -4.62
N ILE A 24 6.78 3.75 -3.95
CA ILE A 24 6.76 3.53 -2.52
C ILE A 24 6.80 2.05 -2.19
N PHE A 25 5.82 1.31 -2.70
CA PHE A 25 5.74 -0.12 -2.47
C PHE A 25 6.63 -0.89 -3.43
N GLY A 26 7.31 -0.15 -4.31
CA GLY A 26 8.20 -0.77 -5.27
C GLY A 26 9.24 -1.67 -4.61
N PRO A 27 10.06 -1.07 -3.74
CA PRO A 27 11.12 -1.80 -3.03
C PRO A 27 10.56 -2.76 -1.99
N PHE A 28 9.75 -3.72 -2.45
CA PHE A 28 9.15 -4.71 -1.56
C PHE A 28 8.92 -6.02 -2.29
N GLY A 29 8.46 -5.93 -3.54
CA GLY A 29 8.21 -7.13 -4.32
C GLY A 29 7.35 -6.85 -5.54
N PRO A 30 7.14 -7.87 -6.37
CA PRO A 30 6.33 -7.76 -7.59
C PRO A 30 4.85 -7.57 -7.29
N MET A 31 4.41 -6.31 -7.28
CA MET A 31 3.02 -5.98 -7.01
C MET A 31 2.11 -6.61 -8.06
N LYS A 32 1.34 -7.62 -7.66
CA LYS A 32 0.42 -8.30 -8.56
C LYS A 32 -0.61 -7.33 -9.12
N GLU A 33 -1.02 -6.38 -8.29
CA GLU A 33 -2.01 -5.38 -8.71
C GLU A 33 -2.00 -4.18 -7.78
N VAL A 34 -2.64 -3.10 -8.19
CA VAL A 34 -2.71 -1.88 -7.40
C VAL A 34 -4.04 -1.16 -7.60
N LYS A 35 -4.50 -0.49 -6.55
CA LYS A 35 -5.77 0.25 -6.62
C LYS A 35 -5.67 1.56 -5.86
N ILE A 36 -6.07 2.64 -6.51
CA ILE A 36 -6.04 3.96 -5.90
C ILE A 36 -7.34 4.72 -6.13
N LEU A 37 -8.11 4.90 -5.06
CA LEU A 37 -9.39 5.61 -5.14
C LEU A 37 -9.43 6.77 -4.16
N ASN A 38 -10.10 7.84 -4.55
CA ASN A 38 -10.21 9.03 -3.71
C ASN A 38 -10.91 8.69 -2.40
N GLY A 39 -10.13 8.39 -1.38
CA GLY A 39 -10.69 8.05 -0.08
C GLY A 39 -10.03 6.84 0.54
N PHE A 40 -9.43 5.99 -0.29
CA PHE A 40 -8.76 4.80 0.18
C PHE A 40 -7.90 4.18 -0.92
N ALA A 41 -6.83 3.50 -0.50
CA ALA A 41 -5.92 2.86 -1.45
C ALA A 41 -5.72 1.39 -1.11
N PHE A 42 -5.32 0.61 -2.11
CA PHE A 42 -5.10 -0.82 -1.93
C PHE A 42 -3.98 -1.32 -2.85
N VAL A 43 -3.22 -2.29 -2.36
CA VAL A 43 -2.12 -2.85 -3.13
C VAL A 43 -2.03 -4.36 -2.93
N GLU A 44 -2.13 -5.11 -4.03
CA GLU A 44 -2.05 -6.57 -3.97
C GLU A 44 -0.70 -7.07 -4.47
N PHE A 45 0.12 -7.58 -3.55
CA PHE A 45 1.43 -8.09 -3.90
C PHE A 45 1.35 -9.51 -4.44
N GLU A 46 2.27 -9.86 -5.33
CA GLU A 46 2.29 -11.19 -5.92
C GLU A 46 2.93 -12.21 -4.96
N GLU A 47 3.32 -11.73 -3.78
CA GLU A 47 3.93 -12.59 -2.78
C GLU A 47 3.46 -12.21 -1.37
N ALA A 48 2.95 -13.20 -0.65
CA ALA A 48 2.46 -12.98 0.71
C ALA A 48 3.50 -12.27 1.56
N GLU A 49 4.76 -12.72 1.45
CA GLU A 49 5.85 -12.13 2.21
C GLU A 49 5.96 -10.64 1.94
N SER A 50 6.01 -10.28 0.65
CA SER A 50 6.12 -8.88 0.25
C SER A 50 4.99 -8.06 0.86
N ALA A 51 3.79 -8.61 0.85
CA ALA A 51 2.63 -7.92 1.41
C ALA A 51 2.74 -7.78 2.93
N ALA A 52 2.94 -8.91 3.60
CA ALA A 52 3.06 -8.91 5.05
C ALA A 52 4.18 -7.98 5.51
N LYS A 53 5.17 -7.78 4.65
CA LYS A 53 6.30 -6.92 4.97
C LYS A 53 5.93 -5.45 4.74
N ALA A 54 5.41 -5.16 3.55
CA ALA A 54 5.02 -3.80 3.20
C ALA A 54 4.04 -3.23 4.23
N ILE A 55 3.22 -4.10 4.80
CA ILE A 55 2.24 -3.68 5.79
C ILE A 55 2.91 -3.19 7.07
N GLU A 56 3.98 -3.86 7.45
CA GLU A 56 4.73 -3.49 8.65
C GLU A 56 5.79 -2.43 8.33
N GLU A 57 6.11 -2.30 7.04
CA GLU A 57 7.10 -1.33 6.60
C GLU A 57 6.45 0.02 6.30
N VAL A 58 5.64 0.06 5.25
CA VAL A 58 4.95 1.29 4.86
C VAL A 58 4.24 1.92 6.05
N HIS A 59 3.76 1.08 6.96
CA HIS A 59 3.05 1.56 8.14
C HIS A 59 3.95 2.47 8.97
N GLY A 60 3.54 3.73 9.12
CA GLY A 60 4.32 4.68 9.89
C GLY A 60 5.19 5.56 9.02
N LYS A 61 5.06 5.40 7.71
CA LYS A 61 5.83 6.18 6.75
C LYS A 61 5.32 7.62 6.69
N SER A 62 5.91 8.41 5.79
CA SER A 62 5.51 9.80 5.62
C SER A 62 5.04 10.07 4.20
N PHE A 63 4.01 10.89 4.06
CA PHE A 63 3.47 11.23 2.76
C PHE A 63 2.42 12.33 2.87
N ALA A 64 2.55 13.35 2.03
CA ALA A 64 1.62 14.48 2.04
C ALA A 64 1.64 15.20 3.38
N ASN A 65 2.82 15.31 3.97
CA ASN A 65 2.97 15.97 5.26
C ASN A 65 2.13 15.29 6.33
N GLN A 66 1.96 13.98 6.20
CA GLN A 66 1.18 13.21 7.16
C GLN A 66 1.66 11.77 7.22
N PRO A 67 1.51 11.14 8.40
CA PRO A 67 1.93 9.76 8.62
C PRO A 67 1.06 8.76 7.87
N LEU A 68 1.68 7.95 7.01
CA LEU A 68 0.97 6.95 6.23
C LEU A 68 0.50 5.80 7.12
N GLU A 69 -0.49 5.06 6.63
CA GLU A 69 -1.03 3.93 7.38
C GLU A 69 -1.46 2.81 6.43
N VAL A 70 -0.99 1.60 6.71
CA VAL A 70 -1.33 0.44 5.90
C VAL A 70 -1.82 -0.72 6.75
N VAL A 71 -2.78 -1.48 6.21
CA VAL A 71 -3.33 -2.62 6.93
C VAL A 71 -3.61 -3.78 5.98
N TYR A 72 -3.86 -4.96 6.55
CA TYR A 72 -4.13 -6.15 5.75
C TYR A 72 -5.53 -6.10 5.16
N SER A 73 -5.63 -5.66 3.91
CA SER A 73 -6.92 -5.57 3.24
C SER A 73 -7.60 -6.93 3.14
N LYS A 74 -8.84 -7.00 3.60
CA LYS A 74 -9.59 -8.24 3.58
C LYS A 74 -9.98 -8.62 2.15
N GLU A 1 -8.95 -13.50 9.41
CA GLU A 1 -9.58 -12.23 9.07
C GLU A 1 -8.79 -11.49 7.99
N LEU A 2 -7.46 -11.61 8.06
CA LEU A 2 -6.58 -10.96 7.09
C LEU A 2 -6.49 -11.78 5.81
N SER A 3 -5.82 -11.21 4.81
CA SER A 3 -5.67 -11.88 3.52
C SER A 3 -4.22 -12.30 3.31
N ASN A 4 -3.96 -12.99 2.20
CA ASN A 4 -2.62 -13.44 1.88
C ASN A 4 -1.86 -12.40 1.07
N THR A 5 -2.58 -11.69 0.21
CA THR A 5 -1.97 -10.65 -0.61
C THR A 5 -2.93 -9.48 -0.82
N ARG A 6 -2.83 -8.49 0.06
CA ARG A 6 -3.69 -7.31 -0.02
C ARG A 6 -3.36 -6.32 1.09
N LEU A 7 -2.99 -5.10 0.70
CA LEU A 7 -2.64 -4.06 1.66
C LEU A 7 -3.54 -2.83 1.47
N PHE A 8 -4.28 -2.48 2.51
CA PHE A 8 -5.17 -1.32 2.47
C PHE A 8 -4.46 -0.08 2.99
N VAL A 9 -4.28 0.91 2.12
CA VAL A 9 -3.63 2.16 2.50
C VAL A 9 -4.65 3.26 2.75
N ARG A 10 -4.22 4.33 3.41
CA ARG A 10 -5.09 5.45 3.70
C ARG A 10 -5.33 6.30 2.46
N PRO A 11 -6.29 7.23 2.55
CA PRO A 11 -6.63 8.13 1.43
C PRO A 11 -5.54 9.14 1.14
N PHE A 12 -5.07 9.16 -0.10
CA PHE A 12 -4.02 10.08 -0.51
C PHE A 12 -4.61 11.36 -1.09
N PRO A 13 -3.82 12.45 -1.08
CA PRO A 13 -4.24 13.75 -1.60
C PRO A 13 -4.39 13.74 -3.11
N LEU A 14 -4.41 14.93 -3.71
CA LEU A 14 -4.55 15.08 -5.15
C LEU A 14 -3.49 14.24 -5.88
N ASP A 15 -2.43 13.89 -5.16
CA ASP A 15 -1.35 13.09 -5.75
C ASP A 15 -1.63 11.61 -5.57
N VAL A 16 -2.90 11.26 -5.42
CA VAL A 16 -3.31 9.87 -5.25
C VAL A 16 -3.28 9.13 -6.59
N GLN A 17 -2.16 8.46 -6.85
CA GLN A 17 -2.01 7.70 -8.10
C GLN A 17 -1.13 6.47 -7.88
N GLU A 18 -1.08 5.61 -8.89
CA GLU A 18 -0.28 4.40 -8.81
C GLU A 18 1.22 4.73 -8.82
N SER A 19 1.56 5.87 -9.38
CA SER A 19 2.95 6.31 -9.47
C SER A 19 3.60 6.27 -8.10
N GLU A 20 2.95 6.88 -7.11
CA GLU A 20 3.47 6.92 -5.75
C GLU A 20 3.45 5.53 -5.11
N LEU A 21 2.36 4.79 -5.39
CA LEU A 21 2.21 3.44 -4.84
C LEU A 21 3.36 2.55 -5.28
N ASN A 22 3.75 2.67 -6.54
CA ASN A 22 4.85 1.86 -7.09
C ASN A 22 6.20 2.38 -6.60
N GLU A 23 6.31 3.70 -6.50
CA GLU A 23 7.55 4.33 -6.04
C GLU A 23 7.77 4.10 -4.55
N ILE A 24 6.68 3.77 -3.85
CA ILE A 24 6.74 3.53 -2.42
C ILE A 24 6.79 2.03 -2.12
N PHE A 25 5.81 1.30 -2.64
CA PHE A 25 5.73 -0.14 -2.42
C PHE A 25 6.64 -0.89 -3.40
N GLY A 26 7.31 -0.13 -4.26
CA GLY A 26 8.21 -0.73 -5.23
C GLY A 26 9.25 -1.63 -4.58
N PRO A 27 10.07 -1.04 -3.72
CA PRO A 27 11.13 -1.77 -3.01
C PRO A 27 10.57 -2.75 -1.98
N PHE A 28 9.78 -3.70 -2.45
CA PHE A 28 9.17 -4.69 -1.56
C PHE A 28 8.95 -6.00 -2.31
N GLY A 29 8.46 -5.90 -3.54
CA GLY A 29 8.20 -7.10 -4.34
C GLY A 29 7.34 -6.80 -5.55
N PRO A 30 7.12 -7.82 -6.39
CA PRO A 30 6.31 -7.70 -7.59
C PRO A 30 4.82 -7.51 -7.28
N MET A 31 4.39 -6.25 -7.24
CA MET A 31 3.00 -5.93 -6.96
C MET A 31 2.07 -6.53 -8.01
N LYS A 32 1.31 -7.55 -7.62
CA LYS A 32 0.39 -8.21 -8.53
C LYS A 32 -0.64 -7.22 -9.07
N GLU A 33 -0.99 -6.24 -8.26
CA GLU A 33 -1.97 -5.22 -8.66
C GLU A 33 -1.99 -4.06 -7.67
N VAL A 34 -2.55 -2.93 -8.11
CA VAL A 34 -2.63 -1.75 -7.26
C VAL A 34 -3.88 -0.94 -7.56
N LYS A 35 -4.57 -0.50 -6.52
CA LYS A 35 -5.79 0.29 -6.68
C LYS A 35 -5.68 1.62 -5.93
N ILE A 36 -6.08 2.70 -6.59
CA ILE A 36 -6.03 4.03 -5.99
C ILE A 36 -7.33 4.79 -6.22
N LEU A 37 -8.10 4.96 -5.16
CA LEU A 37 -9.37 5.67 -5.25
C LEU A 37 -9.42 6.82 -4.25
N ASN A 38 -10.13 7.89 -4.62
CA ASN A 38 -10.25 9.07 -3.76
C ASN A 38 -10.97 8.71 -2.47
N GLY A 39 -10.20 8.32 -1.45
CA GLY A 39 -10.78 7.97 -0.17
C GLY A 39 -10.14 6.73 0.43
N PHE A 40 -9.50 5.92 -0.41
CA PHE A 40 -8.85 4.71 0.05
C PHE A 40 -7.97 4.12 -1.05
N ALA A 41 -6.91 3.41 -0.63
CA ALA A 41 -5.99 2.80 -1.58
C ALA A 41 -5.75 1.34 -1.24
N PHE A 42 -5.47 0.53 -2.26
CA PHE A 42 -5.22 -0.90 -2.07
C PHE A 42 -4.00 -1.34 -2.86
N VAL A 43 -3.29 -2.34 -2.34
CA VAL A 43 -2.10 -2.86 -3.00
C VAL A 43 -1.99 -4.37 -2.83
N GLU A 44 -2.14 -5.10 -3.92
CA GLU A 44 -2.06 -6.56 -3.89
C GLU A 44 -0.72 -7.05 -4.41
N PHE A 45 0.10 -7.57 -3.51
CA PHE A 45 1.43 -8.07 -3.88
C PHE A 45 1.34 -9.49 -4.43
N GLU A 46 2.26 -9.82 -5.33
CA GLU A 46 2.28 -11.14 -5.94
C GLU A 46 2.89 -12.18 -4.99
N GLU A 47 3.30 -11.72 -3.81
CA GLU A 47 3.91 -12.59 -2.82
C GLU A 47 3.45 -12.21 -1.41
N ALA A 48 2.92 -13.19 -0.68
CA ALA A 48 2.44 -12.96 0.68
C ALA A 48 3.51 -12.27 1.53
N GLU A 49 4.74 -12.75 1.41
CA GLU A 49 5.85 -12.18 2.16
C GLU A 49 5.97 -10.68 1.90
N SER A 50 6.03 -10.32 0.62
CA SER A 50 6.15 -8.92 0.22
C SER A 50 5.04 -8.08 0.84
N ALA A 51 3.83 -8.64 0.87
CA ALA A 51 2.68 -7.94 1.43
C ALA A 51 2.81 -7.81 2.95
N ALA A 52 3.03 -8.93 3.63
CA ALA A 52 3.17 -8.93 5.08
C ALA A 52 4.26 -7.95 5.52
N LYS A 53 5.28 -7.78 4.68
CA LYS A 53 6.37 -6.87 5.00
C LYS A 53 5.95 -5.42 4.79
N ALA A 54 5.44 -5.11 3.59
CA ALA A 54 5.01 -3.77 3.26
C ALA A 54 4.02 -3.25 4.31
N ILE A 55 3.22 -4.15 4.87
CA ILE A 55 2.24 -3.78 5.87
C ILE A 55 2.92 -3.28 7.15
N GLU A 56 4.03 -3.92 7.50
CA GLU A 56 4.78 -3.53 8.70
C GLU A 56 5.82 -2.47 8.37
N GLU A 57 6.06 -2.26 7.08
CA GLU A 57 7.04 -1.29 6.64
C GLU A 57 6.37 0.06 6.33
N VAL A 58 5.56 0.08 5.28
CA VAL A 58 4.86 1.30 4.88
C VAL A 58 4.10 1.90 6.05
N HIS A 59 3.62 1.05 6.94
CA HIS A 59 2.87 1.50 8.11
C HIS A 59 3.73 2.41 8.99
N GLY A 60 3.27 3.63 9.19
CA GLY A 60 4.00 4.58 10.01
C GLY A 60 4.94 5.44 9.18
N LYS A 61 4.85 5.32 7.86
CA LYS A 61 5.70 6.09 6.97
C LYS A 61 5.22 7.53 6.86
N SER A 62 5.87 8.32 6.01
CA SER A 62 5.51 9.72 5.83
C SER A 62 5.25 10.03 4.36
N PHE A 63 4.28 10.90 4.11
CA PHE A 63 3.93 11.28 2.75
C PHE A 63 2.93 12.43 2.74
N ALA A 64 3.12 13.37 1.80
CA ALA A 64 2.23 14.53 1.70
C ALA A 64 2.15 15.28 3.02
N ASN A 65 3.26 15.34 3.74
CA ASN A 65 3.31 16.03 5.02
C ASN A 65 2.32 15.40 6.00
N GLN A 66 2.13 14.09 5.89
CA GLN A 66 1.21 13.38 6.77
C GLN A 66 1.64 11.93 6.94
N PRO A 67 1.35 11.35 8.13
CA PRO A 67 1.71 9.97 8.44
C PRO A 67 0.87 8.97 7.63
N LEU A 68 1.55 7.99 7.05
CA LEU A 68 0.88 6.96 6.25
C LEU A 68 0.44 5.79 7.12
N GLU A 69 -0.47 4.98 6.60
CA GLU A 69 -0.97 3.82 7.33
C GLU A 69 -1.42 2.72 6.37
N VAL A 70 -0.92 1.51 6.60
CA VAL A 70 -1.27 0.38 5.76
C VAL A 70 -1.56 -0.86 6.60
N VAL A 71 -2.61 -1.59 6.25
CA VAL A 71 -3.00 -2.79 6.96
C VAL A 71 -3.37 -3.91 6.00
N TYR A 72 -3.58 -5.11 6.54
CA TYR A 72 -3.93 -6.27 5.73
C TYR A 72 -5.36 -6.14 5.19
N SER A 73 -5.48 -5.75 3.93
CA SER A 73 -6.79 -5.58 3.30
C SER A 73 -7.54 -6.91 3.26
N LYS A 74 -8.75 -6.92 3.81
CA LYS A 74 -9.56 -8.12 3.83
C LYS A 74 -9.80 -8.65 2.42
N GLU A 1 -9.08 -13.79 9.11
CA GLU A 1 -9.72 -12.56 8.68
C GLU A 1 -8.90 -11.86 7.60
N LEU A 2 -7.65 -11.57 7.91
CA LEU A 2 -6.76 -10.90 6.97
C LEU A 2 -6.63 -11.70 5.68
N SER A 3 -6.00 -11.10 4.68
CA SER A 3 -5.81 -11.76 3.38
C SER A 3 -4.36 -12.20 3.21
N ASN A 4 -4.10 -12.94 2.14
CA ASN A 4 -2.76 -13.43 1.85
C ASN A 4 -1.96 -12.40 1.06
N THR A 5 -2.65 -11.69 0.17
CA THR A 5 -2.02 -10.67 -0.65
C THR A 5 -2.95 -9.48 -0.87
N ARG A 6 -2.84 -8.49 0.00
CA ARG A 6 -3.67 -7.30 -0.09
C ARG A 6 -3.36 -6.32 1.04
N LEU A 7 -2.98 -5.10 0.67
CA LEU A 7 -2.65 -4.08 1.64
C LEU A 7 -3.47 -2.82 1.41
N PHE A 8 -4.23 -2.41 2.43
CA PHE A 8 -5.07 -1.23 2.33
C PHE A 8 -4.34 0.00 2.89
N VAL A 9 -4.16 1.01 2.03
CA VAL A 9 -3.48 2.23 2.43
C VAL A 9 -4.48 3.35 2.71
N ARG A 10 -4.00 4.40 3.38
CA ARG A 10 -4.85 5.54 3.71
C ARG A 10 -5.12 6.39 2.47
N PRO A 11 -6.09 7.31 2.60
CA PRO A 11 -6.47 8.21 1.51
C PRO A 11 -5.38 9.24 1.20
N PHE A 12 -4.91 9.25 -0.03
CA PHE A 12 -3.87 10.20 -0.44
C PHE A 12 -4.49 11.46 -1.04
N PRO A 13 -3.71 12.55 -1.06
CA PRO A 13 -4.16 13.84 -1.60
C PRO A 13 -4.31 13.80 -3.11
N LEU A 14 -4.32 14.98 -3.73
CA LEU A 14 -4.45 15.09 -5.18
C LEU A 14 -3.41 14.22 -5.89
N ASP A 15 -2.34 13.89 -5.18
CA ASP A 15 -1.28 13.06 -5.74
C ASP A 15 -1.59 11.58 -5.54
N VAL A 16 -2.86 11.26 -5.35
CA VAL A 16 -3.28 9.88 -5.15
C VAL A 16 -3.30 9.12 -6.47
N GLN A 17 -2.19 8.46 -6.79
CA GLN A 17 -2.08 7.69 -8.02
C GLN A 17 -1.12 6.51 -7.84
N GLU A 18 -1.29 5.49 -8.67
CA GLU A 18 -0.44 4.30 -8.60
C GLU A 18 1.03 4.68 -8.70
N SER A 19 1.29 5.87 -9.24
CA SER A 19 2.66 6.35 -9.40
C SER A 19 3.39 6.37 -8.06
N GLU A 20 2.77 7.01 -7.06
CA GLU A 20 3.37 7.09 -5.74
C GLU A 20 3.34 5.73 -5.04
N LEU A 21 2.22 5.02 -5.18
CA LEU A 21 2.07 3.70 -4.57
C LEU A 21 3.07 2.71 -5.15
N ASN A 22 3.45 2.93 -6.41
CA ASN A 22 4.40 2.05 -7.08
C ASN A 22 5.83 2.36 -6.65
N GLU A 23 6.15 3.65 -6.58
CA GLU A 23 7.48 4.09 -6.18
C GLU A 23 7.70 3.87 -4.68
N ILE A 24 6.61 3.75 -3.95
CA ILE A 24 6.69 3.54 -2.50
C ILE A 24 6.73 2.04 -2.17
N PHE A 25 5.77 1.30 -2.71
CA PHE A 25 5.70 -0.14 -2.46
C PHE A 25 6.59 -0.90 -3.45
N GLY A 26 7.20 -0.16 -4.37
CA GLY A 26 8.08 -0.78 -5.35
C GLY A 26 9.15 -1.64 -4.72
N PRO A 27 9.99 -1.01 -3.88
CA PRO A 27 11.08 -1.72 -3.19
C PRO A 27 10.58 -2.67 -2.12
N PHE A 28 9.78 -3.65 -2.54
CA PHE A 28 9.23 -4.64 -1.62
C PHE A 28 9.01 -5.97 -2.32
N GLY A 29 8.50 -5.92 -3.55
CA GLY A 29 8.24 -7.13 -4.30
C GLY A 29 7.39 -6.88 -5.52
N PRO A 30 7.17 -7.94 -6.33
CA PRO A 30 6.37 -7.85 -7.55
C PRO A 30 4.88 -7.64 -7.25
N MET A 31 4.44 -6.39 -7.30
CA MET A 31 3.05 -6.05 -7.04
C MET A 31 2.13 -6.70 -8.07
N LYS A 32 1.36 -7.69 -7.64
CA LYS A 32 0.45 -8.39 -8.54
C LYS A 32 -0.63 -7.45 -9.05
N GLU A 33 -0.97 -6.44 -8.25
CA GLU A 33 -1.99 -5.46 -8.63
C GLU A 33 -1.99 -4.28 -7.67
N VAL A 34 -2.66 -3.20 -8.08
CA VAL A 34 -2.76 -2.01 -7.25
C VAL A 34 -4.01 -1.22 -7.55
N LYS A 35 -4.71 -0.79 -6.51
CA LYS A 35 -5.94 -0.01 -6.67
C LYS A 35 -5.80 1.37 -6.04
N ILE A 36 -6.18 2.40 -6.79
CA ILE A 36 -6.11 3.77 -6.30
C ILE A 36 -7.45 4.49 -6.44
N LEU A 37 -8.10 4.72 -5.30
CA LEU A 37 -9.40 5.40 -5.30
C LEU A 37 -9.37 6.62 -4.39
N ASN A 38 -10.11 7.65 -4.78
CA ASN A 38 -10.17 8.89 -4.00
C ASN A 38 -10.82 8.65 -2.64
N GLY A 39 -10.00 8.33 -1.64
CA GLY A 39 -10.51 8.08 -0.31
C GLY A 39 -9.92 6.84 0.31
N PHE A 40 -9.29 6.00 -0.51
CA PHE A 40 -8.68 4.77 -0.03
C PHE A 40 -7.78 4.15 -1.10
N ALA A 41 -6.70 3.53 -0.66
CA ALA A 41 -5.76 2.90 -1.58
C ALA A 41 -5.59 1.42 -1.26
N PHE A 42 -5.21 0.63 -2.27
CA PHE A 42 -5.01 -0.80 -2.08
C PHE A 42 -3.84 -1.29 -2.93
N VAL A 43 -3.13 -2.29 -2.42
CA VAL A 43 -1.99 -2.87 -3.12
C VAL A 43 -1.90 -4.37 -2.91
N GLU A 44 -2.05 -5.14 -3.98
CA GLU A 44 -1.99 -6.59 -3.91
C GLU A 44 -0.64 -7.09 -4.42
N PHE A 45 0.17 -7.60 -3.49
CA PHE A 45 1.48 -8.12 -3.84
C PHE A 45 1.38 -9.55 -4.39
N GLU A 46 2.31 -9.91 -5.26
CA GLU A 46 2.33 -11.25 -5.85
C GLU A 46 2.91 -12.26 -4.88
N GLU A 47 3.32 -11.79 -3.70
CA GLU A 47 3.90 -12.66 -2.69
C GLU A 47 3.44 -12.25 -1.29
N ALA A 48 2.88 -13.21 -0.55
CA ALA A 48 2.39 -12.95 0.79
C ALA A 48 3.46 -12.27 1.64
N GLU A 49 4.69 -12.76 1.54
CA GLU A 49 5.80 -12.20 2.30
C GLU A 49 5.96 -10.71 2.00
N SER A 50 6.01 -10.37 0.72
CA SER A 50 6.17 -8.99 0.30
C SER A 50 5.08 -8.11 0.89
N ALA A 51 3.86 -8.62 0.88
CA ALA A 51 2.71 -7.88 1.42
C ALA A 51 2.83 -7.73 2.94
N ALA A 52 3.01 -8.85 3.63
CA ALA A 52 3.14 -8.84 5.08
C ALA A 52 4.23 -7.88 5.53
N LYS A 53 5.28 -7.75 4.71
CA LYS A 53 6.39 -6.86 5.03
C LYS A 53 6.00 -5.40 4.80
N ALA A 54 5.54 -5.11 3.59
CA ALA A 54 5.13 -3.75 3.23
C ALA A 54 4.15 -3.19 4.26
N ILE A 55 3.32 -4.07 4.81
CA ILE A 55 2.33 -3.66 5.81
C ILE A 55 3.01 -3.13 7.07
N GLU A 56 4.11 -3.78 7.46
CA GLU A 56 4.84 -3.37 8.65
C GLU A 56 5.90 -2.34 8.30
N GLU A 57 6.17 -2.18 7.01
CA GLU A 57 7.17 -1.23 6.54
C GLU A 57 6.53 0.13 6.25
N VAL A 58 5.66 0.16 5.25
CA VAL A 58 4.98 1.39 4.87
C VAL A 58 4.25 2.01 6.06
N HIS A 59 3.73 1.16 6.94
CA HIS A 59 3.01 1.61 8.12
C HIS A 59 3.91 2.47 9.00
N GLY A 60 3.50 3.72 9.22
CA GLY A 60 4.29 4.62 10.05
C GLY A 60 5.19 5.53 9.22
N LYS A 61 5.07 5.44 7.90
CA LYS A 61 5.89 6.24 6.99
C LYS A 61 5.35 7.67 6.91
N SER A 62 5.98 8.49 6.08
CA SER A 62 5.57 9.88 5.91
C SER A 62 5.26 10.17 4.44
N PHE A 63 4.24 10.99 4.21
CA PHE A 63 3.84 11.36 2.86
C PHE A 63 2.78 12.45 2.88
N ALA A 64 2.96 13.46 2.03
CA ALA A 64 2.03 14.57 1.96
C ALA A 64 1.88 15.27 3.31
N ASN A 65 2.99 15.37 4.04
CA ASN A 65 3.00 16.02 5.34
C ASN A 65 2.03 15.32 6.30
N GLN A 66 1.89 14.01 6.13
CA GLN A 66 1.00 13.22 6.98
C GLN A 66 1.50 11.79 7.12
N PRO A 67 1.25 11.18 8.29
CA PRO A 67 1.67 9.81 8.58
C PRO A 67 0.88 8.78 7.77
N LEU A 68 1.61 7.92 7.06
CA LEU A 68 0.97 6.89 6.23
C LEU A 68 0.56 5.70 7.09
N GLU A 69 -0.44 4.96 6.61
CA GLU A 69 -0.94 3.80 7.34
C GLU A 69 -1.36 2.70 6.37
N VAL A 70 -0.83 1.49 6.58
CA VAL A 70 -1.16 0.35 5.72
C VAL A 70 -1.48 -0.89 6.55
N VAL A 71 -2.55 -1.57 6.19
CA VAL A 71 -2.96 -2.78 6.90
C VAL A 71 -3.38 -3.87 5.93
N TYR A 72 -3.61 -5.07 6.45
CA TYR A 72 -4.02 -6.21 5.63
C TYR A 72 -5.47 -6.05 5.17
N SER A 73 -5.65 -5.61 3.94
CA SER A 73 -6.99 -5.42 3.38
C SER A 73 -7.78 -6.73 3.40
N LYS A 74 -8.95 -6.69 3.99
CA LYS A 74 -9.81 -7.87 4.08
C LYS A 74 -10.12 -8.42 2.69
N GLU A 1 -9.15 -13.47 9.24
CA GLU A 1 -9.74 -12.19 8.88
C GLU A 1 -8.91 -11.47 7.82
N LEU A 2 -7.59 -11.56 7.97
CA LEU A 2 -6.68 -10.92 7.02
C LEU A 2 -6.58 -11.72 5.73
N SER A 3 -5.87 -11.16 4.74
CA SER A 3 -5.70 -11.83 3.45
C SER A 3 -4.26 -12.25 3.26
N ASN A 4 -3.99 -12.96 2.16
CA ASN A 4 -2.65 -13.43 1.85
C ASN A 4 -1.87 -12.38 1.07
N THR A 5 -2.57 -11.68 0.18
CA THR A 5 -1.94 -10.64 -0.63
C THR A 5 -2.89 -9.47 -0.86
N ARG A 6 -2.84 -8.49 0.04
CA ARG A 6 -3.70 -7.32 -0.07
C ARG A 6 -3.45 -6.37 1.09
N LEU A 7 -3.00 -5.15 0.78
CA LEU A 7 -2.72 -4.15 1.80
C LEU A 7 -3.54 -2.89 1.54
N PHE A 8 -4.32 -2.48 2.55
CA PHE A 8 -5.14 -1.28 2.44
C PHE A 8 -4.41 -0.06 2.98
N VAL A 9 -4.26 0.95 2.14
CA VAL A 9 -3.57 2.18 2.52
C VAL A 9 -4.56 3.30 2.80
N ARG A 10 -4.10 4.36 3.44
CA ARG A 10 -4.95 5.50 3.77
C ARG A 10 -5.22 6.33 2.52
N PRO A 11 -6.21 7.24 2.62
CA PRO A 11 -6.59 8.12 1.51
C PRO A 11 -5.53 9.17 1.22
N PHE A 12 -5.05 9.20 -0.02
CA PHE A 12 -4.04 10.16 -0.43
C PHE A 12 -4.67 11.41 -1.04
N PRO A 13 -3.93 12.52 -1.02
CA PRO A 13 -4.41 13.79 -1.56
C PRO A 13 -4.52 13.77 -3.08
N LEU A 14 -4.56 14.97 -3.68
CA LEU A 14 -4.67 15.08 -5.13
C LEU A 14 -3.59 14.26 -5.83
N ASP A 15 -2.52 13.96 -5.09
CA ASP A 15 -1.42 13.18 -5.64
C ASP A 15 -1.68 11.68 -5.48
N VAL A 16 -2.95 11.32 -5.34
CA VAL A 16 -3.33 9.92 -5.17
C VAL A 16 -3.28 9.18 -6.51
N GLN A 17 -2.15 8.53 -6.77
CA GLN A 17 -1.97 7.78 -8.02
C GLN A 17 -1.08 6.57 -7.80
N GLU A 18 -1.02 5.69 -8.79
CA GLU A 18 -0.20 4.50 -8.71
C GLU A 18 1.29 4.84 -8.73
N SER A 19 1.60 6.02 -9.27
CA SER A 19 2.98 6.48 -9.35
C SER A 19 3.66 6.42 -7.99
N GLU A 20 3.00 7.00 -6.99
CA GLU A 20 3.54 7.03 -5.63
C GLU A 20 3.52 5.62 -5.02
N LEU A 21 2.46 4.87 -5.30
CA LEU A 21 2.32 3.52 -4.79
C LEU A 21 3.43 2.62 -5.30
N ASN A 22 3.83 2.82 -6.55
CA ASN A 22 4.89 2.03 -7.16
C ASN A 22 6.26 2.45 -6.63
N GLU A 23 6.45 3.76 -6.50
CA GLU A 23 7.71 4.30 -6.01
C GLU A 23 7.86 4.04 -4.51
N ILE A 24 6.74 3.77 -3.85
CA ILE A 24 6.75 3.51 -2.41
C ILE A 24 6.79 2.01 -2.12
N PHE A 25 5.79 1.29 -2.66
CA PHE A 25 5.72 -0.15 -2.45
C PHE A 25 6.62 -0.89 -3.44
N GLY A 26 7.31 -0.13 -4.30
CA GLY A 26 8.20 -0.72 -5.27
C GLY A 26 9.26 -1.59 -4.63
N PRO A 27 10.08 -0.99 -3.76
CA PRO A 27 11.15 -1.71 -3.06
C PRO A 27 10.62 -2.69 -2.02
N PHE A 28 9.83 -3.64 -2.48
CA PHE A 28 9.26 -4.65 -1.58
C PHE A 28 9.04 -5.97 -2.31
N GLY A 29 8.54 -5.89 -3.54
CA GLY A 29 8.30 -7.09 -4.32
C GLY A 29 7.41 -6.83 -5.52
N PRO A 30 7.19 -7.87 -6.34
CA PRO A 30 6.36 -7.79 -7.54
C PRO A 30 4.88 -7.58 -7.21
N MET A 31 4.41 -6.35 -7.35
CA MET A 31 3.01 -6.03 -7.08
C MET A 31 2.09 -6.70 -8.09
N LYS A 32 1.29 -7.65 -7.61
CA LYS A 32 0.35 -8.36 -8.48
C LYS A 32 -0.72 -7.42 -9.02
N GLU A 33 -1.07 -6.42 -8.22
CA GLU A 33 -2.09 -5.45 -8.61
C GLU A 33 -2.05 -4.21 -7.71
N VAL A 34 -2.65 -3.13 -8.18
CA VAL A 34 -2.68 -1.89 -7.41
C VAL A 34 -4.00 -1.15 -7.64
N LYS A 35 -4.46 -0.46 -6.59
CA LYS A 35 -5.70 0.29 -6.67
C LYS A 35 -5.58 1.61 -5.91
N ILE A 36 -5.99 2.70 -6.56
CA ILE A 36 -5.93 4.03 -5.96
C ILE A 36 -7.22 4.80 -6.20
N LEU A 37 -8.00 4.97 -5.14
CA LEU A 37 -9.27 5.70 -5.24
C LEU A 37 -9.30 6.85 -4.24
N ASN A 38 -9.99 7.92 -4.60
CA ASN A 38 -10.11 9.10 -3.76
C ASN A 38 -10.86 8.76 -2.47
N GLY A 39 -10.12 8.32 -1.45
CA GLY A 39 -10.73 7.97 -0.18
C GLY A 39 -10.12 6.72 0.43
N PHE A 40 -9.45 5.92 -0.39
CA PHE A 40 -8.82 4.69 0.08
C PHE A 40 -7.91 4.11 -0.99
N ALA A 41 -6.87 3.41 -0.56
CA ALA A 41 -5.93 2.79 -1.48
C ALA A 41 -5.74 1.30 -1.17
N PHE A 42 -5.42 0.52 -2.19
CA PHE A 42 -5.22 -0.91 -2.01
C PHE A 42 -4.07 -1.40 -2.90
N VAL A 43 -3.28 -2.33 -2.36
CA VAL A 43 -2.15 -2.88 -3.09
C VAL A 43 -2.03 -4.39 -2.85
N GLU A 44 -2.12 -5.16 -3.94
CA GLU A 44 -2.03 -6.61 -3.85
C GLU A 44 -0.68 -7.10 -4.40
N PHE A 45 0.17 -7.58 -3.50
CA PHE A 45 1.49 -8.08 -3.89
C PHE A 45 1.39 -9.50 -4.46
N GLU A 46 2.31 -9.85 -5.34
CA GLU A 46 2.33 -11.17 -5.95
C GLU A 46 2.92 -12.20 -5.00
N GLU A 47 3.30 -11.75 -3.80
CA GLU A 47 3.88 -12.64 -2.81
C GLU A 47 3.41 -12.25 -1.41
N ALA A 48 2.86 -13.22 -0.69
CA ALA A 48 2.37 -12.98 0.67
C ALA A 48 3.45 -12.32 1.53
N GLU A 49 4.67 -12.82 1.42
CA GLU A 49 5.79 -12.27 2.20
C GLU A 49 5.94 -10.78 1.94
N SER A 50 6.01 -10.40 0.67
CA SER A 50 6.17 -9.00 0.30
C SER A 50 5.07 -8.15 0.92
N ALA A 51 3.83 -8.64 0.84
CA ALA A 51 2.68 -7.93 1.39
C ALA A 51 2.80 -7.80 2.91
N ALA A 52 2.99 -8.94 3.58
CA ALA A 52 3.12 -8.94 5.03
C ALA A 52 4.20 -7.98 5.49
N LYS A 53 5.24 -7.82 4.68
CA LYS A 53 6.35 -6.93 5.00
C LYS A 53 5.96 -5.47 4.77
N ALA A 54 5.48 -5.17 3.57
CA ALA A 54 5.07 -3.81 3.23
C ALA A 54 4.08 -3.27 4.25
N ILE A 55 3.26 -4.15 4.81
CA ILE A 55 2.28 -3.75 5.80
C ILE A 55 2.95 -3.23 7.07
N GLU A 56 4.05 -3.89 7.47
CA GLU A 56 4.78 -3.49 8.66
C GLU A 56 5.84 -2.44 8.32
N GLU A 57 6.11 -2.29 7.03
CA GLU A 57 7.11 -1.32 6.58
C GLU A 57 6.46 0.03 6.28
N VAL A 58 5.62 0.06 5.26
CA VAL A 58 4.93 1.29 4.87
C VAL A 58 4.22 1.92 6.06
N HIS A 59 3.60 1.08 6.88
CA HIS A 59 2.88 1.55 8.06
C HIS A 59 3.79 2.37 8.96
N GLY A 60 3.43 3.63 9.17
CA GLY A 60 4.23 4.51 10.01
C GLY A 60 5.16 5.40 9.21
N LYS A 61 5.01 5.38 7.89
CA LYS A 61 5.82 6.20 7.01
C LYS A 61 5.23 7.59 6.85
N SER A 62 5.86 8.41 6.01
CA SER A 62 5.40 9.76 5.78
C SER A 62 5.14 10.01 4.29
N PHE A 63 4.15 10.83 4.00
CA PHE A 63 3.79 11.15 2.61
C PHE A 63 2.76 12.27 2.56
N ALA A 64 3.00 13.24 1.68
CA ALA A 64 2.09 14.37 1.54
C ALA A 64 1.94 15.14 2.85
N ASN A 65 3.04 15.25 3.58
CA ASN A 65 3.03 15.96 4.86
C ASN A 65 2.04 15.33 5.83
N GLN A 66 1.91 14.01 5.75
CA GLN A 66 0.99 13.29 6.63
C GLN A 66 1.46 11.86 6.86
N PRO A 67 1.15 11.32 8.04
CA PRO A 67 1.54 9.95 8.42
C PRO A 67 0.78 8.89 7.62
N LEU A 68 1.52 8.00 6.97
CA LEU A 68 0.93 6.94 6.17
C LEU A 68 0.53 5.76 7.05
N GLU A 69 -0.48 5.01 6.60
CA GLU A 69 -0.96 3.85 7.34
C GLU A 69 -1.40 2.75 6.39
N VAL A 70 -0.88 1.54 6.60
CA VAL A 70 -1.21 0.40 5.77
C VAL A 70 -1.50 -0.83 6.62
N VAL A 71 -2.53 -1.58 6.24
CA VAL A 71 -2.91 -2.79 6.97
C VAL A 71 -3.33 -3.90 6.00
N TYR A 72 -3.52 -5.10 6.54
CA TYR A 72 -3.92 -6.24 5.74
C TYR A 72 -5.36 -6.10 5.25
N SER A 73 -5.52 -5.68 3.99
CA SER A 73 -6.85 -5.49 3.42
C SER A 73 -7.64 -6.80 3.44
N LYS A 74 -8.84 -6.74 4.01
CA LYS A 74 -9.70 -7.92 4.09
C LYS A 74 -10.00 -8.48 2.71
N GLU A 1 -9.14 -13.24 9.31
CA GLU A 1 -9.73 -11.97 8.89
C GLU A 1 -8.87 -11.29 7.83
N LEU A 2 -7.55 -11.39 7.99
CA LEU A 2 -6.61 -10.79 7.05
C LEU A 2 -6.53 -11.61 5.78
N SER A 3 -5.89 -11.04 4.75
CA SER A 3 -5.74 -11.72 3.47
C SER A 3 -4.30 -12.19 3.27
N ASN A 4 -4.07 -12.94 2.20
CA ASN A 4 -2.74 -13.44 1.89
C ASN A 4 -1.94 -12.43 1.08
N THR A 5 -2.62 -11.70 0.21
CA THR A 5 -1.97 -10.69 -0.62
C THR A 5 -2.90 -9.50 -0.86
N ARG A 6 -2.78 -8.49 0.01
CA ARG A 6 -3.60 -7.30 -0.11
C ARG A 6 -3.26 -6.29 0.99
N LEU A 7 -2.84 -5.09 0.59
CA LEU A 7 -2.49 -4.05 1.53
C LEU A 7 -3.37 -2.82 1.35
N PHE A 8 -4.10 -2.46 2.40
CA PHE A 8 -4.99 -1.30 2.34
C PHE A 8 -4.28 -0.05 2.88
N VAL A 9 -4.12 0.95 2.02
CA VAL A 9 -3.46 2.19 2.40
C VAL A 9 -4.49 3.29 2.67
N ARG A 10 -4.05 4.35 3.34
CA ARG A 10 -4.92 5.46 3.67
C ARG A 10 -5.17 6.34 2.45
N PRO A 11 -6.12 7.28 2.57
CA PRO A 11 -6.48 8.20 1.48
C PRO A 11 -5.37 9.21 1.19
N PHE A 12 -4.91 9.22 -0.05
CA PHE A 12 -3.85 10.15 -0.46
C PHE A 12 -4.44 11.44 -1.02
N PRO A 13 -3.63 12.50 -1.03
CA PRO A 13 -4.05 13.82 -1.54
C PRO A 13 -4.24 13.82 -3.05
N LEU A 14 -4.24 15.01 -3.65
CA LEU A 14 -4.41 15.14 -5.08
C LEU A 14 -3.40 14.28 -5.84
N ASP A 15 -2.32 13.91 -5.16
CA ASP A 15 -1.28 13.08 -5.76
C ASP A 15 -1.59 11.60 -5.58
N VAL A 16 -2.87 11.30 -5.35
CA VAL A 16 -3.30 9.91 -5.15
C VAL A 16 -3.32 9.15 -6.48
N GLN A 17 -2.21 8.50 -6.80
CA GLN A 17 -2.09 7.74 -8.04
C GLN A 17 -1.13 6.57 -7.88
N GLU A 18 -1.30 5.55 -8.71
CA GLU A 18 -0.45 4.36 -8.65
C GLU A 18 1.02 4.75 -8.76
N SER A 19 1.28 5.94 -9.30
CA SER A 19 2.64 6.42 -9.47
C SER A 19 3.39 6.43 -8.13
N GLU A 20 2.76 7.03 -7.13
CA GLU A 20 3.37 7.10 -5.80
C GLU A 20 3.32 5.75 -5.10
N LEU A 21 2.18 5.08 -5.22
CA LEU A 21 1.99 3.77 -4.60
C LEU A 21 3.01 2.76 -5.13
N ASN A 22 3.35 2.89 -6.41
CA ASN A 22 4.31 2.00 -7.05
C ASN A 22 5.74 2.38 -6.66
N GLU A 23 6.00 3.68 -6.62
CA GLU A 23 7.33 4.17 -6.27
C GLU A 23 7.62 3.96 -4.78
N ILE A 24 6.56 3.77 -4.00
CA ILE A 24 6.70 3.55 -2.57
C ILE A 24 6.70 2.06 -2.24
N PHE A 25 5.70 1.34 -2.73
CA PHE A 25 5.60 -0.09 -2.50
C PHE A 25 6.46 -0.88 -3.48
N GLY A 26 7.09 -0.16 -4.40
CA GLY A 26 7.94 -0.80 -5.38
C GLY A 26 9.00 -1.68 -4.76
N PRO A 27 9.89 -1.05 -3.95
CA PRO A 27 10.97 -1.76 -3.26
C PRO A 27 10.46 -2.68 -2.17
N PHE A 28 9.64 -3.66 -2.55
CA PHE A 28 9.08 -4.61 -1.60
C PHE A 28 8.87 -5.97 -2.25
N GLY A 29 8.37 -5.95 -3.48
CA GLY A 29 8.13 -7.20 -4.19
C GLY A 29 7.30 -6.99 -5.45
N PRO A 30 7.08 -8.08 -6.21
CA PRO A 30 6.31 -8.03 -7.45
C PRO A 30 4.83 -7.79 -7.19
N MET A 31 4.42 -6.53 -7.22
CA MET A 31 3.03 -6.16 -6.99
C MET A 31 2.13 -6.78 -8.05
N LYS A 32 1.32 -7.76 -7.63
CA LYS A 32 0.41 -8.44 -8.55
C LYS A 32 -0.63 -7.46 -9.11
N GLU A 33 -1.00 -6.47 -8.30
CA GLU A 33 -1.98 -5.48 -8.72
C GLU A 33 -1.99 -4.29 -7.76
N VAL A 34 -2.60 -3.19 -8.20
CA VAL A 34 -2.68 -1.99 -7.38
C VAL A 34 -3.94 -1.19 -7.71
N LYS A 35 -4.67 -0.80 -6.66
CA LYS A 35 -5.90 -0.03 -6.84
C LYS A 35 -5.78 1.34 -6.17
N ILE A 36 -6.18 2.38 -6.89
CA ILE A 36 -6.12 3.74 -6.37
C ILE A 36 -7.48 4.42 -6.47
N LEU A 37 -8.11 4.63 -5.33
CA LEU A 37 -9.42 5.29 -5.30
C LEU A 37 -9.39 6.52 -4.39
N ASN A 38 -10.15 7.54 -4.76
CA ASN A 38 -10.21 8.77 -3.98
C ASN A 38 -10.83 8.51 -2.61
N GLY A 39 -9.99 8.28 -1.61
CA GLY A 39 -10.47 8.02 -0.27
C GLY A 39 -9.86 6.77 0.34
N PHE A 40 -9.26 5.94 -0.50
CA PHE A 40 -8.63 4.71 -0.04
C PHE A 40 -7.75 4.10 -1.13
N ALA A 41 -6.67 3.46 -0.71
CA ALA A 41 -5.75 2.83 -1.65
C ALA A 41 -5.56 1.35 -1.34
N PHE A 42 -5.25 0.56 -2.37
CA PHE A 42 -5.06 -0.87 -2.21
C PHE A 42 -3.86 -1.35 -3.02
N VAL A 43 -3.13 -2.32 -2.48
CA VAL A 43 -1.96 -2.87 -3.15
C VAL A 43 -1.84 -4.37 -2.91
N GLU A 44 -2.04 -5.15 -3.97
CA GLU A 44 -1.96 -6.60 -3.87
C GLU A 44 -0.64 -7.11 -4.43
N PHE A 45 0.19 -7.67 -3.55
CA PHE A 45 1.49 -8.19 -3.95
C PHE A 45 1.37 -9.63 -4.45
N GLU A 46 2.27 -10.02 -5.34
CA GLU A 46 2.26 -11.36 -5.89
C GLU A 46 2.87 -12.36 -4.91
N GLU A 47 3.30 -11.86 -3.75
CA GLU A 47 3.89 -12.70 -2.73
C GLU A 47 3.43 -12.29 -1.34
N ALA A 48 2.87 -13.23 -0.60
CA ALA A 48 2.38 -12.98 0.75
C ALA A 48 3.46 -12.31 1.60
N GLU A 49 4.70 -12.76 1.45
CA GLU A 49 5.82 -12.22 2.21
C GLU A 49 5.98 -10.72 1.93
N SER A 50 6.06 -10.38 0.65
CA SER A 50 6.22 -8.99 0.25
C SER A 50 5.11 -8.11 0.83
N ALA A 51 3.91 -8.66 0.89
CA ALA A 51 2.76 -7.94 1.43
C ALA A 51 2.87 -7.81 2.96
N ALA A 52 3.07 -8.93 3.63
CA ALA A 52 3.19 -8.92 5.08
C ALA A 52 4.27 -7.95 5.55
N LYS A 53 5.31 -7.79 4.74
CA LYS A 53 6.40 -6.89 5.06
C LYS A 53 6.00 -5.43 4.82
N ALA A 54 5.55 -5.16 3.60
CA ALA A 54 5.12 -3.81 3.23
C ALA A 54 4.13 -3.25 4.24
N ILE A 55 3.31 -4.13 4.80
CA ILE A 55 2.31 -3.73 5.79
C ILE A 55 2.97 -3.18 7.05
N GLU A 56 4.09 -3.79 7.43
CA GLU A 56 4.82 -3.36 8.63
C GLU A 56 5.89 -2.34 8.27
N GLU A 57 6.14 -2.18 6.97
CA GLU A 57 7.15 -1.24 6.50
C GLU A 57 6.53 0.12 6.21
N VAL A 58 5.56 0.14 5.31
CA VAL A 58 4.88 1.39 4.94
C VAL A 58 4.15 1.98 6.13
N HIS A 59 3.61 1.11 6.97
CA HIS A 59 2.87 1.55 8.16
C HIS A 59 3.77 2.38 9.07
N GLY A 60 3.37 3.63 9.30
CA GLY A 60 4.14 4.51 10.15
C GLY A 60 5.08 5.41 9.36
N LYS A 61 4.95 5.38 8.04
CA LYS A 61 5.80 6.18 7.17
C LYS A 61 5.26 7.60 7.07
N SER A 62 5.90 8.42 6.24
CA SER A 62 5.50 9.80 6.05
C SER A 62 5.21 10.10 4.59
N PHE A 63 4.20 10.94 4.34
CA PHE A 63 3.83 11.30 2.98
C PHE A 63 2.79 12.42 2.99
N ALA A 64 3.01 13.43 2.15
CA ALA A 64 2.10 14.57 2.05
C ALA A 64 2.00 15.30 3.38
N ASN A 65 3.12 15.37 4.10
CA ASN A 65 3.16 16.06 5.39
C ASN A 65 2.18 15.42 6.37
N GLN A 66 2.00 14.10 6.25
CA GLN A 66 1.10 13.37 7.12
C GLN A 66 1.54 11.92 7.26
N PRO A 67 1.24 11.31 8.42
CA PRO A 67 1.60 9.93 8.71
C PRO A 67 0.79 8.93 7.88
N LEU A 68 1.49 8.06 7.17
CA LEU A 68 0.85 7.06 6.33
C LEU A 68 0.35 5.89 7.17
N GLU A 69 -0.58 5.13 6.61
CA GLU A 69 -1.15 3.97 7.30
C GLU A 69 -1.46 2.85 6.33
N VAL A 70 -0.96 1.65 6.64
CA VAL A 70 -1.18 0.49 5.79
C VAL A 70 -1.46 -0.76 6.62
N VAL A 71 -2.48 -1.52 6.22
CA VAL A 71 -2.85 -2.73 6.92
C VAL A 71 -3.25 -3.84 5.95
N TYR A 72 -3.44 -5.05 6.47
CA TYR A 72 -3.82 -6.18 5.65
C TYR A 72 -5.24 -6.03 5.11
N SER A 73 -5.33 -5.60 3.86
CA SER A 73 -6.64 -5.40 3.23
C SER A 73 -7.45 -6.69 3.24
N LYS A 74 -8.67 -6.61 3.77
CA LYS A 74 -9.55 -7.77 3.84
C LYS A 74 -9.95 -8.23 2.45
N GLU A 1 -8.78 -13.78 9.45
CA GLU A 1 -9.46 -12.53 9.12
C GLU A 1 -8.75 -11.80 7.99
N LEU A 2 -7.44 -11.62 8.14
CA LEU A 2 -6.64 -10.93 7.13
C LEU A 2 -6.58 -11.73 5.84
N SER A 3 -5.89 -11.19 4.84
CA SER A 3 -5.75 -11.86 3.56
C SER A 3 -4.30 -12.26 3.31
N ASN A 4 -4.07 -12.95 2.19
CA ASN A 4 -2.73 -13.39 1.84
C ASN A 4 -1.97 -12.31 1.08
N THR A 5 -2.60 -11.77 0.04
CA THR A 5 -2.00 -10.72 -0.77
C THR A 5 -2.96 -9.54 -0.95
N ARG A 6 -2.86 -8.56 -0.06
CA ARG A 6 -3.71 -7.38 -0.12
C ARG A 6 -3.38 -6.41 1.01
N LEU A 7 -3.02 -5.19 0.64
CA LEU A 7 -2.67 -4.16 1.63
C LEU A 7 -3.51 -2.91 1.42
N PHE A 8 -4.24 -2.52 2.46
CA PHE A 8 -5.09 -1.34 2.39
C PHE A 8 -4.36 -0.11 2.92
N VAL A 9 -4.24 0.91 2.09
CA VAL A 9 -3.56 2.14 2.47
C VAL A 9 -4.56 3.26 2.74
N ARG A 10 -4.08 4.33 3.39
CA ARG A 10 -4.93 5.46 3.70
C ARG A 10 -5.22 6.30 2.46
N PRO A 11 -6.21 7.20 2.57
CA PRO A 11 -6.60 8.08 1.45
C PRO A 11 -5.54 9.13 1.16
N PHE A 12 -5.08 9.16 -0.09
CA PHE A 12 -4.06 10.11 -0.51
C PHE A 12 -4.70 11.36 -1.10
N PRO A 13 -3.95 12.47 -1.10
CA PRO A 13 -4.44 13.76 -1.64
C PRO A 13 -4.56 13.74 -3.15
N LEU A 14 -4.62 14.92 -3.75
CA LEU A 14 -4.73 15.04 -5.20
C LEU A 14 -3.65 14.24 -5.90
N ASP A 15 -2.58 13.94 -5.18
CA ASP A 15 -1.46 13.17 -5.73
C ASP A 15 -1.71 11.67 -5.56
N VAL A 16 -2.96 11.29 -5.41
CA VAL A 16 -3.32 9.89 -5.24
C VAL A 16 -3.26 9.13 -6.57
N GLN A 17 -2.11 8.51 -6.83
CA GLN A 17 -1.91 7.75 -8.06
C GLN A 17 -0.99 6.56 -7.82
N GLU A 18 -1.03 5.60 -8.74
CA GLU A 18 -0.19 4.41 -8.63
C GLU A 18 1.29 4.77 -8.66
N SER A 19 1.59 5.96 -9.19
CA SER A 19 2.96 6.43 -9.29
C SER A 19 3.66 6.35 -7.93
N GLU A 20 3.02 6.94 -6.92
CA GLU A 20 3.58 6.95 -5.56
C GLU A 20 3.55 5.54 -4.97
N LEU A 21 2.48 4.81 -5.24
CA LEU A 21 2.33 3.46 -4.72
C LEU A 21 3.44 2.54 -5.25
N ASN A 22 3.83 2.76 -6.50
CA ASN A 22 4.89 1.97 -7.11
C ASN A 22 6.25 2.38 -6.59
N GLU A 23 6.47 3.69 -6.46
CA GLU A 23 7.74 4.21 -5.97
C GLU A 23 7.89 3.96 -4.48
N ILE A 24 6.77 3.70 -3.81
CA ILE A 24 6.78 3.44 -2.38
C ILE A 24 6.82 1.94 -2.08
N PHE A 25 5.83 1.21 -2.62
CA PHE A 25 5.76 -0.23 -2.42
C PHE A 25 6.66 -0.96 -3.40
N GLY A 26 7.35 -0.20 -4.25
CA GLY A 26 8.24 -0.80 -5.22
C GLY A 26 9.30 -1.67 -4.60
N PRO A 27 10.12 -1.07 -3.72
CA PRO A 27 11.21 -1.78 -3.03
C PRO A 27 10.67 -2.76 -2.00
N PHE A 28 9.88 -3.73 -2.45
CA PHE A 28 9.31 -4.72 -1.56
C PHE A 28 9.09 -6.04 -2.29
N GLY A 29 8.59 -5.96 -3.52
CA GLY A 29 8.35 -7.16 -4.31
C GLY A 29 7.49 -6.89 -5.52
N PRO A 30 7.23 -7.94 -6.31
CA PRO A 30 6.39 -7.83 -7.52
C PRO A 30 4.93 -7.59 -7.19
N MET A 31 4.50 -6.34 -7.31
CA MET A 31 3.11 -5.98 -7.04
C MET A 31 2.18 -6.54 -8.10
N LYS A 32 1.37 -7.53 -7.70
CA LYS A 32 0.42 -8.15 -8.61
C LYS A 32 -0.57 -7.13 -9.17
N GLU A 33 -0.89 -6.13 -8.35
CA GLU A 33 -1.82 -5.09 -8.76
C GLU A 33 -1.88 -3.97 -7.72
N VAL A 34 -2.40 -2.82 -8.12
CA VAL A 34 -2.52 -1.67 -7.22
C VAL A 34 -3.74 -0.83 -7.56
N LYS A 35 -4.55 -0.55 -6.55
CA LYS A 35 -5.75 0.25 -6.74
C LYS A 35 -5.66 1.57 -5.97
N ILE A 36 -6.06 2.66 -6.61
CA ILE A 36 -6.01 3.97 -5.99
C ILE A 36 -7.31 4.73 -6.23
N LEU A 37 -8.10 4.90 -5.18
CA LEU A 37 -9.36 5.61 -5.27
C LEU A 37 -9.42 6.77 -4.28
N ASN A 38 -10.12 7.84 -4.65
CA ASN A 38 -10.25 9.02 -3.80
C ASN A 38 -10.97 8.66 -2.50
N GLY A 39 -10.22 8.26 -1.49
CA GLY A 39 -10.80 7.91 -0.22
C GLY A 39 -10.15 6.69 0.41
N PHE A 40 -9.48 5.89 -0.42
CA PHE A 40 -8.80 4.68 0.05
C PHE A 40 -7.88 4.13 -1.02
N ALA A 41 -6.84 3.41 -0.58
CA ALA A 41 -5.88 2.82 -1.51
C ALA A 41 -5.70 1.33 -1.22
N PHE A 42 -5.34 0.58 -2.25
CA PHE A 42 -5.14 -0.86 -2.12
C PHE A 42 -3.90 -1.31 -2.89
N VAL A 43 -3.23 -2.33 -2.38
CA VAL A 43 -2.03 -2.86 -3.02
C VAL A 43 -1.95 -4.38 -2.87
N GLU A 44 -2.06 -5.08 -3.99
CA GLU A 44 -2.00 -6.54 -3.99
C GLU A 44 -0.64 -7.03 -4.48
N PHE A 45 0.16 -7.59 -3.57
CA PHE A 45 1.48 -8.10 -3.92
C PHE A 45 1.39 -9.51 -4.47
N GLU A 46 2.27 -9.83 -5.41
CA GLU A 46 2.30 -11.15 -6.02
C GLU A 46 2.85 -12.20 -5.05
N GLU A 47 3.28 -11.74 -3.88
CA GLU A 47 3.83 -12.62 -2.87
C GLU A 47 3.34 -12.23 -1.47
N ALA A 48 2.73 -13.19 -0.77
CA ALA A 48 2.23 -12.94 0.56
C ALA A 48 3.29 -12.30 1.45
N GLU A 49 4.50 -12.82 1.37
CA GLU A 49 5.61 -12.30 2.18
C GLU A 49 5.80 -10.81 1.92
N SER A 50 5.92 -10.44 0.65
CA SER A 50 6.11 -9.05 0.26
C SER A 50 5.02 -8.16 0.85
N ALA A 51 3.79 -8.68 0.82
CA ALA A 51 2.64 -7.94 1.35
C ALA A 51 2.73 -7.80 2.86
N ALA A 52 2.89 -8.93 3.54
CA ALA A 52 2.99 -8.94 5.00
C ALA A 52 4.08 -8.00 5.49
N LYS A 53 5.13 -7.86 4.69
CA LYS A 53 6.25 -6.98 5.02
C LYS A 53 5.88 -5.52 4.79
N ALA A 54 5.44 -5.22 3.58
CA ALA A 54 5.05 -3.86 3.23
C ALA A 54 4.06 -3.29 4.23
N ILE A 55 3.22 -4.16 4.78
CA ILE A 55 2.22 -3.73 5.76
C ILE A 55 2.88 -3.19 7.02
N GLU A 56 3.95 -3.84 7.45
CA GLU A 56 4.67 -3.42 8.64
C GLU A 56 5.72 -2.35 8.31
N GLU A 57 6.13 -2.32 7.04
CA GLU A 57 7.12 -1.36 6.59
C GLU A 57 6.47 -0.01 6.28
N VAL A 58 5.63 0.01 5.24
CA VAL A 58 4.94 1.22 4.84
C VAL A 58 4.22 1.87 6.03
N HIS A 59 3.77 1.02 6.96
CA HIS A 59 3.06 1.51 8.14
C HIS A 59 3.95 2.42 8.97
N GLY A 60 3.54 3.67 9.11
CA GLY A 60 4.32 4.62 9.88
C GLY A 60 5.17 5.53 9.02
N LYS A 61 5.00 5.40 7.70
CA LYS A 61 5.77 6.20 6.75
C LYS A 61 5.24 7.64 6.70
N SER A 62 5.81 8.44 5.82
CA SER A 62 5.40 9.84 5.68
C SER A 62 5.09 10.17 4.23
N PHE A 63 4.11 11.03 4.02
CA PHE A 63 3.70 11.44 2.67
C PHE A 63 2.71 12.58 2.73
N ALA A 64 2.85 13.53 1.81
CA ALA A 64 1.96 14.68 1.75
C ALA A 64 1.86 15.38 3.10
N ASN A 65 2.98 15.44 3.80
CA ASN A 65 3.03 16.08 5.12
C ASN A 65 2.06 15.40 6.09
N GLN A 66 1.93 14.08 5.95
CA GLN A 66 1.04 13.31 6.81
C GLN A 66 1.53 11.87 6.96
N PRO A 67 1.29 11.29 8.15
CA PRO A 67 1.71 9.91 8.44
C PRO A 67 0.90 8.89 7.65
N LEU A 68 1.59 8.01 6.95
CA LEU A 68 0.95 6.97 6.15
C LEU A 68 0.53 5.79 7.04
N GLU A 69 -0.44 5.02 6.56
CA GLU A 69 -0.94 3.87 7.30
C GLU A 69 -1.36 2.76 6.34
N VAL A 70 -0.87 1.55 6.60
CA VAL A 70 -1.20 0.40 5.77
C VAL A 70 -1.50 -0.83 6.63
N VAL A 71 -2.50 -1.61 6.22
CA VAL A 71 -2.90 -2.80 6.95
C VAL A 71 -3.33 -3.91 5.98
N TYR A 72 -3.55 -5.10 6.52
CA TYR A 72 -3.97 -6.24 5.72
C TYR A 72 -5.41 -6.08 5.27
N SER A 73 -5.60 -5.70 4.01
CA SER A 73 -6.93 -5.51 3.47
C SER A 73 -7.80 -6.74 3.71
N LYS A 74 -8.94 -6.52 4.37
CA LYS A 74 -9.87 -7.60 4.68
C LYS A 74 -10.37 -8.27 3.39
#